data_7W64
#
_entry.id   7W64
#
_cell.length_a   74.883
_cell.length_b   128.555
_cell.length_c   327.242
_cell.angle_alpha   90.000
_cell.angle_beta   90.000
_cell.angle_gamma   90.000
#
_symmetry.space_group_name_H-M   'P 21 21 21'
#
loop_
_entity.id
_entity.type
_entity.pdbx_description
1 polymer 'Toxin-coregulated pilus biosynthesis protein B'
2 polymer TcpF
3 non-polymer 'CALCIUM ION'
4 non-polymer 'CHLORIDE ION'
5 non-polymer 'PENTAETHYLENE GLYCOL'
6 water water
#
loop_
_entity_poly.entity_id
_entity_poly.type
_entity_poly.pdbx_seq_one_letter_code
_entity_poly.pdbx_strand_id
1 'polypeptide(L)'
;GGELMIKSSNAFDVIELSSQIQRYASLSKINNRTNPILKDNKAKEFKDADLKWLKLENCPTAGDVPTTGNNNDLQDQFIA
CDADYRKGDLSYFGSQFEFSTYVHPSNPEIQRQIKQVVSYFQYRGMERAFIGDAAGYVISEAKKKGFSAQDYRIVLIEPD
RVGYFESNAISYEEFIENPSARENFLLKATKDRTLALAVSLAQTGEIAMQRDGSVAFLEDSELCWDTAAGSAKSCLSVRY
DTVGNKTELDLKQIDVVSAKGLSFESDGKTKTPVVSTYETFQDGGRAKTINAIECPTGLNNRFAAVVSSFSTAGQNANFS
SESAKDSQGTTQKDGSKGPHALLSGISLNWTLTNKVWDVTASIGIESGILPTSGIDSGSLLRNPKSLSFIAFQWCEN
;
A,B,C,D,E,F
2 'polypeptide(L)' FNDNYSSTSTVYATS G,H,I,J,K,L
#
loop_
_chem_comp.id
_chem_comp.type
_chem_comp.name
_chem_comp.formula
1PE non-polymer 'PENTAETHYLENE GLYCOL' 'C10 H22 O6'
CA non-polymer 'CALCIUM ION' 'Ca 2'
CL non-polymer 'CHLORIDE ION' 'Cl -1'
#
# COMPACT_ATOMS: atom_id res chain seq x y z
N LYS A 7 25.91 -51.67 -46.57
CA LYS A 7 27.35 -51.48 -46.43
C LYS A 7 27.83 -51.65 -44.97
N SER A 8 28.84 -50.87 -44.59
CA SER A 8 29.30 -50.87 -43.20
C SER A 8 28.45 -50.01 -42.26
N SER A 9 27.17 -49.81 -42.58
CA SER A 9 26.20 -49.12 -41.74
C SER A 9 25.12 -50.06 -41.22
N ASN A 10 25.31 -51.36 -41.43
CA ASN A 10 24.30 -52.36 -41.08
C ASN A 10 24.02 -52.43 -39.59
N ALA A 11 25.06 -52.39 -38.75
CA ALA A 11 24.82 -52.46 -37.31
C ALA A 11 24.08 -51.23 -36.80
N PHE A 12 24.44 -50.05 -37.33
CA PHE A 12 23.69 -48.83 -37.02
C PHE A 12 22.23 -48.94 -37.44
N ASP A 13 21.98 -49.40 -38.67
CA ASP A 13 20.61 -49.50 -39.19
C ASP A 13 19.77 -50.45 -38.36
N VAL A 14 20.35 -51.57 -37.91
CA VAL A 14 19.58 -52.53 -37.13
C VAL A 14 19.07 -51.90 -35.86
N ILE A 15 19.91 -51.16 -35.15
CA ILE A 15 19.49 -50.54 -33.90
C ILE A 15 18.61 -49.33 -34.16
N GLU A 16 18.96 -48.53 -35.17
CA GLU A 16 18.12 -47.40 -35.53
C GLU A 16 16.68 -47.83 -35.80
N LEU A 17 16.51 -48.82 -36.68
CA LEU A 17 15.16 -49.28 -37.02
C LEU A 17 14.47 -49.89 -35.82
N SER A 18 15.19 -50.66 -35.01
CA SER A 18 14.56 -51.29 -33.86
C SER A 18 14.13 -50.27 -32.82
N SER A 19 14.95 -49.23 -32.63
CA SER A 19 14.63 -48.20 -31.64
C SER A 19 13.43 -47.35 -32.06
N GLN A 20 13.29 -47.08 -33.36
CA GLN A 20 12.12 -46.37 -33.86
C GLN A 20 10.86 -47.22 -33.74
N ILE A 21 10.98 -48.53 -34.03
CA ILE A 21 9.85 -49.43 -33.85
C ILE A 21 9.44 -49.49 -32.38
N GLN A 22 10.42 -49.45 -31.47
CA GLN A 22 10.08 -49.47 -30.05
C GLN A 22 9.35 -48.20 -29.64
N ARG A 23 9.77 -47.04 -30.16
CA ARG A 23 9.09 -45.77 -29.87
C ARG A 23 7.65 -45.80 -30.38
N TYR A 24 7.46 -46.23 -31.62
CA TYR A 24 6.12 -46.44 -32.16
C TYR A 24 5.28 -47.27 -31.20
N ALA A 25 5.86 -48.35 -30.68
CA ALA A 25 5.12 -49.22 -29.76
C ALA A 25 4.83 -48.56 -28.41
N SER A 26 5.54 -47.51 -28.06
CA SER A 26 5.32 -46.89 -26.75
C SER A 26 4.34 -45.73 -26.78
N LEU A 27 3.90 -45.31 -27.97
CA LEU A 27 2.98 -44.18 -28.16
C LEU A 27 1.60 -44.70 -28.49
N SER A 28 0.58 -44.13 -27.84
CA SER A 28 -0.80 -44.37 -28.23
C SER A 28 -1.25 -43.49 -29.39
N LYS A 29 -0.60 -42.35 -29.58
CA LYS A 29 -0.96 -41.41 -30.63
C LYS A 29 0.28 -40.95 -31.37
N ILE A 30 0.15 -40.75 -32.68
CA ILE A 30 1.21 -40.22 -33.53
C ILE A 30 0.64 -39.05 -34.33
N ASN A 31 1.19 -37.86 -34.12
CA ASN A 31 0.72 -36.64 -34.80
C ASN A 31 -0.78 -36.44 -34.64
N ASN A 32 -1.26 -36.54 -33.39
CA ASN A 32 -2.63 -36.22 -32.98
C ASN A 32 -3.67 -37.21 -33.48
N ARG A 33 -3.28 -38.39 -33.96
CA ARG A 33 -4.24 -39.39 -34.40
C ARG A 33 -3.90 -40.72 -33.75
N THR A 34 -4.92 -41.53 -33.51
CA THR A 34 -4.75 -42.82 -32.84
C THR A 34 -3.75 -43.68 -33.59
N ASN A 35 -2.88 -44.37 -32.83
CA ASN A 35 -1.91 -45.32 -33.37
C ASN A 35 -2.58 -46.43 -34.16
N PRO A 36 -2.43 -46.48 -35.50
CA PRO A 36 -3.16 -47.46 -36.30
C PRO A 36 -3.04 -48.89 -35.81
N ILE A 37 -1.91 -49.27 -35.22
CA ILE A 37 -1.68 -50.65 -34.78
C ILE A 37 -2.54 -51.00 -33.57
N LEU A 38 -3.08 -50.02 -32.86
CA LEU A 38 -3.86 -50.29 -31.67
C LEU A 38 -5.35 -50.47 -31.94
N LYS A 39 -5.80 -50.25 -33.18
CA LYS A 39 -7.22 -50.14 -33.48
C LYS A 39 -7.95 -51.48 -33.49
N ASP A 40 -7.26 -52.61 -33.47
CA ASP A 40 -7.87 -53.94 -33.45
C ASP A 40 -7.68 -54.56 -32.07
N ASN A 41 -8.14 -55.81 -31.91
CA ASN A 41 -8.04 -56.52 -30.63
C ASN A 41 -7.42 -57.91 -30.79
N LYS A 42 -6.80 -58.22 -31.92
CA LYS A 42 -6.17 -59.52 -32.07
C LYS A 42 -4.95 -59.59 -31.14
N ALA A 43 -4.69 -60.78 -30.60
CA ALA A 43 -3.63 -60.89 -29.60
C ALA A 43 -2.23 -60.88 -30.18
N LYS A 44 -2.06 -61.14 -31.48
CA LYS A 44 -0.75 -61.09 -32.14
C LYS A 44 -0.91 -60.57 -33.55
N GLU A 45 0.09 -59.81 -34.01
CA GLU A 45 0.12 -59.35 -35.40
C GLU A 45 1.56 -59.17 -35.85
N PHE A 46 1.80 -59.48 -37.12
CA PHE A 46 3.11 -59.38 -37.75
C PHE A 46 3.09 -58.28 -38.80
N LYS A 47 4.09 -57.40 -38.76
CA LYS A 47 4.18 -56.26 -39.66
C LYS A 47 5.20 -56.51 -40.77
N ASP A 48 4.84 -56.08 -41.97
CA ASP A 48 5.55 -56.47 -43.18
C ASP A 48 6.98 -55.96 -43.17
N ALA A 49 7.84 -56.65 -43.91
CA ALA A 49 9.25 -56.28 -43.95
C ALA A 49 9.51 -55.08 -44.84
N ASP A 50 8.58 -54.72 -45.73
CA ASP A 50 8.80 -53.56 -46.59
C ASP A 50 8.68 -52.24 -45.85
N LEU A 51 8.12 -52.24 -44.63
CA LEU A 51 8.06 -51.09 -43.72
C LEU A 51 7.25 -49.93 -44.30
N LYS A 52 6.33 -50.21 -45.21
CA LYS A 52 5.42 -49.16 -45.65
C LYS A 52 4.55 -48.72 -44.48
N TRP A 53 4.16 -49.68 -43.64
CA TRP A 53 3.39 -49.43 -42.42
C TRP A 53 4.08 -48.48 -41.44
N LEU A 54 5.34 -48.12 -41.65
CA LEU A 54 6.06 -47.24 -40.73
C LEU A 54 6.35 -45.88 -41.37
N LYS A 55 5.94 -45.68 -42.60
CA LYS A 55 6.20 -44.45 -43.34
C LYS A 55 5.01 -43.50 -43.24
N LEU A 56 5.28 -42.23 -43.50
CA LEU A 56 4.23 -41.23 -43.45
C LEU A 56 3.30 -41.36 -44.65
N GLU A 57 2.03 -41.01 -44.43
CA GLU A 57 1.01 -41.08 -45.47
C GLU A 57 1.24 -40.08 -46.59
N ASN A 58 1.91 -38.97 -46.31
CA ASN A 58 2.10 -37.90 -47.28
C ASN A 58 3.33 -38.10 -48.16
N CYS A 59 3.81 -39.31 -48.29
CA CYS A 59 4.92 -39.63 -49.18
C CYS A 59 4.44 -40.15 -50.53
N PRO A 60 5.31 -40.06 -51.57
CA PRO A 60 4.96 -40.56 -52.92
C PRO A 60 4.18 -41.87 -52.91
N THR A 61 4.65 -42.85 -52.15
CA THR A 61 3.83 -44.00 -51.82
C THR A 61 3.22 -43.76 -50.44
N ALA A 62 1.94 -44.09 -50.29
CA ALA A 62 1.23 -43.72 -49.10
C ALA A 62 1.64 -44.64 -47.95
N GLY A 63 2.00 -44.04 -46.81
CA GLY A 63 2.26 -44.82 -45.62
C GLY A 63 1.02 -45.03 -44.78
N ASP A 64 1.18 -45.81 -43.73
CA ASP A 64 0.08 -46.13 -42.83
C ASP A 64 0.12 -45.34 -41.53
N VAL A 65 1.22 -44.64 -41.25
CA VAL A 65 1.35 -43.85 -40.02
C VAL A 65 0.73 -42.47 -40.23
N PRO A 66 -0.19 -42.03 -39.37
CA PRO A 66 -0.85 -40.75 -39.62
C PRO A 66 0.06 -39.57 -39.33
N THR A 67 -0.13 -38.52 -40.11
CA THR A 67 0.41 -37.19 -39.84
C THR A 67 -0.75 -36.31 -39.40
N THR A 68 -0.45 -35.07 -39.02
CA THR A 68 -1.57 -34.16 -38.84
C THR A 68 -2.12 -33.83 -40.21
N GLY A 69 -3.39 -33.44 -40.26
CA GLY A 69 -3.98 -33.16 -41.55
C GLY A 69 -3.33 -31.96 -42.23
N ASN A 70 -2.72 -31.08 -41.42
CA ASN A 70 -2.04 -29.87 -41.88
C ASN A 70 -0.56 -30.14 -42.11
N ASN A 71 -0.12 -29.89 -43.34
CA ASN A 71 1.25 -30.08 -43.83
C ASN A 71 2.16 -28.87 -43.59
N ASN A 72 1.82 -28.01 -42.62
CA ASN A 72 2.70 -26.89 -42.26
C ASN A 72 3.82 -27.30 -41.32
N ASP A 73 3.48 -27.52 -40.05
CA ASP A 73 4.47 -27.88 -39.05
C ASP A 73 5.08 -29.25 -39.32
N LEU A 74 6.12 -29.53 -38.52
CA LEU A 74 6.85 -30.79 -38.57
C LEU A 74 6.01 -31.99 -38.16
N GLN A 75 6.15 -33.07 -38.92
CA GLN A 75 5.45 -34.33 -38.69
C GLN A 75 6.41 -35.33 -38.05
N ASP A 76 6.05 -35.82 -36.87
CA ASP A 76 6.78 -36.93 -36.27
C ASP A 76 6.75 -38.12 -37.23
N GLN A 77 7.94 -38.69 -37.47
CA GLN A 77 8.12 -39.82 -38.36
C GLN A 77 9.13 -40.77 -37.75
N PHE A 78 9.17 -41.99 -38.28
CA PHE A 78 10.05 -43.02 -37.75
C PHE A 78 11.17 -43.36 -38.72
N ILE A 79 10.83 -43.59 -39.99
CA ILE A 79 11.82 -43.82 -41.03
C ILE A 79 11.47 -42.96 -42.24
N ALA A 80 12.48 -42.72 -43.06
CA ALA A 80 12.26 -42.02 -44.31
C ALA A 80 11.37 -42.86 -45.23
N CYS A 81 10.81 -42.20 -46.24
CA CYS A 81 9.89 -42.87 -47.15
C CYS A 81 10.58 -43.77 -48.17
N ASP A 82 11.80 -43.44 -48.56
CA ASP A 82 12.57 -44.28 -49.45
C ASP A 82 13.37 -45.33 -48.67
N ALA A 83 13.10 -45.45 -47.37
CA ALA A 83 13.91 -46.34 -46.53
C ALA A 83 13.65 -47.80 -46.88
N ASP A 84 14.73 -48.58 -46.92
CA ASP A 84 14.67 -50.03 -47.12
C ASP A 84 15.74 -50.63 -46.23
N TYR A 85 15.31 -51.46 -45.28
CA TYR A 85 16.19 -52.10 -44.31
C TYR A 85 16.34 -53.59 -44.59
N ARG A 86 15.85 -54.06 -45.72
CA ARG A 86 16.02 -55.44 -46.18
C ARG A 86 17.31 -55.57 -46.99
N LYS A 87 18.40 -55.12 -46.40
CA LYS A 87 19.69 -55.10 -47.07
C LYS A 87 20.76 -55.46 -46.04
N GLY A 88 21.89 -55.96 -46.53
CA GLY A 88 23.02 -56.28 -45.68
C GLY A 88 22.97 -57.69 -45.13
N ASP A 89 24.01 -58.02 -44.35
CA ASP A 89 24.10 -59.38 -43.83
C ASP A 89 23.01 -59.64 -42.79
N LEU A 90 22.61 -58.62 -42.04
CA LEU A 90 21.48 -58.70 -41.14
C LEU A 90 20.36 -57.88 -41.76
N SER A 91 19.37 -58.57 -42.31
CA SER A 91 18.32 -58.00 -43.16
C SER A 91 16.98 -58.01 -42.43
N TYR A 92 16.34 -56.85 -42.35
CA TYR A 92 15.07 -56.74 -41.62
C TYR A 92 14.04 -57.69 -42.22
N PHE A 93 13.42 -58.46 -41.34
CA PHE A 93 12.53 -59.54 -41.73
C PHE A 93 11.09 -59.31 -41.30
N GLY A 94 10.84 -58.30 -40.47
CA GLY A 94 9.53 -58.02 -39.93
C GLY A 94 9.54 -58.00 -38.42
N SER A 95 8.41 -57.60 -37.87
CA SER A 95 8.30 -57.50 -36.42
C SER A 95 7.00 -58.18 -35.99
N GLN A 96 7.10 -58.98 -34.92
CA GLN A 96 5.96 -59.71 -34.37
C GLN A 96 5.51 -59.01 -33.10
N PHE A 97 4.35 -58.36 -33.19
CA PHE A 97 3.73 -57.65 -32.08
C PHE A 97 2.79 -58.56 -31.31
N GLU A 98 2.84 -58.47 -29.98
CA GLU A 98 1.87 -59.13 -29.12
C GLU A 98 1.07 -58.10 -28.36
N PHE A 99 -0.27 -58.24 -28.36
CA PHE A 99 -1.17 -57.28 -27.75
C PHE A 99 -2.00 -57.93 -26.65
N SER A 100 -2.48 -57.09 -25.73
CA SER A 100 -3.39 -57.48 -24.66
C SER A 100 -4.66 -56.64 -24.76
N THR A 101 -5.77 -57.22 -24.31
CA THR A 101 -7.01 -56.48 -24.33
C THR A 101 -6.95 -55.34 -23.33
N TYR A 102 -7.49 -54.19 -23.71
CA TYR A 102 -7.34 -52.99 -22.90
C TYR A 102 -8.48 -52.06 -23.29
N VAL A 103 -9.17 -51.54 -22.27
CA VAL A 103 -10.23 -50.55 -22.43
C VAL A 103 -9.64 -49.18 -22.15
N HIS A 104 -9.75 -48.31 -23.12
CA HIS A 104 -9.17 -46.97 -23.15
C HIS A 104 -9.95 -46.03 -22.25
N PRO A 105 -9.27 -45.27 -21.37
CA PRO A 105 -10.02 -44.32 -20.54
C PRO A 105 -10.47 -43.08 -21.28
N SER A 106 -9.84 -42.73 -22.43
CA SER A 106 -10.19 -41.49 -23.13
C SER A 106 -10.05 -41.53 -24.65
N ASN A 107 -9.67 -42.66 -25.27
CA ASN A 107 -9.45 -42.72 -26.71
C ASN A 107 -10.19 -43.94 -27.24
N PRO A 108 -11.42 -43.76 -27.72
CA PRO A 108 -12.23 -44.92 -28.15
C PRO A 108 -11.68 -45.73 -29.33
N GLU A 109 -10.75 -45.19 -30.12
CA GLU A 109 -10.25 -45.95 -31.27
C GLU A 109 -9.30 -47.08 -30.91
N ILE A 110 -8.61 -47.02 -29.77
CA ILE A 110 -7.66 -48.06 -29.37
C ILE A 110 -8.43 -49.20 -28.72
N GLN A 111 -8.21 -50.41 -29.24
CA GLN A 111 -8.83 -51.64 -28.74
C GLN A 111 -7.85 -52.59 -28.05
N ARG A 112 -6.54 -52.38 -28.20
CA ARG A 112 -5.53 -53.23 -27.58
C ARG A 112 -4.34 -52.40 -27.13
N GLN A 113 -3.55 -52.99 -26.23
CA GLN A 113 -2.34 -52.43 -25.69
C GLN A 113 -1.16 -53.32 -26.09
N ILE A 114 0.04 -52.75 -26.23
CA ILE A 114 1.20 -53.51 -26.62
C ILE A 114 1.88 -54.11 -25.38
N LYS A 115 2.05 -55.44 -25.41
CA LYS A 115 2.77 -56.26 -24.43
C LYS A 115 4.24 -56.45 -24.80
N GLN A 116 4.53 -56.75 -26.08
CA GLN A 116 5.89 -56.98 -26.52
C GLN A 116 6.00 -56.82 -28.03
N VAL A 117 7.13 -56.28 -28.49
CA VAL A 117 7.47 -56.26 -29.91
C VAL A 117 8.85 -56.90 -30.08
N VAL A 118 8.96 -57.85 -31.01
CA VAL A 118 10.23 -58.46 -31.36
C VAL A 118 10.46 -58.21 -32.84
N SER A 119 11.62 -57.65 -33.17
CA SER A 119 12.00 -57.40 -34.56
C SER A 119 13.10 -58.38 -34.99
N TYR A 120 12.86 -59.06 -36.11
CA TYR A 120 13.76 -60.09 -36.60
C TYR A 120 14.58 -59.56 -37.77
N PHE A 121 15.87 -59.85 -37.74
CA PHE A 121 16.79 -59.48 -38.82
C PHE A 121 17.41 -60.78 -39.31
N GLN A 122 17.06 -61.14 -40.53
CA GLN A 122 17.51 -62.37 -41.18
C GLN A 122 18.98 -62.31 -41.55
N TYR A 123 19.72 -63.38 -41.27
CA TYR A 123 21.15 -63.43 -41.56
C TYR A 123 21.36 -63.94 -42.99
N ARG A 124 22.07 -63.14 -43.78
CA ARG A 124 22.31 -63.48 -45.18
C ARG A 124 23.77 -63.75 -45.46
N GLY A 125 24.59 -63.97 -44.43
CA GLY A 125 25.96 -64.36 -44.68
C GLY A 125 26.09 -65.81 -45.13
N MET A 126 27.20 -66.09 -45.84
CA MET A 126 27.44 -67.43 -46.40
C MET A 126 27.80 -68.41 -45.28
N GLU A 127 28.52 -67.95 -44.28
CA GLU A 127 28.89 -68.80 -43.16
C GLU A 127 28.14 -68.36 -41.92
N ARG A 128 27.32 -69.26 -41.39
CA ARG A 128 26.41 -68.91 -40.31
C ARG A 128 27.13 -68.75 -38.98
N ALA A 129 28.32 -69.33 -38.84
CA ALA A 129 29.01 -69.26 -37.56
C ALA A 129 29.35 -67.84 -37.15
N PHE A 130 29.32 -66.88 -38.08
CA PHE A 130 29.67 -65.50 -37.75
C PHE A 130 28.49 -64.68 -37.21
N ILE A 131 27.28 -65.27 -37.09
CA ILE A 131 26.14 -64.55 -36.52
C ILE A 131 26.48 -64.07 -35.12
N GLY A 132 27.38 -64.77 -34.41
CA GLY A 132 27.78 -64.32 -33.09
C GLY A 132 28.49 -62.98 -33.11
N ASP A 133 29.46 -62.81 -34.02
CA ASP A 133 30.13 -61.51 -34.10
C ASP A 133 29.15 -60.42 -34.51
N ALA A 134 28.28 -60.72 -35.48
CA ALA A 134 27.33 -59.73 -35.96
C ALA A 134 26.40 -59.30 -34.84
N ALA A 135 25.89 -60.27 -34.07
CA ALA A 135 25.09 -59.94 -32.89
C ALA A 135 25.89 -59.07 -31.93
N GLY A 136 27.20 -59.33 -31.83
CA GLY A 136 28.03 -58.56 -30.94
C GLY A 136 28.17 -57.09 -31.32
N TYR A 137 28.18 -56.79 -32.62
CA TYR A 137 28.24 -55.39 -33.04
C TYR A 137 26.87 -54.73 -32.90
N VAL A 138 25.79 -55.50 -33.13
CA VAL A 138 24.46 -54.97 -32.95
C VAL A 138 24.23 -54.61 -31.49
N ILE A 139 24.52 -55.55 -30.58
CA ILE A 139 24.29 -55.27 -29.17
C ILE A 139 25.23 -54.17 -28.69
N SER A 140 26.45 -54.09 -29.23
CA SER A 140 27.33 -53.00 -28.83
C SER A 140 26.72 -51.66 -29.22
N GLU A 141 26.12 -51.59 -30.39
CA GLU A 141 25.47 -50.37 -30.82
C GLU A 141 24.22 -50.11 -29.99
N ALA A 142 23.52 -51.17 -29.60
CA ALA A 142 22.37 -51.01 -28.72
C ALA A 142 22.78 -50.42 -27.37
N LYS A 143 23.78 -51.01 -26.71
CA LYS A 143 24.21 -50.47 -25.42
C LYS A 143 24.78 -49.07 -25.54
N LYS A 144 25.42 -48.74 -26.66
CA LYS A 144 26.00 -47.40 -26.79
C LYS A 144 24.90 -46.33 -26.83
N LYS A 145 23.68 -46.71 -27.22
CA LYS A 145 22.56 -45.80 -27.37
C LYS A 145 21.64 -45.81 -26.16
N GLY A 146 22.09 -46.37 -25.05
CA GLY A 146 21.32 -46.45 -23.83
C GLY A 146 20.26 -47.54 -23.80
N PHE A 147 20.34 -48.53 -24.71
CA PHE A 147 19.38 -49.64 -24.76
C PHE A 147 19.90 -50.89 -24.08
N SER A 148 19.02 -51.55 -23.33
CA SER A 148 19.23 -52.94 -22.92
C SER A 148 18.46 -53.84 -23.87
N ALA A 149 19.09 -54.91 -24.30
CA ALA A 149 18.41 -55.91 -25.10
C ALA A 149 17.64 -56.84 -24.19
N GLN A 150 16.45 -57.23 -24.63
CA GLN A 150 15.55 -58.03 -23.81
C GLN A 150 15.49 -59.43 -24.44
N ASP A 151 15.88 -60.45 -23.66
CA ASP A 151 15.88 -61.84 -24.15
C ASP A 151 16.67 -61.94 -25.45
N TYR A 152 17.81 -61.23 -25.50
CA TYR A 152 18.61 -61.22 -26.71
C TYR A 152 19.01 -62.64 -27.06
N ARG A 153 18.63 -63.08 -28.25
CA ARG A 153 18.76 -64.46 -28.67
C ARG A 153 18.93 -64.56 -30.18
N ILE A 154 19.60 -65.63 -30.61
CA ILE A 154 19.68 -66.02 -32.01
C ILE A 154 18.68 -67.15 -32.21
N VAL A 155 17.88 -67.05 -33.27
CA VAL A 155 16.76 -67.96 -33.45
C VAL A 155 16.65 -68.40 -34.91
N LEU A 156 15.98 -69.52 -35.12
CA LEU A 156 15.54 -70.00 -36.42
C LEU A 156 14.02 -69.94 -36.47
N ILE A 157 13.48 -69.31 -37.52
CA ILE A 157 12.06 -69.03 -37.64
C ILE A 157 11.54 -69.50 -39.00
N GLU A 158 10.29 -69.95 -38.99
CA GLU A 158 9.57 -70.40 -40.18
C GLU A 158 8.12 -69.96 -40.03
N PRO A 159 7.42 -69.76 -41.11
CA PRO A 159 6.04 -69.27 -41.03
C PRO A 159 5.18 -69.91 -39.97
N ASP A 160 4.04 -69.28 -39.71
CA ASP A 160 3.01 -69.73 -38.75
C ASP A 160 1.64 -69.22 -39.25
N ARG A 161 0.60 -69.41 -38.44
CA ARG A 161 -0.73 -68.96 -38.75
C ARG A 161 -0.75 -67.48 -39.08
N VAL A 162 -0.41 -66.65 -38.10
CA VAL A 162 -0.39 -65.21 -38.34
C VAL A 162 0.96 -64.76 -38.80
N GLY A 163 2.00 -65.12 -38.07
CA GLY A 163 3.32 -64.68 -38.43
C GLY A 163 4.40 -65.70 -38.54
N TYR A 164 5.20 -65.80 -37.50
CA TYR A 164 6.32 -66.71 -37.49
C TYR A 164 6.54 -67.23 -36.08
N PHE A 165 7.17 -68.39 -35.98
CA PHE A 165 7.45 -68.92 -34.68
C PHE A 165 8.89 -69.35 -34.60
N GLU A 166 9.43 -69.30 -33.41
CA GLU A 166 10.82 -69.65 -33.16
C GLU A 166 10.91 -71.15 -32.93
N SER A 167 11.27 -71.88 -34.00
CA SER A 167 11.44 -73.33 -33.90
C SER A 167 12.63 -73.69 -33.02
N ASN A 168 13.70 -72.92 -33.11
CA ASN A 168 14.90 -73.16 -32.33
C ASN A 168 15.48 -71.81 -31.93
N ALA A 169 16.06 -71.75 -30.74
CA ALA A 169 16.65 -70.52 -30.26
C ALA A 169 17.82 -70.79 -29.33
N ILE A 170 18.80 -69.90 -29.32
CA ILE A 170 19.88 -69.92 -28.35
C ILE A 170 20.14 -68.49 -27.91
N SER A 171 20.33 -68.30 -26.60
CA SER A 171 20.58 -66.96 -26.10
C SER A 171 21.91 -66.44 -26.61
N TYR A 172 21.98 -65.13 -26.86
CA TYR A 172 23.24 -64.54 -27.34
C TYR A 172 24.38 -64.86 -26.40
N GLU A 173 24.10 -64.93 -25.10
CA GLU A 173 25.15 -65.19 -24.12
C GLU A 173 25.66 -66.62 -24.23
N GLU A 174 24.76 -67.59 -24.47
CA GLU A 174 25.19 -68.97 -24.64
C GLU A 174 25.97 -69.17 -25.93
N PHE A 175 25.62 -68.44 -26.98
CA PHE A 175 26.36 -68.56 -28.23
C PHE A 175 27.83 -68.15 -28.06
N ILE A 176 28.10 -67.16 -27.20
CA ILE A 176 29.46 -66.67 -27.05
C ILE A 176 30.24 -67.40 -25.97
N GLU A 177 29.56 -67.87 -24.92
CA GLU A 177 30.26 -68.38 -23.75
C GLU A 177 30.28 -69.90 -23.66
N ASN A 178 29.41 -70.60 -24.41
CA ASN A 178 29.24 -72.05 -24.32
C ASN A 178 29.47 -72.65 -25.70
N PRO A 179 30.70 -73.04 -26.01
CA PRO A 179 31.00 -73.54 -27.35
C PRO A 179 30.21 -74.79 -27.75
N SER A 180 29.86 -75.66 -26.80
CA SER A 180 29.10 -76.86 -27.15
C SER A 180 27.69 -76.51 -27.62
N ALA A 181 26.96 -75.71 -26.84
CA ALA A 181 25.62 -75.27 -27.24
C ALA A 181 25.66 -74.52 -28.56
N ARG A 182 26.71 -73.73 -28.78
CA ARG A 182 26.88 -73.04 -30.04
C ARG A 182 26.88 -73.99 -31.21
N GLU A 183 27.78 -74.99 -31.19
CA GLU A 183 27.85 -75.93 -32.30
C GLU A 183 26.60 -76.76 -32.40
N ASN A 184 26.04 -77.17 -31.27
CA ASN A 184 24.76 -77.89 -31.31
C ASN A 184 23.70 -77.06 -32.02
N PHE A 185 23.63 -75.77 -31.67
CA PHE A 185 22.67 -74.85 -32.33
C PHE A 185 23.04 -74.66 -33.79
N LEU A 186 24.32 -74.47 -34.07
CA LEU A 186 24.79 -74.22 -35.46
C LEU A 186 24.51 -75.44 -36.33
N LEU A 187 24.64 -76.65 -35.80
CA LEU A 187 24.35 -77.87 -36.57
C LEU A 187 22.88 -77.86 -37.01
N LYS A 188 21.98 -77.40 -36.16
CA LYS A 188 20.54 -77.24 -36.46
C LYS A 188 20.31 -76.17 -37.52
N ALA A 189 21.20 -75.20 -37.68
CA ALA A 189 21.00 -74.06 -38.60
C ALA A 189 21.33 -74.40 -40.05
N THR A 190 20.53 -75.26 -40.67
CA THR A 190 20.78 -75.61 -42.08
C THR A 190 20.26 -74.51 -43.01
N LYS A 191 20.69 -74.54 -44.26
CA LYS A 191 20.33 -73.54 -45.27
C LYS A 191 18.83 -73.51 -45.57
N ASP A 192 18.13 -74.64 -45.43
CA ASP A 192 16.67 -74.65 -45.69
C ASP A 192 15.99 -73.72 -44.69
N ARG A 193 16.42 -73.72 -43.42
CA ARG A 193 15.82 -72.87 -42.36
C ARG A 193 16.28 -71.42 -42.47
N THR A 194 15.53 -70.51 -41.84
CA THR A 194 15.93 -69.09 -41.85
C THR A 194 16.54 -68.77 -40.49
N LEU A 195 17.75 -68.23 -40.48
CA LEU A 195 18.46 -67.83 -39.28
C LEU A 195 18.18 -66.36 -38.99
N ALA A 196 18.00 -66.02 -37.73
CA ALA A 196 17.59 -64.65 -37.48
C ALA A 196 18.09 -64.18 -36.13
N LEU A 197 18.33 -62.88 -36.06
CA LEU A 197 18.53 -62.17 -34.83
C LEU A 197 17.17 -61.62 -34.36
N ALA A 198 16.84 -61.83 -33.09
CA ALA A 198 15.57 -61.36 -32.52
C ALA A 198 15.86 -60.17 -31.62
N VAL A 199 15.37 -59.00 -32.01
CA VAL A 199 15.73 -57.74 -31.36
C VAL A 199 14.53 -57.19 -30.57
N SER A 200 14.66 -57.13 -29.25
CA SER A 200 13.70 -56.49 -28.35
C SER A 200 14.48 -55.49 -27.50
N LEU A 201 14.27 -54.19 -27.73
CA LEU A 201 14.97 -53.13 -27.01
C LEU A 201 14.11 -52.48 -25.93
N ALA A 202 14.71 -52.25 -24.76
CA ALA A 202 14.13 -51.46 -23.68
C ALA A 202 15.06 -50.30 -23.40
N GLN A 203 14.54 -49.08 -23.42
CA GLN A 203 15.41 -47.93 -23.23
C GLN A 203 15.68 -47.80 -21.74
N THR A 204 16.93 -48.02 -21.35
CA THR A 204 17.33 -47.94 -19.95
C THR A 204 18.10 -46.68 -19.60
N GLY A 205 18.84 -46.10 -20.53
CA GLY A 205 19.48 -44.84 -20.26
C GLY A 205 18.53 -43.66 -20.38
N GLU A 206 18.92 -42.53 -19.79
CA GLU A 206 18.09 -41.33 -19.89
C GLU A 206 18.16 -40.85 -21.35
N ILE A 207 17.43 -39.79 -21.67
CA ILE A 207 17.21 -39.38 -23.05
C ILE A 207 17.74 -37.97 -23.23
N ALA A 208 18.50 -37.76 -24.30
CA ALA A 208 19.00 -36.44 -24.65
C ALA A 208 17.90 -35.64 -25.34
N MET A 209 17.86 -34.32 -25.08
CA MET A 209 16.98 -33.46 -25.88
C MET A 209 17.44 -33.48 -27.34
N GLN A 210 16.48 -33.62 -28.24
CA GLN A 210 16.73 -33.77 -29.67
C GLN A 210 16.37 -32.52 -30.45
N ARG A 211 17.06 -32.36 -31.58
CA ARG A 211 16.94 -31.20 -32.45
C ARG A 211 15.57 -31.09 -33.13
N ASP A 212 14.82 -32.17 -33.25
CA ASP A 212 13.48 -32.09 -33.81
C ASP A 212 12.43 -31.75 -32.76
N GLY A 213 12.85 -31.55 -31.51
CA GLY A 213 11.96 -31.19 -30.43
C GLY A 213 11.05 -32.28 -29.96
N SER A 214 11.27 -33.52 -30.42
CA SER A 214 10.38 -34.63 -30.10
C SER A 214 10.49 -35.08 -28.66
N VAL A 215 11.50 -34.64 -27.94
CA VAL A 215 11.70 -35.02 -26.54
C VAL A 215 11.40 -33.82 -25.66
N ALA A 216 10.47 -34.02 -24.74
CA ALA A 216 10.10 -32.97 -23.80
C ALA A 216 10.94 -33.13 -22.54
N PHE A 217 11.27 -31.97 -21.93
CA PHE A 217 11.84 -31.97 -20.59
C PHE A 217 10.90 -32.68 -19.63
N LEU A 218 11.48 -33.36 -18.64
CA LEU A 218 10.66 -33.99 -17.62
C LEU A 218 9.95 -32.95 -16.75
N GLU A 219 8.77 -33.32 -16.24
CA GLU A 219 8.00 -32.46 -15.34
C GLU A 219 8.82 -32.02 -14.12
N ASP A 220 8.78 -30.71 -13.84
CA ASP A 220 9.47 -30.05 -12.72
C ASP A 220 10.96 -29.91 -12.92
N SER A 221 11.47 -30.14 -14.12
CA SER A 221 12.89 -29.96 -14.37
C SER A 221 13.19 -28.53 -14.83
N GLU A 222 14.44 -28.14 -14.63
CA GLU A 222 14.89 -26.80 -14.90
C GLU A 222 15.92 -26.84 -16.01
N LEU A 223 15.75 -25.97 -16.99
CA LEU A 223 16.75 -25.73 -18.02
C LEU A 223 17.66 -24.60 -17.53
N CYS A 224 18.96 -24.90 -17.39
CA CYS A 224 19.89 -24.02 -16.69
C CYS A 224 21.06 -23.58 -17.60
N TRP A 225 21.60 -22.40 -17.28
CA TRP A 225 22.82 -21.87 -17.87
C TRP A 225 23.83 -21.73 -16.76
N ASP A 226 25.09 -22.10 -17.03
CA ASP A 226 26.17 -21.68 -16.15
C ASP A 226 26.30 -20.17 -16.21
N THR A 227 26.50 -19.57 -15.05
CA THR A 227 26.70 -18.12 -14.98
C THR A 227 27.82 -17.84 -13.99
N ALA A 228 28.54 -16.74 -14.21
CA ALA A 228 29.48 -16.35 -13.17
C ALA A 228 28.79 -15.84 -11.91
N ALA A 229 27.47 -15.58 -11.96
CA ALA A 229 26.66 -15.25 -10.79
C ALA A 229 26.46 -16.40 -9.83
N GLY A 230 26.76 -17.64 -10.24
CA GLY A 230 26.78 -18.75 -9.32
C GLY A 230 25.64 -19.72 -9.53
N SER A 231 24.60 -19.60 -8.70
CA SER A 231 23.45 -20.50 -8.80
C SER A 231 22.16 -19.74 -8.49
N ALA A 232 21.04 -20.43 -8.72
CA ALA A 232 19.68 -20.02 -8.39
C ALA A 232 19.23 -18.78 -9.16
N LYS A 233 20.04 -18.26 -10.06
CA LYS A 233 19.61 -17.14 -10.89
C LYS A 233 19.73 -17.41 -12.37
N SER A 234 19.97 -18.67 -12.77
CA SER A 234 20.23 -18.95 -14.17
C SER A 234 19.34 -20.01 -14.79
N CYS A 235 18.22 -20.39 -14.16
CA CYS A 235 17.42 -21.51 -14.68
C CYS A 235 16.00 -21.04 -14.97
N LEU A 236 15.32 -21.72 -15.91
CA LEU A 236 13.93 -21.43 -16.14
C LEU A 236 13.16 -22.74 -16.22
N SER A 237 11.84 -22.66 -16.07
CA SER A 237 11.03 -23.87 -15.99
C SER A 237 9.57 -23.53 -16.26
N VAL A 238 8.80 -24.58 -16.55
CA VAL A 238 7.38 -24.48 -16.82
C VAL A 238 6.63 -25.23 -15.71
N ARG A 239 5.95 -24.51 -14.85
CA ARG A 239 5.23 -25.09 -13.74
C ARG A 239 3.73 -25.19 -13.99
N TYR A 240 3.08 -26.00 -13.17
CA TYR A 240 1.64 -26.23 -13.23
C TYR A 240 0.99 -25.91 -11.90
N ASP A 241 -0.17 -25.25 -11.96
CA ASP A 241 -1.01 -24.96 -10.80
C ASP A 241 -2.19 -25.95 -10.87
N THR A 242 -2.27 -26.86 -9.89
CA THR A 242 -3.31 -27.90 -9.96
C THR A 242 -4.69 -27.38 -9.60
N VAL A 243 -4.79 -26.36 -8.76
CA VAL A 243 -6.10 -25.82 -8.44
C VAL A 243 -6.58 -24.84 -9.51
N GLY A 244 -5.74 -23.86 -9.88
CA GLY A 244 -6.22 -22.95 -10.89
C GLY A 244 -6.02 -23.38 -12.33
N ASN A 245 -5.54 -24.60 -12.56
CA ASN A 245 -5.42 -25.14 -13.92
C ASN A 245 -4.71 -24.16 -14.87
N LYS A 246 -3.53 -23.69 -14.45
CA LYS A 246 -2.74 -22.76 -15.23
C LYS A 246 -1.30 -23.25 -15.29
N THR A 247 -0.67 -23.03 -16.44
CA THR A 247 0.75 -23.28 -16.59
C THR A 247 1.51 -21.95 -16.57
N GLU A 248 2.71 -21.98 -16.00
CA GLU A 248 3.54 -20.80 -15.85
C GLU A 248 4.94 -21.07 -16.36
N LEU A 249 5.41 -20.23 -17.28
CA LEU A 249 6.83 -20.18 -17.63
C LEU A 249 7.49 -19.30 -16.58
N ASP A 250 8.22 -19.92 -15.66
CA ASP A 250 8.80 -19.22 -14.53
C ASP A 250 10.20 -18.73 -14.91
N LEU A 251 10.31 -17.43 -15.14
CA LEU A 251 11.56 -16.77 -15.43
C LEU A 251 12.04 -15.92 -14.25
N LYS A 252 11.46 -16.09 -13.06
CA LYS A 252 11.77 -15.14 -11.99
C LYS A 252 13.16 -15.32 -11.42
N GLN A 253 13.83 -16.43 -11.72
CA GLN A 253 15.21 -16.59 -11.29
C GLN A 253 16.14 -15.66 -12.06
N ILE A 254 15.71 -15.16 -13.21
CA ILE A 254 16.53 -14.26 -14.00
C ILE A 254 16.18 -12.84 -13.58
N ASP A 255 17.19 -11.99 -13.49
CA ASP A 255 16.94 -10.67 -12.95
C ASP A 255 16.09 -9.83 -13.89
N VAL A 256 16.41 -9.82 -15.17
CA VAL A 256 15.67 -9.01 -16.15
C VAL A 256 15.42 -9.87 -17.39
N VAL A 257 14.17 -9.87 -17.88
CA VAL A 257 13.87 -10.41 -19.20
C VAL A 257 13.95 -9.27 -20.20
N SER A 258 14.83 -9.39 -21.20
CA SER A 258 15.11 -8.30 -22.13
C SER A 258 14.59 -8.67 -23.50
N ALA A 259 13.50 -8.05 -23.92
CA ALA A 259 12.91 -8.32 -25.22
C ALA A 259 13.09 -7.13 -26.14
N LYS A 260 12.84 -7.36 -27.42
CA LYS A 260 12.66 -6.25 -28.34
C LYS A 260 11.15 -5.97 -28.43
N GLY A 261 10.43 -6.48 -29.43
CA GLY A 261 8.99 -6.41 -29.39
C GLY A 261 8.39 -7.36 -28.37
N LEU A 262 7.27 -6.92 -27.78
CA LEU A 262 6.62 -7.65 -26.71
C LEU A 262 5.11 -7.45 -26.84
N SER A 263 4.38 -8.55 -26.82
CA SER A 263 2.93 -8.55 -26.85
C SER A 263 2.43 -9.54 -25.81
N PHE A 264 1.23 -9.27 -25.30
CA PHE A 264 0.59 -10.11 -24.29
C PHE A 264 -0.89 -10.07 -24.54
N GLU A 265 -1.65 -10.86 -23.79
CA GLU A 265 -3.09 -10.89 -24.00
C GLU A 265 -3.80 -10.33 -22.79
N SER A 266 -4.82 -9.53 -23.05
CA SER A 266 -5.69 -8.98 -22.01
C SER A 266 -7.13 -9.08 -22.47
N ASP A 267 -7.92 -9.93 -21.81
CA ASP A 267 -9.35 -10.06 -22.08
C ASP A 267 -9.62 -10.40 -23.54
N GLY A 268 -8.91 -11.40 -24.05
CA GLY A 268 -9.04 -11.83 -25.43
C GLY A 268 -8.36 -10.96 -26.47
N LYS A 269 -7.96 -9.74 -26.14
CA LYS A 269 -7.26 -8.89 -27.10
C LYS A 269 -5.76 -9.03 -26.91
N THR A 270 -5.02 -8.93 -28.03
CA THR A 270 -3.56 -8.89 -27.99
C THR A 270 -3.08 -7.44 -27.99
N LYS A 271 -2.14 -7.12 -27.10
CA LYS A 271 -1.67 -5.75 -26.87
C LYS A 271 -0.16 -5.71 -26.74
N THR A 272 0.43 -4.55 -27.08
CA THR A 272 1.80 -4.23 -26.68
C THR A 272 1.75 -3.24 -25.53
N PRO A 273 2.81 -3.13 -24.71
CA PRO A 273 2.73 -2.28 -23.53
C PRO A 273 2.57 -0.80 -23.88
N VAL A 274 1.84 -0.07 -23.05
CA VAL A 274 1.69 1.36 -23.28
C VAL A 274 3.01 2.07 -23.01
N VAL A 275 3.35 3.01 -23.88
CA VAL A 275 4.55 3.83 -23.73
C VAL A 275 4.10 5.29 -23.75
N SER A 276 4.68 6.09 -22.87
CA SER A 276 4.13 7.40 -22.56
C SER A 276 5.14 8.49 -22.87
N THR A 277 4.64 9.62 -23.35
CA THR A 277 5.50 10.78 -23.60
C THR A 277 4.85 12.04 -23.06
N TYR A 278 5.72 12.96 -22.69
CA TYR A 278 5.36 14.27 -22.16
C TYR A 278 5.29 15.26 -23.32
N GLU A 279 4.15 15.92 -23.51
CA GLU A 279 3.93 16.70 -24.72
C GLU A 279 3.44 18.11 -24.39
N THR A 280 3.91 19.09 -25.16
CA THR A 280 3.32 20.42 -25.19
C THR A 280 3.29 20.94 -26.61
N PHE A 281 2.37 21.86 -26.87
CA PHE A 281 2.29 22.54 -28.14
C PHE A 281 3.30 23.68 -28.15
N GLN A 282 3.93 23.88 -29.30
CA GLN A 282 4.78 25.03 -29.52
C GLN A 282 3.91 26.20 -29.96
N ASP A 283 4.53 27.39 -30.00
CA ASP A 283 3.95 28.61 -30.58
C ASP A 283 3.20 28.38 -31.88
N GLY A 284 2.18 29.18 -32.15
CA GLY A 284 1.56 29.25 -33.46
C GLY A 284 0.22 28.57 -33.61
N GLY A 285 -0.24 27.83 -32.61
CA GLY A 285 -1.57 27.28 -32.67
C GLY A 285 -1.85 26.23 -33.72
N ARG A 286 -0.84 25.47 -34.14
CA ARG A 286 -0.95 24.38 -35.09
C ARG A 286 -1.15 23.06 -34.36
N ALA A 287 -1.76 22.13 -35.07
CA ALA A 287 -1.88 20.77 -34.54
C ALA A 287 -0.50 20.18 -34.29
N LYS A 288 -0.38 19.25 -33.34
CA LYS A 288 0.91 18.67 -33.06
C LYS A 288 0.96 17.26 -33.66
N THR A 289 2.02 16.96 -34.41
CA THR A 289 2.19 15.67 -35.04
C THR A 289 3.08 14.82 -34.15
N ILE A 290 2.62 13.62 -33.85
CA ILE A 290 3.36 12.64 -33.06
C ILE A 290 3.41 11.41 -33.94
N ASN A 291 4.63 10.90 -34.19
CA ASN A 291 4.79 9.72 -35.02
C ASN A 291 4.18 8.52 -34.32
N ALA A 292 3.40 7.74 -35.06
CA ALA A 292 2.85 6.50 -34.50
C ALA A 292 3.94 5.46 -34.36
N ILE A 293 3.89 4.70 -33.26
CA ILE A 293 4.84 3.61 -33.11
C ILE A 293 4.60 2.55 -34.21
N GLU A 294 5.64 1.78 -34.51
CA GLU A 294 5.54 0.71 -35.50
C GLU A 294 4.88 -0.53 -34.86
N CYS A 295 3.77 -1.04 -35.48
CA CYS A 295 3.12 -2.15 -34.77
C CYS A 295 3.58 -3.52 -35.26
N PRO A 296 3.57 -4.50 -34.36
CA PRO A 296 3.73 -5.89 -34.79
C PRO A 296 2.64 -6.26 -35.79
N THR A 297 2.93 -7.26 -36.61
CA THR A 297 2.01 -7.74 -37.64
C THR A 297 0.66 -8.14 -37.04
N GLY A 298 -0.41 -7.64 -37.65
CA GLY A 298 -1.73 -7.99 -37.18
C GLY A 298 -2.30 -7.13 -36.06
N LEU A 299 -1.55 -6.16 -35.54
CA LEU A 299 -2.04 -5.20 -34.56
C LEU A 299 -2.04 -3.82 -35.19
N ASN A 300 -2.83 -2.90 -34.63
CA ASN A 300 -2.95 -1.54 -35.16
C ASN A 300 -2.79 -0.50 -34.04
N ASN A 301 -2.51 0.73 -34.46
CA ASN A 301 -2.14 1.77 -33.53
C ASN A 301 -3.30 2.27 -32.70
N ARG A 302 -3.03 2.45 -31.42
CA ARG A 302 -3.96 3.11 -30.52
C ARG A 302 -3.23 4.27 -29.85
N PHE A 303 -4.01 5.25 -29.36
CA PHE A 303 -3.52 6.49 -28.79
C PHE A 303 -4.50 6.99 -27.72
N ALA A 304 -3.96 7.61 -26.67
CA ALA A 304 -4.77 8.40 -25.72
C ALA A 304 -3.92 9.50 -25.13
N ALA A 305 -4.50 10.70 -25.05
CA ALA A 305 -3.91 11.85 -24.39
C ALA A 305 -4.75 12.22 -23.16
N VAL A 306 -4.05 12.49 -22.04
CA VAL A 306 -4.64 12.80 -20.75
C VAL A 306 -4.02 14.08 -20.19
N VAL A 307 -4.79 14.79 -19.39
CA VAL A 307 -4.42 16.12 -18.91
C VAL A 307 -3.45 16.01 -17.74
N SER A 308 -2.35 16.74 -17.85
CA SER A 308 -1.38 16.81 -16.76
C SER A 308 -1.45 18.19 -16.11
N SER A 309 -1.02 19.24 -16.82
CA SER A 309 -1.17 20.60 -16.36
C SER A 309 -1.85 21.45 -17.42
N PHE A 310 -2.53 22.49 -16.98
CA PHE A 310 -3.17 23.44 -17.88
C PHE A 310 -3.34 24.77 -17.14
N SER A 311 -3.44 25.85 -17.91
CA SER A 311 -3.96 27.13 -17.41
C SER A 311 -4.62 27.84 -18.57
N THR A 312 -5.17 29.02 -18.32
CA THR A 312 -5.82 29.79 -19.38
C THR A 312 -4.90 30.79 -20.04
N ALA A 313 -3.59 30.64 -19.92
CA ALA A 313 -2.71 31.60 -20.59
C ALA A 313 -2.60 31.38 -22.10
N GLY A 314 -2.96 30.18 -22.60
CA GLY A 314 -2.95 29.95 -24.04
C GLY A 314 -1.58 30.01 -24.67
N GLN A 315 -1.37 30.98 -25.57
CA GLN A 315 -0.05 31.17 -26.17
C GLN A 315 0.97 31.77 -25.21
N ASN A 316 0.54 32.43 -24.12
CA ASN A 316 1.47 33.13 -23.23
C ASN A 316 1.95 32.20 -22.12
N ALA A 317 2.66 31.13 -22.52
CA ALA A 317 3.02 30.10 -21.57
C ALA A 317 4.20 29.31 -22.09
N ASN A 318 4.87 28.65 -21.16
CA ASN A 318 5.85 27.61 -21.50
C ASN A 318 5.69 26.52 -20.45
N PHE A 319 5.16 25.37 -20.86
CA PHE A 319 4.94 24.27 -19.93
C PHE A 319 5.90 23.11 -20.20
N SER A 320 6.92 23.31 -21.04
CA SER A 320 7.71 22.16 -21.50
C SER A 320 8.71 21.66 -20.46
N SER A 321 8.94 22.39 -19.37
CA SER A 321 9.70 21.82 -18.28
C SER A 321 8.80 20.97 -17.38
N GLU A 322 9.25 19.78 -17.02
CA GLU A 322 8.44 18.95 -16.14
C GLU A 322 8.43 19.45 -14.71
N SER A 323 9.38 20.30 -14.33
CA SER A 323 9.58 20.67 -12.94
C SER A 323 9.04 22.05 -12.62
N ALA A 324 8.70 22.86 -13.61
CA ALA A 324 8.14 24.17 -13.33
C ALA A 324 7.33 24.61 -14.53
N LYS A 325 6.35 25.48 -14.29
CA LYS A 325 5.44 25.94 -15.33
C LYS A 325 5.48 27.46 -15.42
N ASP A 326 5.62 27.97 -16.64
CA ASP A 326 5.63 29.41 -16.88
C ASP A 326 4.31 29.78 -17.55
N SER A 327 3.54 30.63 -16.87
CA SER A 327 2.16 30.97 -17.22
C SER A 327 1.94 32.45 -16.96
N GLN A 328 1.79 33.23 -18.04
CA GLN A 328 1.84 34.68 -17.97
C GLN A 328 0.49 35.33 -18.20
N GLY A 329 -0.61 34.62 -18.00
CA GLY A 329 -1.93 35.20 -18.12
C GLY A 329 -2.53 35.15 -19.50
N THR A 330 -3.79 35.56 -19.58
CA THR A 330 -4.59 35.49 -20.79
C THR A 330 -4.45 36.77 -21.62
N THR A 331 -4.40 36.62 -22.94
CA THR A 331 -4.28 37.76 -23.83
C THR A 331 -5.52 38.65 -23.73
N GLN A 332 -5.31 39.95 -23.50
CA GLN A 332 -6.49 40.80 -23.47
C GLN A 332 -6.71 41.36 -24.87
N LYS A 333 -7.93 41.82 -25.13
CA LYS A 333 -8.22 42.42 -26.44
C LYS A 333 -7.45 43.73 -26.64
N ASP A 334 -7.09 44.44 -25.57
CA ASP A 334 -6.38 45.69 -25.79
C ASP A 334 -4.89 45.45 -25.99
N GLY A 335 -4.53 44.19 -26.23
CA GLY A 335 -3.18 43.74 -26.46
C GLY A 335 -2.39 43.44 -25.21
N SER A 336 -2.81 43.97 -24.05
CA SER A 336 -2.04 43.73 -22.84
C SER A 336 -2.26 42.30 -22.34
N LYS A 337 -1.43 41.88 -21.40
CA LYS A 337 -1.62 40.62 -20.70
C LYS A 337 -2.21 40.91 -19.33
N GLY A 338 -3.35 40.30 -19.06
CA GLY A 338 -3.99 40.46 -17.80
C GLY A 338 -3.82 39.21 -16.98
N PRO A 339 -4.63 39.07 -15.98
CA PRO A 339 -4.63 37.86 -15.16
C PRO A 339 -5.12 36.66 -15.94
N HIS A 340 -5.08 35.50 -15.30
CA HIS A 340 -5.56 34.28 -15.93
C HIS A 340 -7.08 34.24 -15.90
N ALA A 341 -7.71 34.22 -17.06
CA ALA A 341 -9.15 34.12 -17.12
C ALA A 341 -9.65 32.76 -16.61
N LEU A 342 -10.95 32.71 -16.29
CA LEU A 342 -11.62 31.51 -15.77
C LEU A 342 -11.99 30.53 -16.90
N LEU A 343 -12.12 29.25 -16.53
CA LEU A 343 -12.15 28.15 -17.50
C LEU A 343 -13.50 27.45 -17.59
N SER A 344 -13.84 26.97 -18.79
CA SER A 344 -15.05 26.19 -18.96
C SER A 344 -14.86 24.81 -19.58
N GLY A 345 -13.71 24.51 -20.20
CA GLY A 345 -13.50 23.20 -20.81
C GLY A 345 -12.11 22.99 -21.38
N ILE A 346 -11.76 21.72 -21.56
CA ILE A 346 -10.55 21.31 -22.28
C ILE A 346 -10.94 20.15 -23.19
N SER A 347 -10.62 20.26 -24.48
CA SER A 347 -10.76 19.15 -25.41
C SER A 347 -9.39 18.74 -25.94
N LEU A 348 -9.16 17.41 -25.97
CA LEU A 348 -8.00 16.78 -26.56
C LEU A 348 -8.50 15.81 -27.64
N ASN A 349 -8.07 16.03 -28.87
CA ASN A 349 -8.53 15.23 -30.01
C ASN A 349 -7.33 14.66 -30.74
N TRP A 350 -7.54 13.47 -31.33
CA TRP A 350 -6.46 12.82 -32.08
C TRP A 350 -7.01 11.96 -33.21
N THR A 351 -6.33 12.04 -34.37
CA THR A 351 -6.66 11.33 -35.58
C THR A 351 -5.38 10.77 -36.20
N LEU A 352 -5.42 9.51 -36.63
CA LEU A 352 -4.27 8.87 -37.25
C LEU A 352 -4.35 9.04 -38.76
N THR A 353 -3.33 9.66 -39.34
CA THR A 353 -3.23 9.77 -40.80
C THR A 353 -1.82 9.43 -41.23
N ASN A 354 -1.70 8.44 -42.13
CA ASN A 354 -0.43 7.97 -42.69
C ASN A 354 0.71 7.92 -41.67
N LYS A 355 0.51 7.11 -40.61
CA LYS A 355 1.50 6.87 -39.55
C LYS A 355 1.78 8.08 -38.66
N VAL A 356 0.97 9.12 -38.71
CA VAL A 356 1.17 10.25 -37.82
C VAL A 356 -0.13 10.51 -37.08
N TRP A 357 -0.04 10.67 -35.77
CA TRP A 357 -1.16 11.06 -34.94
C TRP A 357 -1.23 12.59 -34.92
N ASP A 358 -2.28 13.17 -35.50
CA ASP A 358 -2.50 14.61 -35.40
C ASP A 358 -3.36 14.89 -34.18
N VAL A 359 -2.77 15.59 -33.21
CA VAL A 359 -3.36 15.87 -31.92
C VAL A 359 -3.69 17.36 -31.86
N THR A 360 -4.94 17.66 -31.56
CA THR A 360 -5.36 19.05 -31.40
C THR A 360 -5.95 19.24 -30.02
N ALA A 361 -5.87 20.47 -29.52
CA ALA A 361 -6.46 20.78 -28.22
C ALA A 361 -7.09 22.16 -28.28
N SER A 362 -8.04 22.39 -27.40
CA SER A 362 -8.72 23.67 -27.19
C SER A 362 -8.96 23.84 -25.71
N ILE A 363 -8.73 25.04 -25.21
CA ILE A 363 -9.15 25.40 -23.88
C ILE A 363 -10.26 26.42 -24.05
N GLY A 364 -11.45 26.11 -23.51
CA GLY A 364 -12.56 27.05 -23.50
C GLY A 364 -12.53 27.88 -22.24
N ILE A 365 -12.62 29.20 -22.39
CA ILE A 365 -12.51 30.14 -21.27
C ILE A 365 -13.64 31.16 -21.33
N GLU A 366 -13.72 32.00 -20.30
CA GLU A 366 -14.77 33.02 -20.29
C GLU A 366 -14.64 33.96 -21.49
N SER A 367 -15.79 34.36 -22.01
CA SER A 367 -15.85 35.28 -23.14
C SER A 367 -15.66 36.73 -22.69
N GLY A 368 -15.59 37.62 -23.67
CA GLY A 368 -15.47 39.03 -23.34
C GLY A 368 -14.11 39.40 -22.83
N ILE A 369 -13.10 38.56 -23.10
CA ILE A 369 -11.76 38.87 -22.65
C ILE A 369 -10.78 38.85 -23.80
N LEU A 370 -10.82 37.79 -24.62
CA LEU A 370 -9.86 37.63 -25.69
C LEU A 370 -10.14 38.57 -26.85
N PRO A 371 -9.14 38.86 -27.68
CA PRO A 371 -9.40 39.58 -28.93
C PRO A 371 -10.44 38.89 -29.77
N THR A 372 -10.90 39.63 -30.77
CA THR A 372 -11.89 39.08 -31.68
C THR A 372 -11.28 38.12 -32.70
N SER A 373 -10.00 38.26 -33.03
CA SER A 373 -9.36 37.35 -33.98
C SER A 373 -8.01 36.89 -33.44
N GLY A 374 -7.46 35.82 -34.02
CA GLY A 374 -6.18 35.30 -33.61
C GLY A 374 -6.26 33.87 -33.08
N ILE A 375 -5.09 33.38 -32.66
CA ILE A 375 -4.99 32.03 -32.10
C ILE A 375 -5.87 31.91 -30.86
N ASP A 376 -5.77 32.89 -29.96
CA ASP A 376 -6.61 33.01 -28.77
C ASP A 376 -7.65 34.08 -29.10
N SER A 377 -8.89 33.65 -29.38
CA SER A 377 -9.93 34.57 -29.78
C SER A 377 -11.30 34.00 -29.41
N GLY A 378 -12.27 34.92 -29.25
CA GLY A 378 -13.62 34.55 -28.81
C GLY A 378 -13.61 34.02 -27.41
N SER A 379 -13.90 32.72 -27.24
CA SER A 379 -13.80 32.05 -25.94
C SER A 379 -12.88 30.83 -26.00
N LEU A 380 -11.98 30.77 -26.98
CA LEU A 380 -11.13 29.59 -27.17
C LEU A 380 -9.66 29.95 -27.18
N LEU A 381 -8.86 29.12 -26.53
CA LEU A 381 -7.42 29.10 -26.72
C LEU A 381 -7.11 27.89 -27.61
N ARG A 382 -6.67 28.13 -28.84
CA ARG A 382 -6.53 27.03 -29.81
C ARG A 382 -5.14 26.43 -29.75
N ASN A 383 -5.08 25.11 -29.69
CA ASN A 383 -3.84 24.34 -29.51
C ASN A 383 -2.92 25.07 -28.50
N PRO A 384 -3.39 25.34 -27.30
CA PRO A 384 -2.68 26.26 -26.39
C PRO A 384 -1.34 25.71 -25.93
N LYS A 385 -0.43 26.64 -25.65
CA LYS A 385 0.83 26.27 -24.98
C LYS A 385 0.65 26.05 -23.48
N SER A 386 -0.41 26.61 -22.90
CA SER A 386 -0.69 26.51 -21.46
C SER A 386 -1.37 25.19 -21.12
N LEU A 387 -0.68 24.10 -21.51
CA LEU A 387 -1.18 22.74 -21.43
C LEU A 387 0.00 21.79 -21.55
N SER A 388 0.05 20.79 -20.68
CA SER A 388 0.95 19.68 -20.86
C SER A 388 0.08 18.44 -20.76
N PHE A 389 0.23 17.52 -21.71
CA PHE A 389 -0.53 16.28 -21.68
C PHE A 389 0.39 15.08 -21.82
N ILE A 390 -0.04 13.97 -21.26
CA ILE A 390 0.67 12.72 -21.42
C ILE A 390 0.06 11.94 -22.57
N ALA A 391 0.91 11.52 -23.52
CA ALA A 391 0.48 10.74 -24.66
C ALA A 391 0.80 9.28 -24.40
N PHE A 392 -0.20 8.42 -24.53
CA PHE A 392 -0.02 6.97 -24.43
C PHE A 392 -0.17 6.32 -25.80
N GLN A 393 0.75 5.44 -26.15
CA GLN A 393 0.61 4.68 -27.39
C GLN A 393 0.71 3.21 -27.11
N TRP A 394 -0.03 2.44 -27.91
CA TRP A 394 0.10 0.98 -27.84
C TRP A 394 -0.48 0.40 -29.13
N CYS A 395 -0.33 -0.90 -29.27
CA CYS A 395 -0.79 -1.58 -30.44
C CYS A 395 -1.73 -2.68 -30.01
N GLU A 396 -2.82 -2.88 -30.73
CA GLU A 396 -3.76 -3.92 -30.38
C GLU A 396 -4.51 -4.45 -31.57
N ASN A 397 -5.11 -5.60 -31.40
CA ASN A 397 -5.90 -6.19 -32.46
C ASN A 397 -7.37 -5.96 -32.23
N GLU B 3 31.84 -53.98 -41.88
CA GLU B 3 32.07 -55.41 -41.61
C GLU B 3 31.41 -55.84 -40.31
N LEU B 4 30.90 -57.07 -40.29
CA LEU B 4 30.24 -57.66 -39.13
C LEU B 4 31.04 -58.80 -38.51
N MET B 5 32.34 -58.85 -38.75
CA MET B 5 33.19 -59.86 -38.15
C MET B 5 34.22 -59.19 -37.25
N ILE B 6 34.50 -59.83 -36.12
CA ILE B 6 35.50 -59.35 -35.17
C ILE B 6 36.89 -59.80 -35.60
N LYS B 7 37.82 -58.85 -35.72
CA LYS B 7 39.21 -59.16 -36.06
C LYS B 7 39.99 -59.39 -34.76
N SER B 8 40.30 -58.32 -34.03
CA SER B 8 40.88 -58.40 -32.70
C SER B 8 39.74 -58.45 -31.67
N SER B 9 39.73 -59.49 -30.83
CA SER B 9 38.66 -59.60 -29.84
C SER B 9 39.02 -58.90 -28.52
N ASN B 10 40.30 -58.64 -28.32
CA ASN B 10 40.73 -57.78 -27.23
C ASN B 10 40.33 -56.33 -27.54
N ALA B 11 40.51 -55.90 -28.79
CA ALA B 11 40.17 -54.54 -29.18
C ALA B 11 38.67 -54.29 -29.08
N PHE B 12 37.87 -55.28 -29.46
CA PHE B 12 36.43 -55.21 -29.32
C PHE B 12 36.07 -54.93 -27.86
N ASP B 13 36.66 -55.68 -26.94
CA ASP B 13 36.35 -55.48 -25.54
C ASP B 13 36.83 -54.12 -25.03
N VAL B 14 38.00 -53.66 -25.50
CA VAL B 14 38.52 -52.37 -25.05
C VAL B 14 37.57 -51.24 -25.45
N ILE B 15 36.99 -51.33 -26.65
CA ILE B 15 36.13 -50.26 -27.10
C ILE B 15 34.83 -50.23 -26.33
N GLU B 16 34.24 -51.41 -26.09
CA GLU B 16 33.04 -51.49 -25.28
C GLU B 16 33.27 -50.82 -23.94
N LEU B 17 34.33 -51.23 -23.22
CA LEU B 17 34.61 -50.59 -21.94
C LEU B 17 34.89 -49.11 -22.13
N SER B 18 35.53 -48.76 -23.24
CA SER B 18 35.88 -47.36 -23.45
C SER B 18 34.63 -46.49 -23.67
N SER B 19 33.65 -46.95 -24.44
CA SER B 19 32.43 -46.15 -24.68
C SER B 19 31.58 -46.04 -23.42
N GLN B 20 31.50 -47.11 -22.62
CA GLN B 20 30.73 -47.05 -21.41
C GLN B 20 31.37 -46.10 -20.41
N ILE B 21 32.70 -46.04 -20.38
CA ILE B 21 33.33 -44.99 -19.60
C ILE B 21 32.97 -43.63 -20.19
N GLN B 22 32.85 -43.56 -21.52
CA GLN B 22 32.45 -42.32 -22.14
C GLN B 22 31.03 -41.93 -21.73
N ARG B 23 30.11 -42.89 -21.73
CA ARG B 23 28.72 -42.64 -21.34
C ARG B 23 28.65 -42.17 -19.90
N TYR B 24 29.26 -42.93 -19.00
CA TYR B 24 29.31 -42.57 -17.59
C TYR B 24 29.82 -41.14 -17.36
N ALA B 25 30.91 -40.76 -18.05
CA ALA B 25 31.49 -39.46 -17.78
C ALA B 25 30.63 -38.31 -18.29
N SER B 26 29.73 -38.56 -19.21
CA SER B 26 28.96 -37.47 -19.80
C SER B 26 27.67 -37.21 -19.06
N LEU B 27 27.34 -38.01 -18.05
CA LEU B 27 26.08 -37.90 -17.33
C LEU B 27 26.30 -37.21 -16.00
N SER B 28 25.42 -36.26 -15.69
CA SER B 28 25.36 -35.68 -14.35
C SER B 28 24.52 -36.55 -13.42
N LYS B 29 23.55 -37.28 -13.96
CA LYS B 29 22.69 -38.11 -13.15
C LYS B 29 22.55 -39.49 -13.79
N ILE B 30 22.50 -40.50 -12.92
CA ILE B 30 22.35 -41.90 -13.30
C ILE B 30 21.25 -42.49 -12.43
N ASN B 31 20.21 -43.04 -13.06
CA ASN B 31 19.09 -43.63 -12.31
C ASN B 31 18.53 -42.64 -11.28
N ASN B 32 18.31 -41.41 -11.73
CA ASN B 32 17.65 -40.34 -10.99
C ASN B 32 18.49 -39.77 -9.85
N ARG B 33 19.77 -40.11 -9.77
CA ARG B 33 20.64 -39.63 -8.70
C ARG B 33 21.93 -39.06 -9.24
N THR B 34 22.54 -38.19 -8.46
CA THR B 34 23.77 -37.54 -8.85
C THR B 34 24.88 -38.57 -9.14
N ASN B 35 25.61 -38.34 -10.23
CA ASN B 35 26.78 -39.16 -10.53
C ASN B 35 27.78 -39.10 -9.37
N PRO B 36 28.08 -40.23 -8.72
CA PRO B 36 28.96 -40.22 -7.54
C PRO B 36 30.29 -39.50 -7.73
N ILE B 37 30.88 -39.55 -8.93
CA ILE B 37 32.18 -38.94 -9.15
C ILE B 37 32.13 -37.41 -9.12
N LEU B 38 30.94 -36.82 -9.17
CA LEU B 38 30.86 -35.36 -9.13
C LEU B 38 30.75 -34.82 -7.71
N LYS B 39 30.59 -35.69 -6.71
CA LYS B 39 30.25 -35.27 -5.35
C LYS B 39 31.44 -34.81 -4.51
N ASP B 40 32.66 -34.99 -4.97
CA ASP B 40 33.85 -34.62 -4.21
C ASP B 40 34.41 -33.32 -4.79
N ASN B 41 35.50 -32.84 -4.19
CA ASN B 41 36.09 -31.56 -4.57
C ASN B 41 37.56 -31.65 -4.92
N LYS B 42 38.09 -32.87 -5.09
CA LYS B 42 39.47 -33.13 -5.47
C LYS B 42 39.70 -32.85 -6.96
N ALA B 43 40.91 -32.36 -7.29
CA ALA B 43 41.23 -32.05 -8.68
C ALA B 43 41.58 -33.28 -9.53
N LYS B 44 41.91 -34.40 -8.89
CA LYS B 44 42.25 -35.63 -9.58
C LYS B 44 41.76 -36.81 -8.75
N GLU B 45 41.30 -37.84 -9.42
CA GLU B 45 40.95 -39.06 -8.71
C GLU B 45 41.16 -40.20 -9.69
N PHE B 46 41.67 -41.31 -9.18
CA PHE B 46 41.97 -42.48 -9.99
C PHE B 46 40.99 -43.60 -9.65
N LYS B 47 40.41 -44.21 -10.68
CA LYS B 47 39.44 -45.27 -10.46
C LYS B 47 40.05 -46.62 -10.76
N ASP B 48 39.79 -47.58 -9.87
CA ASP B 48 40.52 -48.84 -9.86
C ASP B 48 40.23 -49.69 -11.09
N ALA B 49 41.15 -50.62 -11.36
CA ALA B 49 41.00 -51.49 -12.51
C ALA B 49 39.98 -52.58 -12.30
N ASP B 50 39.56 -52.83 -11.04
CA ASP B 50 38.54 -53.85 -10.79
C ASP B 50 37.16 -53.42 -11.28
N LEU B 51 36.98 -52.14 -11.58
CA LEU B 51 35.74 -51.59 -12.12
C LEU B 51 34.58 -51.66 -11.11
N LYS B 52 34.88 -51.62 -9.81
CA LYS B 52 33.80 -51.52 -8.83
C LYS B 52 33.02 -50.21 -9.02
N TRP B 53 33.75 -49.11 -9.21
CA TRP B 53 33.17 -47.79 -9.40
C TRP B 53 32.22 -47.72 -10.59
N LEU B 54 32.20 -48.73 -11.47
CA LEU B 54 31.34 -48.68 -12.64
C LEU B 54 30.20 -49.70 -12.58
N LYS B 55 30.12 -50.49 -11.53
CA LYS B 55 29.04 -51.45 -11.40
C LYS B 55 27.93 -50.90 -10.50
N LEU B 56 26.74 -51.45 -10.70
CA LEU B 56 25.55 -50.96 -10.00
C LEU B 56 25.59 -51.31 -8.52
N GLU B 57 24.98 -50.44 -7.69
CA GLU B 57 24.90 -50.69 -6.24
C GLU B 57 24.04 -51.89 -5.91
N ASN B 58 23.12 -52.29 -6.79
CA ASN B 58 22.30 -53.47 -6.54
C ASN B 58 22.96 -54.75 -7.04
N CYS B 59 24.37 -54.77 -7.19
CA CYS B 59 24.92 -56.05 -7.65
C CYS B 59 25.18 -56.93 -6.43
N PRO B 60 25.21 -58.29 -6.61
CA PRO B 60 25.48 -59.19 -5.48
C PRO B 60 26.58 -58.65 -4.57
N THR B 61 27.69 -58.28 -5.18
CA THR B 61 28.67 -57.41 -4.53
C THR B 61 28.39 -55.99 -4.99
N ALA B 62 28.40 -55.06 -4.05
CA ALA B 62 27.89 -53.74 -4.36
C ALA B 62 28.90 -52.92 -5.16
N GLY B 63 28.44 -52.35 -6.28
CA GLY B 63 29.19 -51.34 -7.00
C GLY B 63 28.86 -49.95 -6.49
N ASP B 64 29.46 -48.94 -7.13
CA ASP B 64 29.30 -47.55 -6.75
C ASP B 64 28.25 -46.78 -7.52
N VAL B 65 27.73 -47.34 -8.60
CA VAL B 65 26.76 -46.63 -9.42
C VAL B 65 25.39 -46.74 -8.78
N PRO B 66 24.69 -45.64 -8.56
CA PRO B 66 23.39 -45.73 -7.88
C PRO B 66 22.33 -46.31 -8.80
N THR B 67 21.37 -46.99 -8.18
CA THR B 67 20.11 -47.39 -8.78
C THR B 67 18.99 -46.49 -8.24
N THR B 68 17.78 -46.66 -8.78
CA THR B 68 16.61 -45.90 -8.32
C THR B 68 16.07 -46.36 -6.96
N GLY B 69 16.66 -47.37 -6.32
CA GLY B 69 16.13 -47.84 -5.07
C GLY B 69 14.88 -48.69 -5.25
N ASN B 70 14.15 -48.42 -6.31
CA ASN B 70 12.96 -49.18 -6.67
C ASN B 70 13.32 -50.26 -7.70
N ASN B 71 13.07 -51.53 -7.35
CA ASN B 71 13.36 -52.66 -8.23
C ASN B 71 12.27 -52.90 -9.27
N ASN B 72 11.33 -51.97 -9.38
CA ASN B 72 10.34 -52.03 -10.44
C ASN B 72 10.83 -51.34 -11.70
N ASP B 73 11.64 -50.30 -11.54
CA ASP B 73 12.19 -49.53 -12.64
C ASP B 73 13.25 -50.30 -13.44
N LEU B 74 13.47 -49.84 -14.66
CA LEU B 74 14.61 -50.24 -15.46
C LEU B 74 15.84 -49.59 -14.84
N GLN B 75 16.90 -50.34 -14.69
CA GLN B 75 18.12 -49.75 -14.14
C GLN B 75 19.12 -49.52 -15.27
N ASP B 76 19.46 -48.25 -15.47
CA ASP B 76 20.56 -47.86 -16.35
C ASP B 76 21.86 -48.50 -15.85
N GLN B 77 22.61 -49.14 -16.75
CA GLN B 77 23.85 -49.77 -16.31
C GLN B 77 24.94 -49.59 -17.36
N PHE B 78 26.19 -49.75 -16.93
CA PHE B 78 27.33 -49.53 -17.81
C PHE B 78 28.06 -50.82 -18.17
N ILE B 79 28.43 -51.63 -17.19
CA ILE B 79 29.03 -52.95 -17.42
C ILE B 79 28.33 -53.93 -16.49
N ALA B 80 28.32 -55.22 -16.88
CA ALA B 80 27.69 -56.25 -16.07
C ALA B 80 28.40 -56.44 -14.74
N CYS B 81 27.69 -57.09 -13.79
CA CYS B 81 28.21 -57.21 -12.44
C CYS B 81 29.43 -58.12 -12.38
N ASP B 82 29.44 -59.17 -13.20
CA ASP B 82 30.56 -60.10 -13.27
C ASP B 82 31.61 -59.71 -14.31
N ALA B 83 31.55 -58.48 -14.83
CA ALA B 83 32.45 -58.06 -15.90
C ALA B 83 33.88 -57.90 -15.37
N ASP B 84 34.85 -58.35 -16.17
CA ASP B 84 36.27 -58.17 -15.84
C ASP B 84 37.04 -57.94 -17.14
N TYR B 85 37.67 -56.77 -17.24
CA TYR B 85 38.41 -56.34 -18.42
C TYR B 85 39.93 -56.42 -18.24
N ARG B 86 40.40 -57.06 -17.18
CA ARG B 86 41.82 -57.33 -17.01
C ARG B 86 42.22 -58.64 -17.70
N LYS B 87 41.91 -58.72 -18.99
CA LYS B 87 42.14 -59.91 -19.79
C LYS B 87 42.59 -59.47 -21.17
N GLY B 88 43.34 -60.34 -21.85
CA GLY B 88 43.79 -60.04 -23.19
C GLY B 88 45.13 -59.33 -23.20
N ASP B 89 45.59 -59.04 -24.42
CA ASP B 89 46.90 -58.40 -24.57
C ASP B 89 46.90 -56.96 -24.07
N LEU B 90 45.78 -56.25 -24.20
CA LEU B 90 45.61 -54.91 -23.67
C LEU B 90 44.65 -55.02 -22.48
N SER B 91 45.18 -54.86 -21.27
CA SER B 91 44.46 -55.17 -20.04
C SER B 91 44.12 -53.89 -19.30
N TYR B 92 42.83 -53.71 -18.98
CA TYR B 92 42.40 -52.47 -18.33
C TYR B 92 43.13 -52.30 -17.01
N PHE B 93 43.70 -51.11 -16.80
CA PHE B 93 44.56 -50.83 -15.67
C PHE B 93 43.99 -49.75 -14.74
N GLY B 94 42.91 -49.09 -15.11
CA GLY B 94 42.34 -48.00 -14.33
C GLY B 94 42.16 -46.74 -15.17
N SER B 95 41.49 -45.77 -14.58
CA SER B 95 41.21 -44.53 -15.30
C SER B 95 41.55 -43.34 -14.44
N GLN B 96 42.19 -42.37 -15.06
CA GLN B 96 42.58 -41.13 -14.40
C GLN B 96 41.55 -40.06 -14.76
N PHE B 97 40.69 -39.70 -13.81
CA PHE B 97 39.76 -38.60 -14.04
C PHE B 97 40.41 -37.33 -13.54
N GLU B 98 40.39 -36.29 -14.37
CA GLU B 98 40.80 -34.95 -13.94
C GLU B 98 39.57 -34.03 -13.93
N PHE B 99 39.43 -33.25 -12.86
CA PHE B 99 38.27 -32.42 -12.64
C PHE B 99 38.69 -30.97 -12.51
N SER B 100 37.71 -30.08 -12.65
CA SER B 100 37.83 -28.68 -12.26
C SER B 100 36.67 -28.34 -11.33
N THR B 101 36.90 -27.37 -10.45
CA THR B 101 35.86 -27.00 -9.51
C THR B 101 34.66 -26.44 -10.27
N TYR B 102 33.47 -26.65 -9.71
CA TYR B 102 32.27 -26.33 -10.44
C TYR B 102 31.11 -26.09 -9.49
N VAL B 103 30.40 -24.98 -9.67
CA VAL B 103 29.14 -24.75 -8.97
C VAL B 103 28.00 -24.99 -9.96
N HIS B 104 27.21 -26.02 -9.71
CA HIS B 104 26.11 -26.36 -10.59
C HIS B 104 24.95 -25.41 -10.33
N PRO B 105 24.30 -24.90 -11.38
CA PRO B 105 23.26 -23.88 -11.16
C PRO B 105 22.07 -24.40 -10.37
N SER B 106 21.88 -25.71 -10.24
CA SER B 106 20.70 -26.20 -9.56
C SER B 106 20.88 -27.44 -8.72
N ASN B 107 22.09 -28.00 -8.61
CA ASN B 107 22.33 -29.26 -7.90
C ASN B 107 23.49 -29.11 -6.92
N PRO B 108 23.20 -28.82 -5.65
CA PRO B 108 24.28 -28.67 -4.67
C PRO B 108 25.09 -29.95 -4.43
N GLU B 109 24.62 -31.13 -4.85
CA GLU B 109 25.42 -32.33 -4.66
C GLU B 109 26.65 -32.36 -5.58
N ILE B 110 26.59 -31.66 -6.70
CA ILE B 110 27.68 -31.59 -7.67
C ILE B 110 28.63 -30.49 -7.22
N GLN B 111 29.91 -30.86 -6.98
CA GLN B 111 30.95 -29.89 -6.62
C GLN B 111 32.08 -29.74 -7.63
N ARG B 112 32.19 -30.63 -8.61
CA ARG B 112 33.22 -30.51 -9.62
C ARG B 112 32.64 -30.96 -10.95
N GLN B 113 33.34 -30.65 -12.03
CA GLN B 113 33.00 -31.14 -13.35
C GLN B 113 34.23 -31.84 -13.95
N ILE B 114 33.97 -32.79 -14.85
CA ILE B 114 35.06 -33.59 -15.43
C ILE B 114 35.73 -32.80 -16.53
N LYS B 115 37.05 -32.69 -16.48
CA LYS B 115 37.71 -32.12 -17.65
C LYS B 115 38.08 -33.19 -18.67
N GLN B 116 38.72 -34.28 -18.22
CA GLN B 116 39.16 -35.35 -19.12
C GLN B 116 39.28 -36.65 -18.35
N VAL B 117 39.11 -37.74 -19.07
CA VAL B 117 39.33 -39.08 -18.56
C VAL B 117 40.43 -39.72 -19.41
N VAL B 118 41.44 -40.30 -18.75
CA VAL B 118 42.45 -41.08 -19.46
C VAL B 118 42.35 -42.49 -18.91
N SER B 119 42.00 -43.44 -19.77
CA SER B 119 41.84 -44.83 -19.39
C SER B 119 43.02 -45.64 -19.92
N TYR B 120 43.65 -46.41 -19.04
CA TYR B 120 44.89 -47.12 -19.29
C TYR B 120 44.64 -48.60 -19.52
N PHE B 121 45.31 -49.14 -20.53
CA PHE B 121 45.27 -50.57 -20.85
C PHE B 121 46.72 -51.06 -20.95
N GLN B 122 47.22 -51.72 -19.92
CA GLN B 122 48.59 -52.20 -19.94
C GLN B 122 48.80 -53.31 -20.94
N TYR B 123 49.95 -53.33 -21.57
CA TYR B 123 50.26 -54.32 -22.60
C TYR B 123 50.97 -55.55 -22.05
N ARG B 124 50.48 -56.71 -22.45
CA ARG B 124 50.98 -57.96 -21.98
C ARG B 124 51.49 -58.90 -23.07
N GLY B 125 51.62 -58.40 -24.29
CA GLY B 125 52.11 -59.22 -25.39
C GLY B 125 53.56 -59.59 -25.19
N MET B 126 54.07 -60.57 -25.97
CA MET B 126 55.44 -61.05 -25.75
C MET B 126 56.51 -60.00 -26.07
N GLU B 127 56.26 -59.13 -27.04
CA GLU B 127 57.22 -58.12 -27.46
C GLU B 127 56.63 -56.72 -27.31
N ARG B 128 57.41 -55.83 -26.68
CA ARG B 128 56.86 -54.53 -26.29
C ARG B 128 56.48 -53.70 -27.50
N ALA B 129 57.19 -53.85 -28.61
CA ALA B 129 56.89 -53.05 -29.79
C ALA B 129 55.58 -53.44 -30.44
N PHE B 130 54.99 -54.58 -30.08
CA PHE B 130 53.72 -54.90 -30.70
C PHE B 130 52.57 -54.13 -30.06
N ILE B 131 52.83 -53.36 -28.99
CA ILE B 131 51.76 -52.50 -28.49
C ILE B 131 51.35 -51.55 -29.61
N GLY B 132 52.24 -51.27 -30.56
CA GLY B 132 51.83 -50.46 -31.70
C GLY B 132 50.73 -51.12 -32.51
N ASP B 133 50.89 -52.40 -32.81
CA ASP B 133 49.89 -53.12 -33.58
C ASP B 133 48.57 -53.21 -32.82
N ALA B 134 48.64 -53.54 -31.52
CA ALA B 134 47.44 -53.72 -30.73
C ALA B 134 46.66 -52.40 -30.60
N ALA B 135 47.37 -51.29 -30.33
CA ALA B 135 46.72 -49.99 -30.34
C ALA B 135 46.06 -49.72 -31.68
N GLY B 136 46.69 -50.17 -32.77
CA GLY B 136 46.11 -49.96 -34.08
C GLY B 136 44.79 -50.69 -34.27
N TYR B 137 44.64 -51.84 -33.61
CA TYR B 137 43.37 -52.56 -33.68
C TYR B 137 42.31 -51.86 -32.82
N VAL B 138 42.72 -51.26 -31.70
CA VAL B 138 41.80 -50.50 -30.86
C VAL B 138 41.25 -49.30 -31.62
N ILE B 139 42.13 -48.52 -32.25
CA ILE B 139 41.71 -47.36 -33.01
C ILE B 139 40.84 -47.77 -34.19
N SER B 140 41.19 -48.87 -34.86
CA SER B 140 40.37 -49.35 -35.97
C SER B 140 39.02 -49.88 -35.50
N GLU B 141 39.01 -50.59 -34.36
CA GLU B 141 37.76 -51.12 -33.86
C GLU B 141 36.86 -50.00 -33.35
N ALA B 142 37.46 -48.92 -32.82
CA ALA B 142 36.71 -47.74 -32.39
C ALA B 142 35.95 -47.11 -33.56
N LYS B 143 36.65 -46.86 -34.67
CA LYS B 143 35.98 -46.28 -35.84
C LYS B 143 34.90 -47.19 -36.38
N LYS B 144 35.08 -48.51 -36.28
CA LYS B 144 34.09 -49.46 -36.75
C LYS B 144 32.83 -49.42 -35.90
N LYS B 145 32.98 -49.07 -34.63
CA LYS B 145 31.89 -49.03 -33.67
C LYS B 145 31.39 -47.61 -33.37
N GLY B 146 31.83 -46.61 -34.12
CA GLY B 146 31.31 -45.29 -33.87
C GLY B 146 31.83 -44.67 -32.61
N PHE B 147 32.91 -45.18 -32.03
CA PHE B 147 33.41 -44.61 -30.80
C PHE B 147 34.47 -43.56 -31.12
N SER B 148 34.22 -42.32 -30.64
CA SER B 148 35.08 -41.14 -30.80
C SER B 148 35.83 -40.80 -29.52
N ALA B 149 37.10 -41.17 -29.45
CA ALA B 149 37.94 -40.70 -28.37
C ALA B 149 38.69 -39.48 -28.88
N GLN B 150 39.34 -38.76 -27.98
CA GLN B 150 39.99 -37.53 -28.42
C GLN B 150 41.51 -37.68 -28.54
N ASP B 151 42.10 -38.74 -27.99
CA ASP B 151 43.53 -38.91 -28.23
C ASP B 151 43.95 -40.32 -27.81
N TYR B 152 44.88 -40.87 -28.59
CA TYR B 152 45.41 -42.20 -28.36
C TYR B 152 46.93 -42.09 -28.26
N ARG B 153 47.49 -42.62 -27.18
CA ARG B 153 48.91 -42.46 -26.93
C ARG B 153 49.42 -43.74 -26.28
N ILE B 154 50.71 -44.00 -26.49
CA ILE B 154 51.41 -45.07 -25.80
C ILE B 154 52.16 -44.43 -24.65
N VAL B 155 52.07 -45.03 -23.47
CA VAL B 155 52.52 -44.36 -22.27
C VAL B 155 53.25 -45.31 -21.32
N LEU B 156 54.10 -44.72 -20.47
CA LEU B 156 54.67 -45.40 -19.32
C LEU B 156 54.17 -44.71 -18.05
N ILE B 157 53.63 -45.47 -17.12
CA ILE B 157 53.03 -44.93 -15.92
C ILE B 157 53.66 -45.59 -14.70
N GLU B 158 53.72 -44.84 -13.62
CA GLU B 158 54.32 -45.25 -12.37
C GLU B 158 53.38 -44.89 -11.23
N PRO B 159 53.37 -45.69 -10.17
CA PRO B 159 52.52 -45.35 -9.01
C PRO B 159 52.88 -43.99 -8.42
N ASP B 160 51.87 -43.33 -7.89
CA ASP B 160 51.93 -42.01 -7.30
C ASP B 160 51.48 -42.09 -5.84
N ARG B 161 51.52 -40.93 -5.18
CA ARG B 161 50.95 -40.80 -3.84
C ARG B 161 49.44 -41.06 -3.88
N VAL B 162 48.77 -40.52 -4.90
CA VAL B 162 47.32 -40.69 -5.09
C VAL B 162 47.05 -41.84 -6.05
N GLY B 163 47.28 -41.60 -7.35
CA GLY B 163 47.07 -42.61 -8.37
C GLY B 163 48.34 -42.95 -9.12
N TYR B 164 48.41 -42.52 -10.37
CA TYR B 164 49.59 -42.70 -11.20
C TYR B 164 49.89 -41.39 -11.89
N PHE B 165 51.08 -41.32 -12.46
CA PHE B 165 51.46 -40.22 -13.33
C PHE B 165 52.23 -40.81 -14.50
N GLU B 166 52.23 -40.07 -15.61
CA GLU B 166 52.86 -40.51 -16.85
C GLU B 166 54.28 -39.98 -16.92
N SER B 167 55.25 -40.86 -16.66
CA SER B 167 56.63 -40.42 -16.78
C SER B 167 56.95 -40.06 -18.23
N ASN B 168 56.44 -40.85 -19.18
CA ASN B 168 56.69 -40.64 -20.61
C ASN B 168 55.45 -40.97 -21.43
N ALA B 169 55.29 -40.25 -22.54
CA ALA B 169 54.20 -40.52 -23.48
C ALA B 169 54.66 -40.27 -24.90
N ILE B 170 54.13 -41.03 -25.84
CA ILE B 170 54.40 -40.85 -27.27
C ILE B 170 53.11 -41.08 -28.05
N SER B 171 52.84 -40.20 -29.01
CA SER B 171 51.62 -40.34 -29.79
C SER B 171 51.65 -41.65 -30.57
N TYR B 172 50.46 -42.23 -30.77
CA TYR B 172 50.37 -43.47 -31.53
C TYR B 172 51.01 -43.35 -32.91
N GLU B 173 50.90 -42.19 -33.56
CA GLU B 173 51.42 -42.01 -34.91
C GLU B 173 52.94 -41.97 -34.93
N GLU B 174 53.54 -41.25 -33.98
CA GLU B 174 54.99 -41.19 -33.90
C GLU B 174 55.59 -42.55 -33.53
N PHE B 175 54.86 -43.34 -32.74
CA PHE B 175 55.29 -44.68 -32.35
C PHE B 175 55.35 -45.64 -33.53
N ILE B 176 54.46 -45.48 -34.50
CA ILE B 176 54.45 -46.40 -35.64
C ILE B 176 55.27 -45.87 -36.82
N GLU B 177 55.49 -44.56 -36.92
CA GLU B 177 56.10 -43.97 -38.10
C GLU B 177 57.56 -43.61 -37.89
N ASN B 178 58.00 -43.48 -36.64
CA ASN B 178 59.35 -43.01 -36.26
C ASN B 178 60.04 -44.08 -35.45
N PRO B 179 60.84 -44.95 -36.06
CA PRO B 179 61.48 -46.02 -35.26
C PRO B 179 62.40 -45.49 -34.18
N SER B 180 63.07 -44.37 -34.44
CA SER B 180 63.99 -43.82 -33.45
C SER B 180 63.24 -43.42 -32.19
N ALA B 181 62.16 -42.64 -32.33
CA ALA B 181 61.35 -42.30 -31.16
C ALA B 181 60.74 -43.53 -30.52
N ARG B 182 60.34 -44.48 -31.33
CA ARG B 182 59.82 -45.69 -30.75
C ARG B 182 60.84 -46.40 -29.89
N GLU B 183 62.02 -46.69 -30.44
CA GLU B 183 63.05 -47.43 -29.70
C GLU B 183 63.54 -46.68 -28.49
N ASN B 184 63.77 -45.37 -28.62
CA ASN B 184 64.11 -44.56 -27.45
C ASN B 184 63.02 -44.65 -26.39
N PHE B 185 61.76 -44.67 -26.82
CA PHE B 185 60.68 -44.73 -25.85
C PHE B 185 60.70 -46.05 -25.10
N LEU B 186 60.72 -47.16 -25.84
CA LEU B 186 60.75 -48.47 -25.22
C LEU B 186 61.95 -48.65 -24.29
N LEU B 187 63.04 -47.92 -24.51
CA LEU B 187 64.20 -48.02 -23.64
C LEU B 187 63.94 -47.47 -22.24
N LYS B 188 62.93 -46.62 -22.09
CA LYS B 188 62.55 -46.11 -20.77
C LYS B 188 61.64 -47.04 -20.00
N ALA B 189 61.25 -48.18 -20.61
CA ALA B 189 60.32 -49.15 -20.02
C ALA B 189 61.03 -50.05 -19.02
N THR B 190 61.47 -49.45 -17.91
CA THR B 190 62.13 -50.13 -16.81
C THR B 190 61.11 -50.95 -15.99
N LYS B 191 61.63 -51.78 -15.07
CA LYS B 191 60.77 -52.76 -14.39
C LYS B 191 59.71 -52.10 -13.52
N ASP B 192 59.98 -50.91 -13.00
CA ASP B 192 58.99 -50.25 -12.16
C ASP B 192 57.87 -49.59 -12.95
N ARG B 193 58.05 -49.39 -14.26
CA ARG B 193 57.04 -48.72 -15.07
C ARG B 193 56.11 -49.72 -15.75
N THR B 194 54.93 -49.23 -16.13
CA THR B 194 53.94 -50.02 -16.85
C THR B 194 53.77 -49.45 -18.25
N LEU B 195 53.91 -50.27 -19.26
CA LEU B 195 53.65 -49.86 -20.64
C LEU B 195 52.15 -49.95 -20.91
N ALA B 196 51.59 -48.92 -21.53
CA ALA B 196 50.14 -48.90 -21.65
C ALA B 196 49.67 -48.07 -22.85
N LEU B 197 48.50 -48.45 -23.36
CA LEU B 197 47.70 -47.61 -24.24
C LEU B 197 46.85 -46.69 -23.40
N ALA B 198 46.90 -45.40 -23.72
CA ALA B 198 46.14 -44.35 -23.05
C ALA B 198 45.04 -43.85 -23.97
N VAL B 199 43.79 -44.03 -23.57
CA VAL B 199 42.62 -43.63 -24.35
C VAL B 199 42.06 -42.41 -23.62
N SER B 200 42.05 -41.27 -24.31
CA SER B 200 41.74 -39.97 -23.71
C SER B 200 40.40 -39.42 -24.17
N LEU B 201 39.51 -39.23 -23.20
CA LEU B 201 38.24 -38.56 -23.39
C LEU B 201 38.37 -37.12 -22.92
N ALA B 202 37.91 -36.17 -23.71
CA ALA B 202 37.87 -34.79 -23.28
C ALA B 202 36.41 -34.35 -23.24
N GLN B 203 35.99 -33.82 -22.10
CA GLN B 203 34.62 -33.34 -21.92
C GLN B 203 34.54 -31.94 -22.51
N THR B 204 33.79 -31.81 -23.58
CA THR B 204 33.70 -30.55 -24.27
C THR B 204 32.27 -29.98 -24.20
N GLY B 205 31.96 -29.07 -25.12
CA GLY B 205 30.63 -28.56 -25.34
C GLY B 205 29.73 -29.51 -26.07
N GLU B 206 30.26 -30.64 -26.58
CA GLU B 206 29.43 -31.61 -27.28
C GLU B 206 28.50 -32.37 -26.34
N ILE B 207 28.82 -32.42 -25.04
CA ILE B 207 28.03 -33.17 -24.09
C ILE B 207 26.55 -32.93 -24.31
N ALA B 208 25.76 -33.99 -24.31
CA ALA B 208 24.34 -33.90 -24.62
C ALA B 208 23.52 -33.26 -23.49
N MET B 209 22.60 -32.36 -23.86
CA MET B 209 21.59 -31.81 -22.94
C MET B 209 20.56 -32.87 -22.63
N GLN B 210 20.24 -33.04 -21.36
CA GLN B 210 19.40 -34.14 -20.91
C GLN B 210 17.98 -33.64 -20.63
N ARG B 211 16.99 -34.52 -20.87
CA ARG B 211 15.60 -34.14 -20.69
C ARG B 211 15.24 -33.87 -19.24
N ASP B 212 16.05 -34.36 -18.30
CA ASP B 212 15.84 -34.11 -16.90
C ASP B 212 16.48 -32.81 -16.43
N GLY B 213 17.14 -32.08 -17.35
CA GLY B 213 17.76 -30.83 -17.02
C GLY B 213 18.99 -30.90 -16.16
N SER B 214 19.57 -32.10 -16.00
CA SER B 214 20.74 -32.26 -15.14
C SER B 214 22.01 -31.63 -15.72
N VAL B 215 22.03 -31.31 -17.00
CA VAL B 215 23.20 -30.70 -17.63
C VAL B 215 22.87 -29.27 -18.01
N ALA B 216 23.72 -28.34 -17.56
CA ALA B 216 23.58 -26.92 -17.84
C ALA B 216 24.26 -26.52 -19.15
N PHE B 217 23.65 -25.54 -19.83
CA PHE B 217 24.30 -24.84 -20.92
C PHE B 217 25.57 -24.15 -20.43
N LEU B 218 26.57 -24.09 -21.30
CA LEU B 218 27.78 -23.37 -21.00
C LEU B 218 27.49 -21.88 -20.91
N GLU B 219 28.37 -21.17 -20.19
CA GLU B 219 28.23 -19.74 -20.03
C GLU B 219 28.05 -19.04 -21.37
N ASP B 220 26.99 -18.25 -21.47
CA ASP B 220 26.71 -17.39 -22.61
C ASP B 220 26.44 -18.16 -23.88
N SER B 221 26.04 -19.42 -23.78
CA SER B 221 25.74 -20.10 -25.03
C SER B 221 24.30 -19.82 -25.44
N GLU B 222 24.05 -20.01 -26.72
CA GLU B 222 22.82 -19.58 -27.35
C GLU B 222 21.96 -20.78 -27.71
N LEU B 223 20.69 -20.72 -27.28
CA LEU B 223 19.66 -21.67 -27.67
C LEU B 223 19.04 -21.12 -28.95
N CYS B 224 19.13 -21.86 -30.04
CA CYS B 224 18.84 -21.35 -31.38
C CYS B 224 17.77 -22.16 -32.06
N TRP B 225 17.05 -21.50 -32.96
CA TRP B 225 16.12 -22.11 -33.89
C TRP B 225 16.54 -21.79 -35.32
N ASP B 226 16.49 -22.81 -36.18
CA ASP B 226 16.48 -22.57 -37.61
C ASP B 226 15.19 -21.81 -37.95
N THR B 227 15.29 -20.86 -38.86
CA THR B 227 14.12 -20.12 -39.31
C THR B 227 14.04 -20.11 -40.83
N ALA B 228 12.83 -19.89 -41.32
CA ALA B 228 12.53 -19.83 -42.74
C ALA B 228 13.24 -18.68 -43.46
N ALA B 229 13.94 -17.80 -42.74
CA ALA B 229 14.79 -16.85 -43.45
C ALA B 229 15.91 -17.56 -44.20
N GLY B 230 16.06 -18.87 -44.04
CA GLY B 230 16.96 -19.64 -44.85
C GLY B 230 18.15 -20.11 -44.04
N SER B 231 19.24 -19.36 -44.12
CA SER B 231 20.44 -19.62 -43.34
C SER B 231 20.52 -18.72 -42.13
N ALA B 232 19.47 -17.95 -41.86
CA ALA B 232 19.40 -17.14 -40.65
C ALA B 232 19.10 -18.00 -39.44
N LYS B 233 19.70 -17.63 -38.31
CA LYS B 233 19.45 -18.28 -37.03
C LYS B 233 18.98 -17.27 -36.00
N SER B 234 17.98 -17.65 -35.19
CA SER B 234 17.36 -16.80 -34.17
C SER B 234 17.51 -17.47 -32.81
N CYS B 235 18.25 -16.82 -31.91
CA CYS B 235 18.71 -17.43 -30.67
C CYS B 235 18.32 -16.62 -29.43
N LEU B 236 18.34 -17.28 -28.28
CA LEU B 236 18.21 -16.62 -27.00
C LEU B 236 19.25 -17.23 -26.07
N SER B 237 19.52 -16.54 -24.96
CA SER B 237 20.54 -16.98 -24.01
C SER B 237 20.31 -16.29 -22.67
N VAL B 238 20.99 -16.81 -21.65
CA VAL B 238 21.00 -16.24 -20.31
C VAL B 238 22.41 -15.75 -20.06
N ARG B 239 22.58 -14.43 -19.98
CA ARG B 239 23.86 -13.75 -19.83
C ARG B 239 24.02 -13.16 -18.43
N TYR B 240 25.26 -12.99 -18.01
CA TYR B 240 25.57 -12.28 -16.77
C TYR B 240 26.48 -11.11 -17.10
N ASP B 241 26.11 -9.92 -16.66
CA ASP B 241 26.92 -8.71 -16.80
C ASP B 241 27.41 -8.31 -15.43
N THR B 242 28.73 -8.44 -15.19
CA THR B 242 29.28 -8.18 -13.87
C THR B 242 29.27 -6.70 -13.54
N VAL B 243 29.23 -5.87 -14.58
CA VAL B 243 29.09 -4.44 -14.44
C VAL B 243 27.62 -4.15 -14.14
N GLY B 244 27.17 -4.63 -12.98
CA GLY B 244 25.84 -4.45 -12.44
C GLY B 244 25.32 -5.71 -11.78
N ASN B 245 26.15 -6.76 -11.79
CA ASN B 245 25.88 -8.03 -11.08
C ASN B 245 24.47 -8.58 -11.34
N LYS B 246 24.08 -8.64 -12.60
CA LYS B 246 22.72 -9.05 -12.93
C LYS B 246 22.72 -10.06 -14.08
N THR B 247 21.80 -11.04 -14.02
CA THR B 247 21.61 -11.94 -15.14
C THR B 247 20.45 -11.46 -16.01
N GLU B 248 20.58 -11.69 -17.31
CA GLU B 248 19.61 -11.22 -18.28
C GLU B 248 19.19 -12.38 -19.16
N LEU B 249 17.88 -12.59 -19.29
CA LEU B 249 17.35 -13.50 -20.32
C LEU B 249 17.23 -12.66 -21.57
N ASP B 250 18.17 -12.85 -22.50
CA ASP B 250 18.31 -12.01 -23.67
C ASP B 250 17.49 -12.60 -24.80
N LEU B 251 16.38 -11.94 -25.11
CA LEU B 251 15.50 -12.28 -26.22
C LEU B 251 15.60 -11.28 -27.37
N LYS B 252 16.60 -10.40 -27.35
CA LYS B 252 16.59 -9.31 -28.32
C LYS B 252 16.89 -9.77 -29.74
N GLN B 253 17.36 -11.00 -29.95
CA GLN B 253 17.53 -11.43 -31.34
C GLN B 253 16.20 -11.73 -32.02
N ILE B 254 15.15 -12.00 -31.26
CA ILE B 254 13.84 -12.32 -31.82
C ILE B 254 13.04 -11.03 -31.94
N ASP B 255 12.24 -10.92 -33.01
CA ASP B 255 11.59 -9.64 -33.27
C ASP B 255 10.47 -9.34 -32.24
N VAL B 256 9.61 -10.32 -31.94
CA VAL B 256 8.53 -10.12 -31.00
C VAL B 256 8.44 -11.30 -30.04
N VAL B 257 8.35 -11.01 -28.74
CA VAL B 257 7.97 -11.97 -27.71
C VAL B 257 6.46 -11.86 -27.52
N SER B 258 5.77 -12.98 -27.67
CA SER B 258 4.31 -13.06 -27.68
C SER B 258 3.83 -13.88 -26.48
N ALA B 259 3.26 -13.24 -25.50
CA ALA B 259 2.80 -13.98 -24.34
C ALA B 259 1.29 -14.07 -24.39
N LYS B 260 0.75 -14.94 -23.57
CA LYS B 260 -0.67 -14.88 -23.25
C LYS B 260 -0.76 -14.02 -22.00
N GLY B 261 -0.83 -14.64 -20.83
CA GLY B 261 -0.66 -13.91 -19.59
C GLY B 261 0.79 -13.50 -19.39
N LEU B 262 0.99 -12.35 -18.75
CA LEU B 262 2.29 -11.75 -18.52
C LEU B 262 2.29 -11.03 -17.17
N SER B 263 3.26 -11.34 -16.31
CA SER B 263 3.45 -10.63 -15.05
C SER B 263 4.93 -10.32 -14.86
N PHE B 264 5.23 -9.24 -14.13
CA PHE B 264 6.60 -8.78 -13.89
C PHE B 264 6.64 -8.16 -12.50
N GLU B 265 7.82 -7.76 -12.04
CA GLU B 265 7.96 -7.23 -10.69
C GLU B 265 8.46 -5.79 -10.69
N SER B 266 7.92 -5.02 -9.77
CA SER B 266 8.33 -3.65 -9.54
C SER B 266 8.38 -3.44 -8.03
N ASP B 267 9.58 -3.17 -7.49
CA ASP B 267 9.76 -2.93 -6.05
C ASP B 267 9.27 -4.10 -5.21
N GLY B 268 9.62 -5.31 -5.63
CA GLY B 268 9.21 -6.50 -4.92
C GLY B 268 7.76 -6.92 -5.13
N LYS B 269 6.91 -6.04 -5.68
CA LYS B 269 5.53 -6.39 -5.95
C LYS B 269 5.37 -6.91 -7.39
N THR B 270 4.45 -7.84 -7.55
CA THR B 270 4.13 -8.47 -8.83
C THR B 270 3.07 -7.65 -9.56
N LYS B 271 3.26 -7.47 -10.87
CA LYS B 271 2.41 -6.59 -11.67
C LYS B 271 2.00 -7.23 -13.00
N THR B 272 0.85 -6.85 -13.53
CA THR B 272 0.54 -7.05 -14.94
C THR B 272 0.53 -5.71 -15.65
N PRO B 273 0.70 -5.69 -16.97
CA PRO B 273 0.75 -4.40 -17.67
C PRO B 273 -0.55 -3.60 -17.54
N VAL B 274 -0.42 -2.30 -17.57
CA VAL B 274 -1.54 -1.42 -17.50
C VAL B 274 -2.24 -1.40 -18.85
N VAL B 275 -3.55 -1.58 -18.89
CA VAL B 275 -4.28 -1.56 -20.15
C VAL B 275 -5.36 -0.50 -20.05
N SER B 276 -5.64 0.18 -21.16
CA SER B 276 -6.45 1.39 -21.12
C SER B 276 -7.68 1.27 -22.02
N THR B 277 -8.79 1.91 -21.61
CA THR B 277 -9.92 2.09 -22.50
C THR B 277 -10.36 3.54 -22.45
N TYR B 278 -10.90 4.02 -23.57
CA TYR B 278 -11.47 5.34 -23.72
C TYR B 278 -12.97 5.28 -23.40
N GLU B 279 -13.43 6.11 -22.43
CA GLU B 279 -14.76 5.97 -21.84
C GLU B 279 -15.56 7.28 -21.80
N THR B 280 -16.86 7.17 -22.07
CA THR B 280 -17.82 8.23 -21.83
C THR B 280 -19.08 7.62 -21.22
N PHE B 281 -19.85 8.46 -20.56
CA PHE B 281 -21.09 8.04 -19.95
C PHE B 281 -22.22 7.98 -20.97
N GLN B 282 -23.15 7.05 -20.75
CA GLN B 282 -24.35 7.03 -21.59
C GLN B 282 -25.29 8.19 -21.26
N ASP B 283 -26.04 8.59 -22.28
CA ASP B 283 -27.03 9.65 -22.14
C ASP B 283 -27.97 9.36 -20.98
N GLY B 284 -28.40 10.41 -20.31
CA GLY B 284 -29.33 10.22 -19.23
C GLY B 284 -28.70 10.34 -17.86
N GLY B 285 -27.39 10.56 -17.78
CA GLY B 285 -26.76 10.67 -16.48
C GLY B 285 -26.72 9.37 -15.73
N ARG B 286 -26.66 8.23 -16.42
CA ARG B 286 -26.62 7.00 -15.67
C ARG B 286 -25.17 6.65 -15.34
N ALA B 287 -25.00 5.97 -14.22
CA ALA B 287 -23.70 5.54 -13.80
C ALA B 287 -23.07 4.60 -14.84
N LYS B 288 -21.75 4.51 -14.80
CA LYS B 288 -20.95 3.76 -15.75
C LYS B 288 -20.50 2.44 -15.14
N THR B 289 -20.62 1.35 -15.90
CA THR B 289 -20.08 0.05 -15.50
C THR B 289 -18.94 -0.35 -16.43
N ILE B 290 -17.83 -0.79 -15.85
CA ILE B 290 -16.71 -1.29 -16.64
C ILE B 290 -16.35 -2.67 -16.10
N ASN B 291 -16.22 -3.64 -17.00
CA ASN B 291 -15.84 -4.99 -16.59
C ASN B 291 -14.42 -5.02 -16.02
N ALA B 292 -14.25 -5.62 -14.86
CA ALA B 292 -12.92 -5.76 -14.30
C ALA B 292 -12.17 -6.83 -15.08
N ILE B 293 -10.89 -6.57 -15.37
CA ILE B 293 -10.06 -7.56 -16.07
C ILE B 293 -9.88 -8.81 -15.21
N GLU B 294 -9.60 -9.94 -15.86
CA GLU B 294 -9.32 -11.17 -15.13
C GLU B 294 -7.90 -11.12 -14.56
N CYS B 295 -7.79 -11.27 -13.27
CA CYS B 295 -6.44 -11.23 -12.74
C CYS B 295 -5.90 -12.62 -12.56
N PRO B 296 -4.59 -12.82 -12.73
CA PRO B 296 -4.01 -14.11 -12.32
C PRO B 296 -4.29 -14.32 -10.85
N THR B 297 -4.41 -15.59 -10.46
CA THR B 297 -4.69 -15.89 -9.06
C THR B 297 -3.60 -15.33 -8.16
N GLY B 298 -4.01 -14.75 -7.03
CA GLY B 298 -3.08 -14.18 -6.09
C GLY B 298 -2.77 -12.72 -6.36
N LEU B 299 -3.33 -12.13 -7.41
CA LEU B 299 -3.25 -10.72 -7.68
C LEU B 299 -4.65 -10.14 -7.61
N ASN B 300 -4.73 -8.82 -7.41
CA ASN B 300 -6.00 -8.16 -7.22
C ASN B 300 -6.15 -7.04 -8.24
N ASN B 301 -7.40 -6.68 -8.48
CA ASN B 301 -7.74 -5.68 -9.48
C ASN B 301 -7.41 -4.29 -8.97
N ARG B 302 -6.88 -3.47 -9.86
CA ARG B 302 -6.73 -2.05 -9.61
C ARG B 302 -7.33 -1.30 -10.79
N PHE B 303 -7.71 -0.04 -10.54
CA PHE B 303 -8.38 0.81 -11.53
C PHE B 303 -8.02 2.28 -11.27
N ALA B 304 -7.86 3.06 -12.33
CA ALA B 304 -7.76 4.51 -12.21
C ALA B 304 -8.31 5.15 -13.47
N ALA B 305 -9.09 6.19 -13.28
CA ALA B 305 -9.64 6.97 -14.37
C ALA B 305 -8.95 8.33 -14.38
N VAL B 306 -8.55 8.78 -15.57
CA VAL B 306 -7.91 10.09 -15.67
C VAL B 306 -8.65 10.88 -16.73
N VAL B 307 -8.74 12.21 -16.54
CA VAL B 307 -9.55 13.02 -17.46
C VAL B 307 -8.76 13.28 -18.74
N SER B 308 -9.46 13.14 -19.84
CA SER B 308 -8.94 13.43 -21.18
C SER B 308 -9.56 14.71 -21.69
N SER B 309 -10.88 14.73 -21.93
CA SER B 309 -11.60 15.96 -22.27
C SER B 309 -12.77 16.18 -21.30
N PHE B 310 -13.19 17.44 -21.19
CA PHE B 310 -14.37 17.83 -20.41
C PHE B 310 -14.85 19.20 -20.86
N SER B 311 -16.13 19.46 -20.57
CA SER B 311 -16.69 20.81 -20.62
C SER B 311 -17.84 20.90 -19.62
N THR B 312 -18.43 22.09 -19.49
CA THR B 312 -19.58 22.29 -18.60
C THR B 312 -20.91 22.13 -19.31
N ALA B 313 -20.92 21.44 -20.46
CA ALA B 313 -22.18 21.28 -21.18
C ALA B 313 -23.11 20.28 -20.51
N GLY B 314 -22.59 19.45 -19.60
CA GLY B 314 -23.42 18.47 -18.96
C GLY B 314 -23.92 17.44 -19.96
N GLN B 315 -25.24 17.38 -20.10
CA GLN B 315 -25.96 16.51 -21.01
C GLN B 315 -25.90 16.98 -22.45
N ASN B 316 -25.60 18.25 -22.69
CA ASN B 316 -25.69 18.83 -24.04
C ASN B 316 -24.36 18.69 -24.76
N ALA B 317 -23.95 17.43 -24.96
CA ALA B 317 -22.63 17.13 -25.46
C ALA B 317 -22.56 15.68 -25.94
N ASN B 318 -21.60 15.42 -26.84
CA ASN B 318 -21.24 14.04 -27.22
C ASN B 318 -19.71 13.98 -27.36
N PHE B 319 -19.04 13.30 -26.44
CA PHE B 319 -17.59 13.20 -26.45
C PHE B 319 -17.12 11.81 -26.86
N SER B 320 -18.01 10.97 -27.40
CA SER B 320 -17.63 9.56 -27.57
C SER B 320 -16.66 9.32 -28.74
N SER B 321 -16.52 10.25 -29.67
CA SER B 321 -15.51 10.10 -30.70
C SER B 321 -14.16 10.65 -30.21
N GLU B 322 -13.09 9.89 -30.42
CA GLU B 322 -11.76 10.30 -29.99
C GLU B 322 -11.22 11.47 -30.81
N SER B 323 -11.79 11.74 -31.98
CA SER B 323 -11.24 12.73 -32.88
C SER B 323 -12.00 14.06 -32.92
N ALA B 324 -13.19 14.15 -32.32
CA ALA B 324 -13.91 15.42 -32.29
C ALA B 324 -14.84 15.41 -31.10
N LYS B 325 -15.15 16.61 -30.60
CA LYS B 325 -15.99 16.79 -29.42
C LYS B 325 -17.16 17.70 -29.76
N ASP B 326 -18.36 17.27 -29.41
CA ASP B 326 -19.57 18.05 -29.64
C ASP B 326 -20.01 18.56 -28.26
N SER B 327 -20.10 19.89 -28.11
CA SER B 327 -20.32 20.54 -26.82
C SER B 327 -21.26 21.72 -27.07
N GLN B 328 -22.50 21.64 -26.57
CA GLN B 328 -23.58 22.53 -26.98
C GLN B 328 -24.01 23.53 -25.89
N GLY B 329 -23.18 23.76 -24.87
CA GLY B 329 -23.47 24.71 -23.82
C GLY B 329 -24.17 24.09 -22.60
N THR B 330 -24.35 24.95 -21.58
CA THR B 330 -24.90 24.55 -20.30
C THR B 330 -26.41 24.80 -20.29
N THR B 331 -27.16 23.89 -19.67
CA THR B 331 -28.60 24.08 -19.53
C THR B 331 -28.91 25.27 -18.63
N GLN B 332 -29.78 26.16 -19.10
CA GLN B 332 -30.24 27.31 -18.33
C GLN B 332 -31.51 26.99 -17.51
N LYS B 333 -31.92 27.93 -16.63
CA LYS B 333 -33.07 27.67 -15.77
C LYS B 333 -34.34 27.36 -16.57
N ASP B 334 -34.47 27.90 -17.77
CA ASP B 334 -35.66 27.68 -18.59
C ASP B 334 -35.55 26.44 -19.45
N GLY B 335 -34.52 25.62 -19.23
CA GLY B 335 -34.35 24.43 -20.03
C GLY B 335 -33.59 24.64 -21.33
N SER B 336 -33.38 25.87 -21.76
CA SER B 336 -32.68 26.07 -23.02
C SER B 336 -31.17 25.88 -22.84
N LYS B 337 -30.48 25.76 -23.98
CA LYS B 337 -29.03 25.61 -24.00
C LYS B 337 -28.40 26.99 -24.08
N GLY B 338 -27.57 27.34 -23.09
CA GLY B 338 -26.90 28.60 -23.13
C GLY B 338 -25.42 28.45 -23.42
N PRO B 339 -24.66 29.48 -23.12
CA PRO B 339 -23.20 29.36 -23.24
C PRO B 339 -22.69 28.37 -22.20
N HIS B 340 -21.40 28.07 -22.30
CA HIS B 340 -20.75 27.14 -21.39
C HIS B 340 -20.47 27.86 -20.08
N ALA B 341 -21.04 27.35 -18.98
CA ALA B 341 -20.72 27.87 -17.66
C ALA B 341 -19.29 27.58 -17.26
N LEU B 342 -18.84 28.30 -16.25
CA LEU B 342 -17.51 28.17 -15.68
C LEU B 342 -17.45 27.01 -14.67
N LEU B 343 -16.23 26.52 -14.46
CA LEU B 343 -15.97 25.27 -13.78
C LEU B 343 -15.27 25.49 -12.44
N SER B 344 -15.55 24.60 -11.48
CA SER B 344 -14.86 24.60 -10.20
C SER B 344 -14.29 23.26 -9.78
N GLY B 345 -14.70 22.15 -10.39
CA GLY B 345 -14.16 20.87 -10.02
C GLY B 345 -14.66 19.76 -10.92
N ILE B 346 -13.92 18.64 -10.88
CA ILE B 346 -14.34 17.39 -11.51
C ILE B 346 -14.05 16.29 -10.51
N SER B 347 -15.04 15.43 -10.24
CA SER B 347 -14.79 14.25 -9.42
C SER B 347 -15.04 12.98 -10.24
N LEU B 348 -14.13 12.01 -10.10
CA LEU B 348 -14.24 10.68 -10.70
C LEU B 348 -14.15 9.65 -9.59
N ASN B 349 -15.18 8.80 -9.45
CA ASN B 349 -15.25 7.85 -8.34
C ASN B 349 -15.44 6.43 -8.86
N TRP B 350 -14.86 5.45 -8.17
CA TRP B 350 -14.96 4.08 -8.66
C TRP B 350 -14.88 3.07 -7.53
N THR B 351 -15.74 2.07 -7.59
CA THR B 351 -15.83 1.01 -6.57
C THR B 351 -15.96 -0.33 -7.29
N LEU B 352 -15.26 -1.34 -6.81
CA LEU B 352 -15.31 -2.67 -7.42
C LEU B 352 -16.38 -3.51 -6.72
N THR B 353 -17.30 -4.04 -7.48
CA THR B 353 -18.34 -4.87 -6.95
C THR B 353 -18.50 -6.07 -7.85
N ASN B 354 -18.10 -7.25 -7.43
CA ASN B 354 -18.25 -8.48 -8.19
C ASN B 354 -17.90 -8.40 -9.69
N LYS B 355 -16.64 -8.21 -9.98
CA LYS B 355 -16.14 -8.05 -11.36
C LYS B 355 -16.66 -6.87 -12.17
N VAL B 356 -17.17 -5.85 -11.53
CA VAL B 356 -17.67 -4.68 -12.23
C VAL B 356 -17.17 -3.44 -11.54
N TRP B 357 -16.62 -2.52 -12.30
CA TRP B 357 -16.18 -1.27 -11.74
C TRP B 357 -17.32 -0.30 -11.97
N ASP B 358 -17.92 0.16 -10.89
CA ASP B 358 -18.99 1.16 -10.93
C ASP B 358 -18.32 2.53 -10.87
N VAL B 359 -18.46 3.29 -11.97
CA VAL B 359 -17.84 4.60 -12.11
C VAL B 359 -18.92 5.68 -12.19
N THR B 360 -18.78 6.70 -11.35
CA THR B 360 -19.62 7.90 -11.35
C THR B 360 -18.72 9.12 -11.52
N ALA B 361 -19.30 10.23 -12.00
CA ALA B 361 -18.57 11.48 -12.15
C ALA B 361 -19.46 12.68 -11.83
N SER B 362 -18.82 13.78 -11.50
CA SER B 362 -19.49 15.05 -11.30
C SER B 362 -18.59 16.15 -11.83
N ILE B 363 -19.19 17.11 -12.53
CA ILE B 363 -18.54 18.34 -12.90
C ILE B 363 -19.21 19.46 -12.10
N GLY B 364 -18.40 20.15 -11.29
CA GLY B 364 -18.89 21.27 -10.51
C GLY B 364 -18.72 22.54 -11.31
N ILE B 365 -19.81 23.33 -11.36
CA ILE B 365 -19.88 24.57 -12.15
C ILE B 365 -20.44 25.70 -11.30
N GLU B 366 -20.39 26.90 -11.87
CA GLU B 366 -20.88 28.07 -11.16
C GLU B 366 -22.37 27.94 -10.84
N SER B 367 -22.74 28.40 -9.66
CA SER B 367 -24.12 28.32 -9.21
C SER B 367 -24.99 29.39 -9.86
N GLY B 368 -26.30 29.27 -9.67
CA GLY B 368 -27.23 30.26 -10.19
C GLY B 368 -27.48 30.21 -11.69
N ILE B 369 -27.26 29.07 -12.34
CA ILE B 369 -27.42 28.94 -13.80
C ILE B 369 -28.30 27.76 -14.16
N LEU B 370 -28.07 26.63 -13.51
CA LEU B 370 -28.76 25.39 -13.83
C LEU B 370 -30.20 25.45 -13.33
N PRO B 371 -31.06 24.58 -13.86
CA PRO B 371 -32.38 24.40 -13.24
C PRO B 371 -32.25 24.08 -11.75
N THR B 372 -33.37 24.06 -11.01
CA THR B 372 -33.29 23.69 -9.60
C THR B 372 -33.24 22.17 -9.42
N SER B 373 -33.78 21.41 -10.35
CA SER B 373 -33.79 19.96 -10.27
C SER B 373 -33.39 19.37 -11.63
N GLY B 374 -33.08 18.07 -11.62
CA GLY B 374 -32.70 17.35 -12.83
C GLY B 374 -31.28 16.81 -12.76
N ILE B 375 -30.88 16.17 -13.86
CA ILE B 375 -29.55 15.58 -13.95
C ILE B 375 -28.48 16.64 -13.77
N ASP B 376 -28.63 17.77 -14.47
CA ASP B 376 -27.78 18.95 -14.27
C ASP B 376 -28.57 19.95 -13.42
N SER B 377 -28.20 20.08 -12.15
CA SER B 377 -28.96 20.97 -11.29
C SER B 377 -28.09 21.48 -10.14
N GLY B 378 -28.51 22.61 -9.57
CA GLY B 378 -27.75 23.25 -8.51
C GLY B 378 -26.43 23.76 -9.06
N SER B 379 -25.33 23.13 -8.65
CA SER B 379 -24.02 23.43 -9.21
C SER B 379 -23.34 22.17 -9.76
N LEU B 380 -24.12 21.13 -10.09
CA LEU B 380 -23.57 19.84 -10.48
C LEU B 380 -24.09 19.35 -11.82
N LEU B 381 -23.17 18.82 -12.64
CA LEU B 381 -23.50 18.06 -13.85
C LEU B 381 -23.17 16.59 -13.56
N ARG B 382 -24.21 15.75 -13.45
CA ARG B 382 -24.07 14.39 -12.93
C ARG B 382 -23.86 13.37 -14.05
N ASN B 383 -22.88 12.49 -13.86
CA ASN B 383 -22.43 11.50 -14.83
C ASN B 383 -22.47 12.11 -16.23
N PRO B 384 -21.81 13.24 -16.45
CA PRO B 384 -22.08 14.05 -17.64
C PRO B 384 -21.57 13.41 -18.90
N LYS B 385 -22.23 13.73 -20.00
CA LYS B 385 -21.73 13.36 -21.31
C LYS B 385 -20.56 14.24 -21.75
N SER B 386 -20.42 15.45 -21.17
CA SER B 386 -19.36 16.40 -21.52
C SER B 386 -18.05 16.07 -20.80
N LEU B 387 -17.61 14.81 -20.98
CA LEU B 387 -16.45 14.28 -20.28
C LEU B 387 -15.99 13.01 -21.01
N SER B 388 -14.68 12.90 -21.26
CA SER B 388 -14.10 11.64 -21.69
C SER B 388 -12.96 11.34 -20.74
N PHE B 389 -12.88 10.12 -20.24
CA PHE B 389 -11.79 9.72 -19.36
C PHE B 389 -11.13 8.46 -19.87
N ILE B 390 -9.86 8.29 -19.52
CA ILE B 390 -9.11 7.07 -19.84
C ILE B 390 -9.15 6.16 -18.62
N ALA B 391 -9.57 4.92 -18.80
CA ALA B 391 -9.60 3.96 -17.71
C ALA B 391 -8.41 3.02 -17.83
N PHE B 392 -7.60 2.95 -16.77
CA PHE B 392 -6.43 2.10 -16.67
C PHE B 392 -6.72 0.96 -15.71
N GLN B 393 -6.40 -0.26 -16.10
CA GLN B 393 -6.52 -1.40 -15.22
C GLN B 393 -5.21 -2.15 -15.21
N TRP B 394 -4.93 -2.78 -14.08
CA TRP B 394 -3.78 -3.65 -13.92
C TRP B 394 -4.07 -4.54 -12.71
N CYS B 395 -3.24 -5.53 -12.50
CA CYS B 395 -3.36 -6.43 -11.38
C CYS B 395 -2.09 -6.34 -10.55
N GLU B 396 -2.19 -6.53 -9.26
CA GLU B 396 -1.03 -6.47 -8.39
C GLU B 396 -1.25 -7.22 -7.11
N ASN B 397 -0.19 -7.48 -6.40
CA ASN B 397 -0.29 -8.18 -5.15
C ASN B 397 0.10 -7.28 -4.01
N GLU C 3 43.62 -54.25 -44.99
CA GLU C 3 42.42 -54.57 -45.76
C GLU C 3 41.71 -53.29 -46.20
N LEU C 4 40.94 -53.35 -47.28
CA LEU C 4 40.42 -52.12 -47.90
C LEU C 4 39.13 -51.62 -47.25
N MET C 5 38.94 -51.92 -45.96
CA MET C 5 38.04 -51.19 -45.09
C MET C 5 38.68 -49.93 -44.51
N ILE C 6 39.89 -49.59 -44.95
CA ILE C 6 40.47 -48.29 -44.66
C ILE C 6 39.65 -47.18 -45.31
N LYS C 7 38.83 -47.50 -46.31
CA LYS C 7 37.83 -46.59 -46.86
C LYS C 7 36.89 -46.09 -45.77
N SER C 8 36.10 -46.99 -45.19
CA SER C 8 35.24 -46.65 -44.07
C SER C 8 36.00 -45.89 -42.97
N SER C 9 37.19 -46.38 -42.59
CA SER C 9 37.93 -45.68 -41.55
C SER C 9 38.38 -44.30 -42.02
N ASN C 10 38.65 -44.14 -43.32
CA ASN C 10 39.00 -42.82 -43.83
C ASN C 10 37.78 -41.92 -43.81
N ALA C 11 36.63 -42.45 -44.22
CA ALA C 11 35.38 -41.69 -44.23
C ALA C 11 34.98 -41.30 -42.82
N PHE C 12 35.23 -42.17 -41.83
CA PHE C 12 34.98 -41.83 -40.44
C PHE C 12 35.69 -40.52 -40.05
N ASP C 13 36.98 -40.41 -40.40
CA ASP C 13 37.75 -39.21 -40.09
C ASP C 13 37.22 -37.98 -40.80
N VAL C 14 36.72 -38.15 -42.03
CA VAL C 14 36.17 -37.02 -42.76
C VAL C 14 34.96 -36.45 -42.03
N ILE C 15 34.08 -37.34 -41.54
CA ILE C 15 32.86 -36.91 -40.86
C ILE C 15 33.18 -36.36 -39.48
N GLU C 16 34.10 -37.02 -38.76
CA GLU C 16 34.57 -36.52 -37.48
C GLU C 16 35.08 -35.08 -37.58
N LEU C 17 36.01 -34.82 -38.52
CA LEU C 17 36.54 -33.47 -38.66
C LEU C 17 35.48 -32.47 -39.11
N SER C 18 34.64 -32.87 -40.06
CA SER C 18 33.61 -31.98 -40.59
C SER C 18 32.60 -31.63 -39.52
N SER C 19 32.26 -32.59 -38.67
CA SER C 19 31.30 -32.34 -37.62
C SER C 19 31.84 -31.30 -36.63
N GLN C 20 33.14 -31.34 -36.34
CA GLN C 20 33.73 -30.36 -35.43
C GLN C 20 33.79 -28.96 -36.06
N ILE C 21 34.03 -28.88 -37.38
CA ILE C 21 34.03 -27.59 -38.07
C ILE C 21 32.64 -26.97 -38.03
N GLN C 22 31.60 -27.81 -38.15
CA GLN C 22 30.22 -27.36 -38.06
C GLN C 22 29.91 -26.81 -36.67
N ARG C 23 30.40 -27.49 -35.64
CA ARG C 23 30.18 -27.03 -34.27
C ARG C 23 30.77 -25.64 -34.08
N TYR C 24 32.06 -25.51 -34.35
CA TYR C 24 32.77 -24.23 -34.33
C TYR C 24 32.02 -23.17 -35.14
N ALA C 25 31.51 -23.55 -36.31
CA ALA C 25 30.82 -22.60 -37.18
C ALA C 25 29.50 -22.14 -36.58
N SER C 26 28.95 -22.87 -35.61
CA SER C 26 27.67 -22.57 -35.01
C SER C 26 27.78 -21.75 -33.73
N LEU C 27 28.98 -21.45 -33.27
CA LEU C 27 29.17 -20.80 -31.99
C LEU C 27 29.50 -19.32 -32.18
N SER C 28 28.78 -18.46 -31.44
CA SER C 28 29.11 -17.03 -31.38
C SER C 28 30.24 -16.76 -30.41
N LYS C 29 30.35 -17.57 -29.38
CA LYS C 29 31.38 -17.45 -28.37
C LYS C 29 31.92 -18.85 -28.10
N ILE C 30 33.23 -18.92 -27.86
CA ILE C 30 33.89 -20.17 -27.48
C ILE C 30 34.75 -19.88 -26.27
N ASN C 31 34.46 -20.53 -25.16
CA ASN C 31 35.13 -20.29 -23.88
C ASN C 31 35.03 -18.82 -23.46
N ASN C 32 33.83 -18.25 -23.55
CA ASN C 32 33.53 -16.88 -23.12
C ASN C 32 34.19 -15.81 -23.96
N ARG C 33 34.71 -16.15 -25.14
CA ARG C 33 35.31 -15.17 -26.02
C ARG C 33 34.65 -15.28 -27.38
N THR C 34 34.61 -14.17 -28.11
CA THR C 34 34.02 -14.18 -29.43
C THR C 34 34.72 -15.19 -30.34
N ASN C 35 33.91 -15.90 -31.15
CA ASN C 35 34.48 -16.77 -32.18
C ASN C 35 35.33 -15.90 -33.08
N PRO C 36 36.66 -16.10 -33.10
CA PRO C 36 37.53 -15.23 -33.90
C PRO C 36 37.08 -15.05 -35.34
N ILE C 37 36.47 -16.07 -35.95
CA ILE C 37 36.09 -15.97 -37.35
C ILE C 37 34.95 -14.98 -37.58
N LEU C 38 34.25 -14.59 -36.52
CA LEU C 38 33.14 -13.66 -36.64
C LEU C 38 33.59 -12.20 -36.47
N LYS C 39 34.87 -11.96 -36.15
CA LYS C 39 35.33 -10.61 -35.82
C LYS C 39 35.59 -9.74 -37.05
N ASP C 40 35.64 -10.32 -38.25
CA ASP C 40 35.99 -9.62 -39.48
C ASP C 40 34.71 -9.33 -40.25
N ASN C 41 34.84 -8.71 -41.45
CA ASN C 41 33.66 -8.28 -42.21
C ASN C 41 33.66 -8.71 -43.67
N LYS C 42 34.59 -9.55 -44.09
CA LYS C 42 34.62 -10.05 -45.46
C LYS C 42 33.55 -11.12 -45.71
N ALA C 43 33.09 -11.18 -46.96
CA ALA C 43 32.05 -12.12 -47.38
C ALA C 43 32.53 -13.56 -47.53
N LYS C 44 33.85 -13.80 -47.62
CA LYS C 44 34.39 -15.15 -47.73
C LYS C 44 35.69 -15.25 -46.96
N GLU C 45 35.95 -16.43 -46.39
CA GLU C 45 37.26 -16.72 -45.84
C GLU C 45 37.52 -18.23 -45.97
N PHE C 46 38.75 -18.56 -46.31
CA PHE C 46 39.19 -19.94 -46.44
C PHE C 46 40.14 -20.23 -45.31
N LYS C 47 39.90 -21.31 -44.57
CA LYS C 47 40.75 -21.65 -43.44
C LYS C 47 41.65 -22.81 -43.84
N ASP C 48 42.91 -22.70 -43.46
CA ASP C 48 43.97 -23.54 -43.98
C ASP C 48 43.81 -24.99 -43.53
N ALA C 49 44.46 -25.90 -44.27
CA ALA C 49 44.35 -27.32 -44.01
C ALA C 49 45.16 -27.79 -42.82
N ASP C 50 46.12 -27.00 -42.33
CA ASP C 50 46.87 -27.45 -41.16
C ASP C 50 46.04 -27.42 -39.88
N LEU C 51 44.87 -26.75 -39.91
CA LEU C 51 43.88 -26.78 -38.83
C LEU C 51 44.37 -26.13 -37.54
N LYS C 52 45.32 -25.18 -37.60
CA LYS C 52 45.68 -24.45 -36.39
C LYS C 52 44.53 -23.55 -35.92
N TRP C 53 43.82 -22.96 -36.87
CA TRP C 53 42.66 -22.13 -36.56
C TRP C 53 41.59 -22.88 -35.78
N LEU C 54 41.67 -24.21 -35.67
CA LEU C 54 40.69 -25.01 -34.96
C LEU C 54 41.26 -25.65 -33.71
N LYS C 55 42.51 -25.36 -33.37
CA LYS C 55 43.13 -25.87 -32.15
C LYS C 55 43.16 -24.77 -31.08
N LEU C 56 43.28 -25.19 -29.83
CA LEU C 56 43.29 -24.26 -28.72
C LEU C 56 44.56 -23.41 -28.71
N GLU C 57 44.43 -22.16 -28.25
CA GLU C 57 45.57 -21.24 -28.17
C GLU C 57 46.59 -21.70 -27.14
N ASN C 58 46.15 -22.43 -26.13
CA ASN C 58 47.02 -22.85 -25.02
C ASN C 58 47.75 -24.16 -25.27
N CYS C 59 47.90 -24.57 -26.53
CA CYS C 59 48.60 -25.81 -26.86
C CYS C 59 50.08 -25.61 -27.08
N PRO C 60 50.88 -26.72 -26.94
CA PRO C 60 52.33 -26.66 -27.19
C PRO C 60 52.68 -25.78 -28.38
N THR C 61 52.02 -25.96 -29.52
CA THR C 61 51.96 -24.88 -30.50
C THR C 61 50.61 -24.19 -30.38
N ALA C 62 50.63 -22.86 -30.41
CA ALA C 62 49.42 -22.11 -30.10
C ALA C 62 48.47 -22.11 -31.29
N GLY C 63 47.21 -22.49 -31.04
CA GLY C 63 46.16 -22.37 -32.02
C GLY C 63 45.47 -21.01 -31.95
N ASP C 64 44.44 -20.86 -32.78
CA ASP C 64 43.65 -19.63 -32.88
C ASP C 64 42.38 -19.64 -32.04
N VAL C 65 42.00 -20.77 -31.47
CA VAL C 65 40.75 -20.87 -30.68
C VAL C 65 41.01 -20.37 -29.27
N PRO C 66 40.20 -19.44 -28.76
CA PRO C 66 40.49 -18.84 -27.46
C PRO C 66 40.22 -19.78 -26.29
N THR C 67 40.98 -19.57 -25.23
CA THR C 67 40.74 -20.14 -23.92
C THR C 67 40.15 -19.05 -23.02
N THR C 68 39.78 -19.43 -21.80
CA THR C 68 39.31 -18.40 -20.87
C THR C 68 40.48 -17.56 -20.36
N GLY C 69 41.55 -18.20 -19.91
CA GLY C 69 42.68 -17.49 -19.38
C GLY C 69 43.14 -18.19 -18.12
N ASN C 70 42.18 -18.81 -17.43
CA ASN C 70 42.46 -19.64 -16.27
C ASN C 70 42.58 -21.06 -16.80
N ASN C 71 43.76 -21.63 -16.72
CA ASN C 71 43.97 -22.95 -17.31
C ASN C 71 43.56 -24.07 -16.38
N ASN C 72 42.93 -23.76 -15.25
CA ASN C 72 42.31 -24.78 -14.43
C ASN C 72 40.87 -25.02 -14.84
N ASP C 73 40.27 -24.08 -15.57
CA ASP C 73 38.90 -24.25 -16.04
C ASP C 73 38.82 -25.35 -17.10
N LEU C 74 37.59 -25.81 -17.32
CA LEU C 74 37.31 -26.67 -18.45
C LEU C 74 37.44 -25.82 -19.71
N GLN C 75 38.18 -26.30 -20.69
CA GLN C 75 38.28 -25.64 -21.98
C GLN C 75 37.51 -26.44 -23.02
N ASP C 76 36.47 -25.82 -23.58
CA ASP C 76 35.81 -26.39 -24.75
C ASP C 76 36.85 -26.45 -25.87
N GLN C 77 36.92 -27.59 -26.54
CA GLN C 77 37.87 -27.77 -27.62
C GLN C 77 37.19 -28.57 -28.72
N PHE C 78 37.82 -28.56 -29.90
CA PHE C 78 37.29 -29.21 -31.09
C PHE C 78 38.08 -30.42 -31.55
N ILE C 79 39.40 -30.30 -31.72
CA ILE C 79 40.27 -31.41 -32.09
C ILE C 79 41.48 -31.38 -31.16
N ALA C 80 42.13 -32.54 -31.04
CA ALA C 80 43.35 -32.57 -30.26
C ALA C 80 44.42 -31.72 -30.93
N CYS C 81 45.37 -31.26 -30.14
CA CYS C 81 46.38 -30.38 -30.72
C CYS C 81 47.36 -31.12 -31.63
N ASP C 82 47.56 -32.43 -31.48
CA ASP C 82 48.42 -33.15 -32.43
C ASP C 82 47.64 -33.63 -33.65
N ALA C 83 46.41 -33.18 -33.83
CA ALA C 83 45.53 -33.68 -34.89
C ALA C 83 46.00 -33.24 -36.27
N ASP C 84 45.88 -34.14 -37.24
CA ASP C 84 46.20 -33.84 -38.63
C ASP C 84 45.30 -34.69 -39.52
N TYR C 85 44.51 -34.05 -40.38
CA TYR C 85 43.60 -34.78 -41.26
C TYR C 85 44.06 -34.76 -42.71
N ARG C 86 45.29 -34.31 -42.99
CA ARG C 86 45.86 -34.36 -44.34
C ARG C 86 46.50 -35.71 -44.60
N LYS C 87 45.72 -36.75 -44.39
CA LYS C 87 46.18 -38.12 -44.54
C LYS C 87 45.06 -38.93 -45.15
N GLY C 88 45.43 -40.01 -45.81
CA GLY C 88 44.44 -40.90 -46.36
C GLY C 88 44.05 -40.47 -47.75
N ASP C 89 43.16 -41.27 -48.35
CA ASP C 89 42.74 -40.98 -49.72
C ASP C 89 41.88 -39.72 -49.79
N LEU C 90 41.12 -39.41 -48.76
CA LEU C 90 40.37 -38.15 -48.69
C LEU C 90 41.07 -37.31 -47.65
N SER C 91 41.87 -36.37 -48.14
CA SER C 91 42.83 -35.63 -47.35
C SER C 91 42.31 -34.22 -47.19
N TYR C 92 42.23 -33.76 -45.94
CA TYR C 92 41.62 -32.46 -45.66
C TYR C 92 42.39 -31.34 -46.35
N PHE C 93 41.67 -30.52 -47.10
CA PHE C 93 42.27 -29.47 -47.92
C PHE C 93 41.94 -28.06 -47.43
N GLY C 94 41.08 -27.91 -46.44
CA GLY C 94 40.64 -26.61 -45.98
C GLY C 94 39.13 -26.46 -46.03
N SER C 95 38.66 -25.33 -45.51
CA SER C 95 37.23 -25.05 -45.45
C SER C 95 36.92 -23.65 -45.93
N GLN C 96 35.83 -23.53 -46.71
CA GLN C 96 35.38 -22.27 -47.29
C GLN C 96 34.19 -21.75 -46.47
N PHE C 97 34.40 -20.67 -45.72
CA PHE C 97 33.33 -20.01 -44.98
C PHE C 97 32.74 -18.89 -45.82
N GLU C 98 31.41 -18.81 -45.87
CA GLU C 98 30.71 -17.68 -46.47
C GLU C 98 29.89 -16.96 -45.41
N PHE C 99 30.01 -15.63 -45.39
CA PHE C 99 29.40 -14.82 -44.35
C PHE C 99 28.41 -13.81 -44.94
N SER C 100 27.56 -13.31 -44.04
CA SER C 100 26.80 -12.08 -44.24
C SER C 100 27.05 -11.22 -43.02
N THR C 101 27.02 -9.89 -43.21
CA THR C 101 27.23 -9.00 -42.08
C THR C 101 26.03 -9.07 -41.14
N TYR C 102 26.30 -8.81 -39.86
CA TYR C 102 25.35 -9.02 -38.78
C TYR C 102 25.75 -8.14 -37.61
N VAL C 103 24.79 -7.46 -37.02
CA VAL C 103 25.03 -6.74 -35.77
C VAL C 103 24.42 -7.59 -34.65
N HIS C 104 25.27 -8.06 -33.75
CA HIS C 104 24.77 -8.90 -32.67
C HIS C 104 24.18 -8.04 -31.57
N PRO C 105 22.97 -8.34 -31.10
CA PRO C 105 22.32 -7.47 -30.11
C PRO C 105 23.04 -7.37 -28.79
N SER C 106 24.02 -8.23 -28.52
CA SER C 106 24.71 -8.20 -27.23
C SER C 106 26.21 -8.43 -27.34
N ASN C 107 26.77 -8.52 -28.55
CA ASN C 107 28.21 -8.70 -28.70
C ASN C 107 28.69 -7.73 -29.78
N PRO C 108 29.20 -6.57 -29.38
CA PRO C 108 29.66 -5.61 -30.40
C PRO C 108 30.87 -6.10 -31.18
N GLU C 109 31.57 -7.12 -30.68
CA GLU C 109 32.75 -7.66 -31.34
C GLU C 109 32.42 -8.43 -32.60
N ILE C 110 31.20 -8.94 -32.72
CA ILE C 110 30.78 -9.75 -33.86
C ILE C 110 30.34 -8.82 -34.98
N GLN C 111 30.94 -8.98 -36.17
CA GLN C 111 30.56 -8.19 -37.34
C GLN C 111 29.90 -8.98 -38.46
N ARG C 112 29.92 -10.32 -38.42
CA ARG C 112 29.27 -11.13 -39.46
C ARG C 112 28.70 -12.42 -38.87
N GLN C 113 27.84 -13.07 -39.67
CA GLN C 113 27.27 -14.36 -39.33
C GLN C 113 27.54 -15.34 -40.47
N ILE C 114 27.68 -16.61 -40.14
CA ILE C 114 28.03 -17.63 -41.14
C ILE C 114 26.76 -18.08 -41.84
N LYS C 115 26.79 -18.05 -43.17
CA LYS C 115 25.73 -18.62 -44.00
C LYS C 115 25.99 -20.07 -44.40
N GLN C 116 27.23 -20.40 -44.75
CA GLN C 116 27.58 -21.76 -45.14
C GLN C 116 29.07 -22.00 -44.93
N VAL C 117 29.39 -23.24 -44.56
CA VAL C 117 30.76 -23.73 -44.49
C VAL C 117 30.86 -24.97 -45.35
N VAL C 118 31.89 -25.02 -46.20
CA VAL C 118 32.15 -26.18 -47.04
C VAL C 118 33.56 -26.66 -46.70
N SER C 119 33.67 -27.93 -46.32
CA SER C 119 34.97 -28.51 -46.01
C SER C 119 35.37 -29.43 -47.15
N TYR C 120 36.55 -29.18 -47.71
CA TYR C 120 37.04 -29.87 -48.90
C TYR C 120 38.06 -30.94 -48.53
N PHE C 121 37.92 -32.10 -49.14
CA PHE C 121 38.86 -33.20 -48.98
C PHE C 121 39.39 -33.60 -50.35
N GLN C 122 40.64 -33.26 -50.64
CA GLN C 122 41.19 -33.62 -51.93
C GLN C 122 41.41 -35.12 -52.03
N TYR C 123 41.11 -35.66 -53.20
CA TYR C 123 41.27 -37.08 -53.42
C TYR C 123 42.68 -37.37 -53.91
N ARG C 124 43.38 -38.22 -53.17
CA ARG C 124 44.74 -38.63 -53.52
C ARG C 124 44.78 -40.13 -53.81
N GLY C 125 43.62 -40.69 -54.15
CA GLY C 125 43.56 -42.09 -54.52
C GLY C 125 44.30 -42.36 -55.81
N MET C 126 44.55 -43.63 -56.05
CA MET C 126 45.41 -44.03 -57.15
C MET C 126 44.76 -43.75 -58.51
N GLU C 127 43.45 -43.98 -58.62
CA GLU C 127 42.68 -43.71 -59.84
C GLU C 127 41.61 -42.66 -59.50
N ARG C 128 41.55 -41.58 -60.28
CA ARG C 128 40.68 -40.47 -59.90
C ARG C 128 39.20 -40.84 -60.00
N ALA C 129 38.85 -41.80 -60.86
CA ALA C 129 37.44 -42.15 -61.00
C ALA C 129 36.87 -42.85 -59.77
N PHE C 130 37.70 -43.29 -58.82
CA PHE C 130 37.19 -43.91 -57.62
C PHE C 130 36.78 -42.93 -56.53
N ILE C 131 36.91 -41.61 -56.76
CA ILE C 131 36.47 -40.68 -55.75
C ILE C 131 35.01 -40.91 -55.43
N GLY C 132 34.24 -41.38 -56.42
CA GLY C 132 32.84 -41.68 -56.18
C GLY C 132 32.65 -42.79 -55.16
N ASP C 133 33.46 -43.83 -55.26
CA ASP C 133 33.39 -44.91 -54.28
C ASP C 133 33.74 -44.40 -52.89
N ALA C 134 34.80 -43.59 -52.79
CA ALA C 134 35.19 -43.06 -51.50
C ALA C 134 34.07 -42.21 -50.90
N ALA C 135 33.47 -41.35 -51.74
CA ALA C 135 32.35 -40.51 -51.31
C ALA C 135 31.19 -41.32 -50.78
N GLY C 136 30.97 -42.53 -51.33
CA GLY C 136 29.90 -43.36 -50.82
C GLY C 136 30.11 -43.75 -49.37
N TYR C 137 31.37 -43.89 -48.96
CA TYR C 137 31.65 -44.23 -47.57
C TYR C 137 31.48 -43.05 -46.64
N VAL C 138 31.80 -41.83 -47.11
CA VAL C 138 31.58 -40.64 -46.30
C VAL C 138 30.09 -40.49 -46.01
N ILE C 139 29.25 -40.71 -47.03
CA ILE C 139 27.80 -40.60 -46.85
C ILE C 139 27.32 -41.62 -45.83
N SER C 140 27.87 -42.83 -45.86
CA SER C 140 27.49 -43.85 -44.89
C SER C 140 27.90 -43.47 -43.47
N GLU C 141 29.11 -42.95 -43.32
CA GLU C 141 29.56 -42.54 -42.01
C GLU C 141 28.78 -41.32 -41.51
N ALA C 142 28.35 -40.45 -42.43
CA ALA C 142 27.50 -39.33 -42.04
C ALA C 142 26.21 -39.83 -41.41
N LYS C 143 25.54 -40.77 -42.08
CA LYS C 143 24.29 -41.31 -41.56
C LYS C 143 24.50 -41.93 -40.18
N LYS C 144 25.65 -42.52 -39.94
CA LYS C 144 25.90 -43.14 -38.64
C LYS C 144 26.02 -42.12 -37.52
N LYS C 145 26.36 -40.86 -37.82
CA LYS C 145 26.48 -39.82 -36.81
C LYS C 145 25.30 -38.83 -36.83
N GLY C 146 24.20 -39.19 -37.50
CA GLY C 146 23.03 -38.36 -37.58
C GLY C 146 23.03 -37.26 -38.62
N PHE C 147 23.93 -37.31 -39.60
CA PHE C 147 24.02 -36.28 -40.63
C PHE C 147 23.28 -36.69 -41.90
N SER C 148 22.61 -35.70 -42.51
CA SER C 148 21.66 -35.92 -43.62
C SER C 148 22.22 -36.77 -44.75
N ALA C 149 23.35 -36.35 -45.32
CA ALA C 149 24.02 -37.11 -46.37
C ALA C 149 23.23 -37.07 -47.69
N GLN C 150 22.79 -35.87 -48.04
CA GLN C 150 21.98 -35.68 -49.21
C GLN C 150 22.33 -34.49 -50.11
N ASP C 151 23.33 -33.72 -49.72
CA ASP C 151 23.73 -32.50 -50.43
C ASP C 151 25.18 -32.52 -50.92
N TYR C 152 25.71 -33.69 -51.27
CA TYR C 152 27.13 -33.83 -51.58
C TYR C 152 27.40 -33.67 -53.07
N ARG C 153 28.60 -33.19 -53.37
CA ARG C 153 29.02 -32.97 -54.75
C ARG C 153 30.54 -33.18 -54.82
N ILE C 154 31.02 -33.55 -56.01
CA ILE C 154 32.44 -33.61 -56.30
C ILE C 154 32.82 -32.38 -57.11
N VAL C 155 33.94 -31.76 -56.75
CA VAL C 155 34.34 -30.46 -57.26
C VAL C 155 35.82 -30.46 -57.66
N LEU C 156 36.15 -29.50 -58.51
CA LEU C 156 37.53 -29.12 -58.81
C LEU C 156 37.76 -27.72 -58.29
N ILE C 157 38.80 -27.55 -57.48
CA ILE C 157 39.03 -26.25 -56.85
C ILE C 157 40.43 -25.78 -57.19
N GLU C 158 40.57 -24.46 -57.31
CA GLU C 158 41.82 -23.79 -57.59
C GLU C 158 41.85 -22.45 -56.88
N PRO C 159 43.05 -21.93 -56.57
CA PRO C 159 43.14 -20.64 -55.85
C PRO C 159 42.42 -19.50 -56.55
N ASP C 160 41.90 -18.58 -55.73
CA ASP C 160 41.23 -17.37 -56.14
C ASP C 160 42.00 -16.20 -55.53
N ARG C 161 41.53 -14.98 -55.77
CA ARG C 161 42.13 -13.83 -55.10
C ARG C 161 42.02 -14.04 -53.58
N VAL C 162 40.86 -14.49 -53.13
CA VAL C 162 40.63 -14.88 -51.74
C VAL C 162 40.46 -16.41 -51.73
N GLY C 163 41.26 -17.09 -50.91
CA GLY C 163 41.17 -18.52 -50.75
C GLY C 163 41.09 -19.34 -52.02
N TYR C 164 39.96 -20.04 -52.24
CA TYR C 164 39.74 -20.87 -53.42
C TYR C 164 38.32 -20.67 -53.94
N PHE C 165 38.08 -21.19 -55.15
CA PHE C 165 36.73 -21.24 -55.73
C PHE C 165 36.55 -22.58 -56.45
N GLU C 166 35.28 -22.98 -56.60
CA GLU C 166 34.89 -24.24 -57.25
C GLU C 166 34.64 -23.95 -58.72
N SER C 167 35.62 -24.28 -59.54
CA SER C 167 35.50 -24.07 -60.98
C SER C 167 34.43 -24.97 -61.60
N ASN C 168 34.34 -26.22 -61.16
CA ASN C 168 33.33 -27.16 -61.64
C ASN C 168 32.85 -28.07 -60.52
N ALA C 169 31.59 -28.45 -60.61
CA ALA C 169 30.99 -29.30 -59.60
C ALA C 169 30.01 -30.26 -60.27
N ILE C 170 29.90 -31.45 -59.69
CA ILE C 170 28.94 -32.45 -60.10
C ILE C 170 28.40 -33.13 -58.85
N SER C 171 27.09 -33.34 -58.82
CA SER C 171 26.47 -33.98 -57.67
C SER C 171 27.00 -35.40 -57.51
N TYR C 172 27.07 -35.83 -56.25
CA TYR C 172 27.46 -37.21 -55.98
C TYR C 172 26.58 -38.18 -56.73
N GLU C 173 25.30 -37.85 -56.89
CA GLU C 173 24.38 -38.74 -57.57
C GLU C 173 24.66 -38.80 -59.07
N GLU C 174 24.97 -37.66 -59.70
CA GLU C 174 25.31 -37.68 -61.11
C GLU C 174 26.64 -38.37 -61.34
N PHE C 175 27.59 -38.23 -60.41
CA PHE C 175 28.88 -38.89 -60.58
C PHE C 175 28.73 -40.41 -60.60
N ILE C 176 27.75 -40.94 -59.88
CA ILE C 176 27.57 -42.38 -59.79
C ILE C 176 26.63 -42.94 -60.85
N GLU C 177 25.61 -42.16 -61.26
CA GLU C 177 24.55 -42.65 -62.12
C GLU C 177 24.64 -42.21 -63.57
N ASN C 178 25.42 -41.17 -63.87
CA ASN C 178 25.43 -40.55 -65.19
C ASN C 178 26.84 -40.72 -65.75
N PRO C 179 27.10 -41.82 -66.45
CA PRO C 179 28.47 -42.04 -66.96
C PRO C 179 28.94 -40.95 -67.91
N SER C 180 28.03 -40.36 -68.69
CA SER C 180 28.41 -39.29 -69.60
C SER C 180 28.85 -38.05 -68.84
N ALA C 181 28.02 -37.58 -67.89
CA ALA C 181 28.39 -36.43 -67.09
C ALA C 181 29.65 -36.71 -66.27
N ARG C 182 29.79 -37.92 -65.75
CA ARG C 182 30.99 -38.27 -64.98
C ARG C 182 32.25 -38.03 -65.81
N GLU C 183 32.32 -38.61 -67.00
CA GLU C 183 33.53 -38.51 -67.79
C GLU C 183 33.78 -37.07 -68.25
N ASN C 184 32.72 -36.34 -68.60
CA ASN C 184 32.88 -34.93 -68.92
C ASN C 184 33.51 -34.17 -67.76
N PHE C 185 33.08 -34.49 -66.53
CA PHE C 185 33.70 -33.85 -65.37
C PHE C 185 35.15 -34.25 -65.25
N LEU C 186 35.42 -35.57 -65.20
CA LEU C 186 36.78 -36.07 -65.06
C LEU C 186 37.67 -35.55 -66.17
N LEU C 187 37.08 -35.20 -67.32
CA LEU C 187 37.84 -34.69 -68.44
C LEU C 187 38.46 -33.34 -68.10
N LYS C 188 37.89 -32.63 -67.13
CA LYS C 188 38.38 -31.35 -66.64
C LYS C 188 39.42 -31.47 -65.52
N ALA C 189 39.70 -32.66 -65.00
CA ALA C 189 40.55 -32.81 -63.81
C ALA C 189 42.04 -32.70 -64.16
N THR C 190 42.42 -31.51 -64.64
CA THR C 190 43.80 -31.24 -64.98
C THR C 190 44.64 -30.96 -63.72
N LYS C 191 45.95 -30.97 -63.89
CA LYS C 191 46.87 -30.81 -62.77
C LYS C 191 46.82 -29.41 -62.17
N ASP C 192 46.30 -28.40 -62.89
CA ASP C 192 46.23 -27.05 -62.33
C ASP C 192 45.13 -26.95 -61.29
N ARG C 193 44.11 -27.80 -61.40
CA ARG C 193 43.01 -27.92 -60.46
C ARG C 193 43.21 -29.07 -59.48
N THR C 194 42.45 -29.01 -58.38
CA THR C 194 42.45 -30.03 -57.33
C THR C 194 41.11 -30.74 -57.30
N LEU C 195 41.13 -32.08 -57.43
CA LEU C 195 39.92 -32.86 -57.28
C LEU C 195 39.65 -33.12 -55.82
N ALA C 196 38.40 -32.90 -55.39
CA ALA C 196 38.05 -32.96 -53.98
C ALA C 196 36.58 -33.31 -53.79
N LEU C 197 36.29 -33.95 -52.65
CA LEU C 197 34.93 -34.07 -52.13
C LEU C 197 34.59 -32.84 -51.29
N ALA C 198 33.42 -32.23 -51.55
CA ALA C 198 32.96 -31.03 -50.84
C ALA C 198 31.87 -31.41 -49.85
N VAL C 199 32.15 -31.21 -48.56
CA VAL C 199 31.28 -31.69 -47.48
C VAL C 199 30.61 -30.51 -46.80
N SER C 200 29.29 -30.48 -46.89
CA SER C 200 28.44 -29.53 -46.19
C SER C 200 27.48 -30.37 -45.35
N LEU C 201 27.65 -30.38 -44.03
CA LEU C 201 26.83 -31.24 -43.20
C LEU C 201 25.57 -30.53 -42.72
N ALA C 202 24.45 -31.24 -42.79
CA ALA C 202 23.16 -30.83 -42.23
C ALA C 202 22.71 -31.90 -41.24
N GLN C 203 22.31 -31.48 -40.05
CA GLN C 203 21.91 -32.39 -38.98
C GLN C 203 20.46 -32.85 -39.08
N THR C 204 20.25 -34.17 -39.09
CA THR C 204 18.90 -34.71 -39.02
C THR C 204 18.25 -34.29 -37.67
N GLY C 205 16.97 -34.61 -37.52
CA GLY C 205 16.27 -34.31 -36.28
C GLY C 205 16.63 -35.21 -35.12
N GLU C 206 17.38 -36.29 -35.35
CA GLU C 206 17.79 -37.21 -34.29
C GLU C 206 18.92 -36.65 -33.44
N ILE C 207 19.85 -35.90 -34.06
CA ILE C 207 20.98 -35.25 -33.42
C ILE C 207 20.60 -34.69 -32.05
N ALA C 208 21.46 -34.90 -31.05
CA ALA C 208 21.23 -34.41 -29.71
C ALA C 208 21.59 -32.92 -29.56
N MET C 209 20.79 -32.23 -28.76
CA MET C 209 21.13 -30.88 -28.35
C MET C 209 22.38 -30.91 -27.47
N GLN C 210 23.31 -29.99 -27.74
CA GLN C 210 24.60 -29.94 -27.07
C GLN C 210 24.66 -28.80 -26.06
N ARG C 211 25.43 -29.01 -24.99
CA ARG C 211 25.48 -28.06 -23.87
C ARG C 211 26.13 -26.73 -24.21
N ASP C 212 26.89 -26.64 -25.30
CA ASP C 212 27.40 -25.36 -25.77
C ASP C 212 26.45 -24.69 -26.74
N GLY C 213 25.33 -25.33 -27.05
CA GLY C 213 24.33 -24.79 -27.95
C GLY C 213 24.63 -24.80 -29.43
N SER C 214 25.63 -25.55 -29.90
CA SER C 214 25.94 -25.49 -31.32
C SER C 214 24.85 -26.11 -32.18
N VAL C 215 23.96 -26.90 -31.61
CA VAL C 215 22.93 -27.58 -32.39
C VAL C 215 21.65 -26.78 -32.22
N ALA C 216 21.14 -26.28 -33.34
CA ALA C 216 19.92 -25.50 -33.37
C ALA C 216 18.71 -26.41 -33.54
N PHE C 217 17.60 -26.04 -32.89
CA PHE C 217 16.33 -26.70 -33.15
C PHE C 217 15.98 -26.56 -34.63
N LEU C 218 15.32 -27.59 -35.16
CA LEU C 218 14.82 -27.53 -36.53
C LEU C 218 13.72 -26.49 -36.63
N GLU C 219 13.60 -25.91 -37.82
CA GLU C 219 12.54 -25.00 -38.15
C GLU C 219 11.18 -25.65 -37.86
N ASP C 220 10.32 -24.90 -37.17
CA ASP C 220 8.96 -25.24 -36.79
C ASP C 220 8.89 -26.28 -35.68
N SER C 221 10.00 -26.60 -35.05
CA SER C 221 9.98 -27.50 -33.90
C SER C 221 9.77 -26.70 -32.62
N GLU C 222 9.30 -27.41 -31.59
CA GLU C 222 8.90 -26.83 -30.32
C GLU C 222 9.73 -27.37 -29.16
N LEU C 223 10.13 -26.47 -28.25
CA LEU C 223 10.71 -26.86 -26.97
C LEU C 223 9.57 -27.04 -25.96
N CYS C 224 9.43 -28.27 -25.43
CA CYS C 224 8.29 -28.68 -24.63
C CYS C 224 8.71 -29.19 -23.27
N TRP C 225 7.81 -29.02 -22.30
CA TRP C 225 7.93 -29.60 -20.97
C TRP C 225 6.75 -30.53 -20.71
N ASP C 226 7.03 -31.68 -20.09
CA ASP C 226 5.97 -32.44 -19.46
C ASP C 226 5.42 -31.62 -18.32
N THR C 227 4.11 -31.64 -18.17
CA THR C 227 3.54 -30.86 -17.11
C THR C 227 2.53 -31.67 -16.33
N ALA C 228 2.30 -31.24 -15.09
CA ALA C 228 1.33 -31.82 -14.19
C ALA C 228 -0.11 -31.67 -14.69
N ALA C 229 -0.32 -30.95 -15.79
CA ALA C 229 -1.62 -31.01 -16.48
C ALA C 229 -1.91 -32.42 -16.95
N GLY C 230 -0.95 -33.34 -16.78
CA GLY C 230 -1.16 -34.77 -16.91
C GLY C 230 -0.52 -35.32 -18.16
N SER C 231 -1.35 -35.43 -19.19
CA SER C 231 -0.94 -35.86 -20.52
C SER C 231 -0.79 -34.68 -21.45
N ALA C 232 -0.90 -33.46 -20.90
CA ALA C 232 -0.63 -32.25 -21.64
C ALA C 232 0.84 -31.87 -21.53
N LYS C 233 1.37 -31.34 -22.62
CA LYS C 233 2.71 -30.75 -22.64
C LYS C 233 2.52 -29.31 -23.06
N SER C 234 3.31 -28.41 -22.47
CA SER C 234 3.21 -26.98 -22.76
C SER C 234 4.54 -26.57 -23.38
N CYS C 235 4.44 -25.95 -24.55
CA CYS C 235 5.55 -25.75 -25.45
C CYS C 235 5.73 -24.28 -25.81
N LEU C 236 6.93 -23.97 -26.29
CA LEU C 236 7.23 -22.69 -26.90
C LEU C 236 8.05 -22.96 -28.15
N SER C 237 8.12 -21.96 -29.02
CA SER C 237 8.83 -22.12 -30.27
C SER C 237 9.17 -20.75 -30.80
N VAL C 238 10.10 -20.72 -31.76
CA VAL C 238 10.48 -19.50 -32.44
C VAL C 238 10.10 -19.69 -33.90
N ARG C 239 9.09 -18.97 -34.32
CA ARG C 239 8.56 -19.05 -35.67
C ARG C 239 9.03 -17.85 -36.48
N TYR C 240 9.12 -18.04 -37.78
CA TYR C 240 9.40 -16.96 -38.72
C TYR C 240 8.20 -16.82 -39.65
N ASP C 241 7.74 -15.60 -39.87
CA ASP C 241 6.63 -15.30 -40.76
C ASP C 241 7.15 -14.69 -42.07
N THR C 242 6.85 -15.34 -43.21
CA THR C 242 7.42 -14.92 -44.48
C THR C 242 6.81 -13.60 -44.95
N VAL C 243 5.54 -13.36 -44.62
CA VAL C 243 4.87 -12.10 -44.89
C VAL C 243 5.07 -11.18 -43.68
N GLY C 244 5.83 -10.11 -43.86
CA GLY C 244 6.23 -9.25 -42.77
C GLY C 244 7.68 -9.46 -42.39
N ASN C 245 8.25 -10.62 -42.72
CA ASN C 245 9.66 -10.91 -42.52
C ASN C 245 10.10 -10.68 -41.07
N LYS C 246 9.40 -11.30 -40.13
CA LYS C 246 9.70 -11.12 -38.71
C LYS C 246 9.72 -12.47 -38.00
N THR C 247 10.53 -12.58 -36.95
CA THR C 247 10.53 -13.74 -36.08
C THR C 247 9.74 -13.47 -34.80
N GLU C 248 9.11 -14.52 -34.27
CA GLU C 248 8.25 -14.47 -33.09
C GLU C 248 8.66 -15.55 -32.10
N LEU C 249 8.88 -15.19 -30.84
CA LEU C 249 9.00 -16.18 -29.78
C LEU C 249 7.59 -16.44 -29.24
N ASP C 250 7.03 -17.58 -29.59
CA ASP C 250 5.64 -17.89 -29.29
C ASP C 250 5.59 -18.57 -27.92
N LEU C 251 5.12 -17.82 -26.92
CA LEU C 251 4.90 -18.36 -25.59
C LEU C 251 3.42 -18.56 -25.30
N LYS C 252 2.58 -18.43 -26.31
CA LYS C 252 1.15 -18.36 -26.10
C LYS C 252 0.54 -19.69 -25.69
N GLN C 253 1.28 -20.79 -25.79
CA GLN C 253 0.80 -22.08 -25.30
C GLN C 253 0.89 -22.21 -23.78
N ILE C 254 1.63 -21.31 -23.10
CA ILE C 254 1.73 -21.27 -21.64
C ILE C 254 0.78 -20.20 -21.11
N ASP C 255 0.17 -20.46 -19.95
CA ASP C 255 -0.90 -19.57 -19.50
C ASP C 255 -0.35 -18.22 -19.03
N VAL C 256 0.70 -18.20 -18.23
CA VAL C 256 1.29 -16.95 -17.77
C VAL C 256 2.80 -17.04 -17.89
N VAL C 257 3.41 -16.01 -18.45
CA VAL C 257 4.84 -15.79 -18.35
C VAL C 257 5.08 -14.91 -17.14
N SER C 258 5.86 -15.41 -16.19
CA SER C 258 6.13 -14.75 -14.93
C SER C 258 7.59 -14.30 -14.92
N ALA C 259 7.83 -13.00 -15.03
CA ALA C 259 9.15 -12.40 -15.05
C ALA C 259 9.43 -11.67 -13.75
N LYS C 260 10.69 -11.32 -13.54
CA LYS C 260 11.00 -10.38 -12.46
C LYS C 260 11.12 -8.99 -13.07
N GLY C 261 12.35 -8.57 -13.37
CA GLY C 261 12.53 -7.43 -14.24
C GLY C 261 12.22 -7.78 -15.69
N LEU C 262 11.71 -6.79 -16.42
CA LEU C 262 11.27 -6.95 -17.80
C LEU C 262 11.51 -5.65 -18.55
N SER C 263 12.16 -5.76 -19.70
CA SER C 263 12.40 -4.62 -20.58
C SER C 263 12.03 -5.02 -22.00
N PHE C 264 11.71 -4.04 -22.82
CA PHE C 264 11.28 -4.27 -24.18
C PHE C 264 11.70 -3.04 -24.97
N GLU C 265 11.43 -3.05 -26.26
CA GLU C 265 11.84 -1.93 -27.09
C GLU C 265 10.63 -1.30 -27.77
N SER C 266 10.67 0.01 -27.88
CA SER C 266 9.70 0.76 -28.66
C SER C 266 10.50 1.75 -29.50
N ASP C 267 10.46 1.56 -30.81
CA ASP C 267 11.11 2.45 -31.77
C ASP C 267 12.61 2.58 -31.46
N GLY C 268 13.26 1.44 -31.31
CA GLY C 268 14.69 1.38 -31.03
C GLY C 268 15.09 1.71 -29.60
N LYS C 269 14.19 2.33 -28.82
CA LYS C 269 14.44 2.68 -27.42
C LYS C 269 13.96 1.61 -26.43
N THR C 270 14.71 1.47 -25.33
CA THR C 270 14.42 0.49 -24.29
C THR C 270 13.57 1.06 -23.17
N LYS C 271 12.57 0.29 -22.75
CA LYS C 271 11.61 0.75 -21.77
C LYS C 271 11.28 -0.37 -20.80
N THR C 272 10.86 0.02 -19.59
CA THR C 272 10.21 -0.88 -18.67
C THR C 272 8.72 -0.55 -18.65
N PRO C 273 7.87 -1.48 -18.25
CA PRO C 273 6.43 -1.19 -18.27
C PRO C 273 6.09 -0.10 -17.26
N VAL C 274 5.13 0.75 -17.61
CA VAL C 274 4.72 1.81 -16.69
C VAL C 274 4.00 1.19 -15.51
N VAL C 275 4.28 1.70 -14.32
CA VAL C 275 3.58 1.24 -13.12
C VAL C 275 2.93 2.46 -12.48
N SER C 276 1.72 2.29 -11.94
CA SER C 276 0.90 3.44 -11.54
C SER C 276 0.46 3.34 -10.09
N THR C 277 0.35 4.51 -9.46
CA THR C 277 -0.18 4.66 -8.11
C THR C 277 -1.20 5.79 -8.07
N TYR C 278 -2.13 5.68 -7.12
CA TYR C 278 -3.13 6.71 -6.81
C TYR C 278 -2.56 7.61 -5.71
N GLU C 279 -2.50 8.90 -5.97
CA GLU C 279 -1.82 9.82 -5.05
C GLU C 279 -2.69 11.02 -4.69
N THR C 280 -2.56 11.47 -3.44
CA THR C 280 -3.06 12.75 -2.95
C THR C 280 -2.03 13.39 -2.02
N PHE C 281 -2.14 14.69 -1.83
CA PHE C 281 -1.27 15.40 -0.92
C PHE C 281 -1.84 15.34 0.47
N GLN C 282 -1.01 15.17 1.45
CA GLN C 282 -1.51 15.18 2.78
C GLN C 282 -1.49 16.58 3.34
N ASP C 283 -2.38 16.78 4.27
CA ASP C 283 -2.60 18.00 4.99
C ASP C 283 -1.43 18.87 5.30
N GLY C 284 -1.55 20.16 5.06
CA GLY C 284 -0.48 21.07 5.40
C GLY C 284 0.29 21.75 4.31
N GLY C 285 -0.14 21.58 3.09
CA GLY C 285 0.52 22.17 1.96
C GLY C 285 1.96 21.83 1.75
N ARG C 286 2.35 20.62 2.09
CA ARG C 286 3.72 20.23 1.93
C ARG C 286 3.88 19.36 0.71
N ALA C 287 5.01 19.49 0.05
CA ALA C 287 5.26 18.66 -1.12
C ALA C 287 5.13 17.19 -0.81
N LYS C 288 4.92 16.42 -1.88
CA LYS C 288 4.71 14.98 -1.85
C LYS C 288 5.98 14.28 -2.28
N THR C 289 6.41 13.29 -1.51
CA THR C 289 7.55 12.47 -1.87
C THR C 289 7.10 11.07 -2.28
N ILE C 290 7.53 10.64 -3.46
CA ILE C 290 7.25 9.31 -3.98
C ILE C 290 8.58 8.66 -4.32
N ASN C 291 8.82 7.47 -3.77
CA ASN C 291 10.07 6.76 -4.03
C ASN C 291 10.14 6.37 -5.50
N ALA C 292 11.30 6.61 -6.11
CA ALA C 292 11.55 6.23 -7.49
C ALA C 292 11.81 4.73 -7.62
N ILE C 293 11.30 4.12 -8.69
CA ILE C 293 11.60 2.71 -8.92
C ILE C 293 13.08 2.53 -9.20
N GLU C 294 13.61 1.36 -8.88
CA GLU C 294 14.99 0.99 -9.21
C GLU C 294 15.07 0.56 -10.68
N CYS C 295 15.91 1.19 -11.43
CA CYS C 295 15.90 0.90 -12.87
C CYS C 295 16.90 -0.19 -13.22
N PRO C 296 16.65 -0.96 -14.28
CA PRO C 296 17.71 -1.83 -14.80
C PRO C 296 18.92 -0.99 -15.18
N THR C 297 20.09 -1.60 -15.07
CA THR C 297 21.33 -0.92 -15.41
C THR C 297 21.28 -0.40 -16.84
N GLY C 298 21.68 0.85 -17.03
CA GLY C 298 21.62 1.50 -18.32
C GLY C 298 20.31 2.22 -18.63
N LEU C 299 19.32 2.16 -17.75
CA LEU C 299 18.08 2.88 -17.96
C LEU C 299 17.89 3.92 -16.87
N ASN C 300 17.10 4.96 -17.15
CA ASN C 300 16.93 6.04 -16.18
C ASN C 300 15.47 6.31 -15.87
N ASN C 301 15.25 6.91 -14.70
CA ASN C 301 13.89 7.05 -14.19
C ASN C 301 13.10 8.06 -14.99
N ARG C 302 11.84 7.72 -15.25
CA ARG C 302 10.86 8.66 -15.76
C ARG C 302 9.65 8.66 -14.83
N PHE C 303 8.89 9.75 -14.90
CA PHE C 303 7.74 10.01 -14.06
C PHE C 303 6.75 10.87 -14.84
N ALA C 304 5.45 10.67 -14.56
CA ALA C 304 4.40 11.56 -15.08
C ALA C 304 3.21 11.48 -14.14
N ALA C 305 2.64 12.65 -13.83
CA ALA C 305 1.43 12.77 -13.02
C ALA C 305 0.30 13.33 -13.87
N VAL C 306 -0.89 12.75 -13.72
CA VAL C 306 -2.04 13.12 -14.55
C VAL C 306 -3.25 13.36 -13.66
N VAL C 307 -4.12 14.24 -14.10
CA VAL C 307 -5.22 14.70 -13.25
C VAL C 307 -6.33 13.65 -13.26
N SER C 308 -6.77 13.28 -12.07
CA SER C 308 -7.91 12.38 -11.89
C SER C 308 -9.10 13.18 -11.36
N SER C 309 -9.07 13.66 -10.12
CA SER C 309 -10.11 14.52 -9.58
C SER C 309 -9.51 15.82 -9.02
N PHE C 310 -10.28 16.89 -9.10
CA PHE C 310 -9.87 18.13 -8.47
C PHE C 310 -11.10 18.95 -8.15
N SER C 311 -10.93 19.85 -7.19
CA SER C 311 -11.83 20.97 -6.95
C SER C 311 -11.01 22.12 -6.37
N THR C 312 -11.67 23.26 -6.19
CA THR C 312 -11.01 24.45 -5.66
C THR C 312 -11.13 24.60 -4.16
N ALA C 313 -11.39 23.50 -3.42
CA ALA C 313 -11.48 23.57 -1.96
C ALA C 313 -10.12 23.67 -1.28
N GLY C 314 -9.04 23.32 -1.98
CA GLY C 314 -7.70 23.45 -1.42
C GLY C 314 -7.50 22.55 -0.24
N GLN C 315 -7.25 23.14 0.93
CA GLN C 315 -7.08 22.34 2.14
C GLN C 315 -8.39 21.77 2.65
N ASN C 316 -9.54 22.29 2.22
CA ASN C 316 -10.82 21.85 2.78
C ASN C 316 -11.38 20.66 1.98
N ALA C 317 -10.62 19.56 1.99
CA ALA C 317 -10.97 18.43 1.13
C ALA C 317 -10.35 17.15 1.62
N ASN C 318 -10.98 16.04 1.24
CA ASN C 318 -10.42 14.72 1.42
C ASN C 318 -10.71 13.95 0.14
N PHE C 319 -9.66 13.74 -0.66
CA PHE C 319 -9.76 13.06 -1.94
C PHE C 319 -9.07 11.70 -1.88
N SER C 320 -8.75 11.21 -0.69
CA SER C 320 -7.89 10.06 -0.50
C SER C 320 -8.60 8.73 -0.74
N SER C 321 -9.92 8.69 -0.75
CA SER C 321 -10.66 7.50 -1.11
C SER C 321 -10.98 7.53 -2.59
N GLU C 322 -10.79 6.38 -3.26
CA GLU C 322 -11.07 6.25 -4.69
C GLU C 322 -12.56 6.25 -4.98
N SER C 323 -13.38 5.98 -3.98
CA SER C 323 -14.80 5.78 -4.24
C SER C 323 -15.67 7.00 -3.85
N ALA C 324 -15.15 7.96 -3.11
CA ALA C 324 -15.93 9.16 -2.77
C ALA C 324 -15.00 10.34 -2.58
N LYS C 325 -15.50 11.54 -2.85
CA LYS C 325 -14.69 12.74 -2.70
C LYS C 325 -15.37 13.71 -1.72
N ASP C 326 -14.61 14.19 -0.76
CA ASP C 326 -15.08 15.14 0.24
C ASP C 326 -14.52 16.52 -0.09
N SER C 327 -15.42 17.51 -0.30
CA SER C 327 -15.03 18.82 -0.82
C SER C 327 -15.84 19.92 -0.13
N GLN C 328 -15.21 20.72 0.72
CA GLN C 328 -15.95 21.58 1.65
C GLN C 328 -15.91 23.05 1.26
N GLY C 329 -15.49 23.36 0.03
CA GLY C 329 -15.48 24.70 -0.46
C GLY C 329 -14.16 25.41 -0.16
N THR C 330 -14.10 26.64 -0.67
CA THR C 330 -12.91 27.48 -0.67
C THR C 330 -12.83 28.38 0.55
N THR C 331 -11.63 28.46 1.11
CA THR C 331 -11.39 29.34 2.23
C THR C 331 -11.59 30.79 1.81
N GLN C 332 -12.39 31.53 2.61
CA GLN C 332 -12.68 32.94 2.41
C GLN C 332 -11.66 33.82 3.14
N LYS C 333 -11.78 35.15 2.95
CA LYS C 333 -10.83 36.06 3.60
C LYS C 333 -10.93 36.01 5.12
N ASP C 334 -12.10 35.72 5.67
CA ASP C 334 -12.23 35.68 7.12
C ASP C 334 -11.97 34.28 7.68
N GLY C 335 -11.41 33.36 6.88
CA GLY C 335 -11.09 32.05 7.37
C GLY C 335 -12.19 31.03 7.26
N SER C 336 -13.43 31.45 7.02
CA SER C 336 -14.54 30.51 6.92
C SER C 336 -14.47 29.74 5.60
N LYS C 337 -15.29 28.70 5.50
CA LYS C 337 -15.40 27.90 4.29
C LYS C 337 -16.59 28.40 3.49
N GLY C 338 -16.35 28.81 2.24
CA GLY C 338 -17.41 29.32 1.40
C GLY C 338 -17.73 28.36 0.28
N PRO C 339 -18.43 28.85 -0.72
CA PRO C 339 -18.69 28.03 -1.90
C PRO C 339 -17.38 27.77 -2.65
N HIS C 340 -17.44 26.87 -3.63
CA HIS C 340 -16.24 26.49 -4.40
C HIS C 340 -15.90 27.57 -5.43
N ALA C 341 -14.73 28.18 -5.29
CA ALA C 341 -14.36 29.22 -6.26
C ALA C 341 -14.20 28.64 -7.66
N LEU C 342 -14.22 29.54 -8.63
CA LEU C 342 -14.03 29.15 -10.01
C LEU C 342 -12.53 29.01 -10.31
N LEU C 343 -12.22 28.20 -11.32
CA LEU C 343 -10.88 27.69 -11.54
C LEU C 343 -10.28 28.31 -12.78
N SER C 344 -8.95 28.48 -12.76
CA SER C 344 -8.26 28.93 -13.96
C SER C 344 -7.10 28.03 -14.38
N GLY C 345 -6.58 27.16 -13.52
CA GLY C 345 -5.47 26.31 -13.94
C GLY C 345 -5.10 25.32 -12.85
N ILE C 346 -4.38 24.29 -13.27
CA ILE C 346 -3.76 23.30 -12.40
C ILE C 346 -2.38 23.02 -12.96
N SER C 347 -1.36 23.03 -12.10
CA SER C 347 -0.01 22.64 -12.47
C SER C 347 0.43 21.47 -11.61
N LEU C 348 1.06 20.49 -12.24
CA LEU C 348 1.70 19.39 -11.54
C LEU C 348 3.17 19.41 -11.92
N ASN C 349 4.04 19.43 -10.92
CA ASN C 349 5.48 19.53 -11.13
C ASN C 349 6.17 18.42 -10.37
N TRP C 350 7.32 17.98 -10.91
CA TRP C 350 8.04 16.89 -10.29
C TRP C 350 9.53 17.01 -10.62
N THR C 351 10.36 16.71 -9.62
CA THR C 351 11.82 16.73 -9.72
C THR C 351 12.38 15.49 -9.03
N LEU C 352 13.32 14.83 -9.67
CA LEU C 352 13.96 13.66 -9.09
C LEU C 352 15.25 14.10 -8.41
N THR C 353 15.33 13.89 -7.10
CA THR C 353 16.54 14.20 -6.36
C THR C 353 16.81 13.06 -5.39
N ASN C 354 17.87 12.30 -5.68
CA ASN C 354 18.36 11.22 -4.82
C ASN C 354 17.32 10.11 -4.61
N LYS C 355 16.88 9.49 -5.70
CA LYS C 355 15.97 8.35 -5.65
C LYS C 355 14.59 8.71 -5.13
N VAL C 356 14.24 9.98 -5.07
CA VAL C 356 12.93 10.41 -4.58
C VAL C 356 12.34 11.40 -5.57
N TRP C 357 11.09 11.17 -5.96
CA TRP C 357 10.35 12.14 -6.77
C TRP C 357 9.62 13.11 -5.84
N ASP C 358 10.00 14.37 -5.90
CA ASP C 358 9.38 15.44 -5.14
C ASP C 358 8.29 16.06 -6.01
N VAL C 359 7.04 15.89 -5.61
CA VAL C 359 5.90 16.30 -6.42
C VAL C 359 5.22 17.47 -5.75
N THR C 360 4.99 18.53 -6.52
CA THR C 360 4.26 19.69 -6.04
C THR C 360 3.14 20.01 -7.02
N ALA C 361 2.09 20.66 -6.53
CA ALA C 361 0.97 21.06 -7.36
C ALA C 361 0.42 22.41 -6.88
N SER C 362 -0.27 23.09 -7.79
CA SER C 362 -0.90 24.36 -7.56
C SER C 362 -2.22 24.35 -8.29
N ILE C 363 -3.27 24.83 -7.62
CA ILE C 363 -4.56 25.09 -8.28
C ILE C 363 -4.77 26.59 -8.30
N GLY C 364 -4.90 27.14 -9.51
CA GLY C 364 -5.18 28.55 -9.69
C GLY C 364 -6.66 28.82 -9.77
N ILE C 365 -7.13 29.79 -8.98
CA ILE C 365 -8.55 30.06 -8.85
C ILE C 365 -8.78 31.55 -9.01
N GLU C 366 -10.05 31.94 -9.05
CA GLU C 366 -10.38 33.36 -9.13
C GLU C 366 -9.81 34.09 -7.93
N SER C 367 -9.33 35.30 -8.18
CA SER C 367 -8.75 36.13 -7.14
C SER C 367 -9.83 36.82 -6.31
N GLY C 368 -9.39 37.51 -5.26
CA GLY C 368 -10.27 38.29 -4.39
C GLY C 368 -11.14 37.49 -3.46
N ILE C 369 -10.76 36.23 -3.18
CA ILE C 369 -11.56 35.38 -2.31
C ILE C 369 -10.66 34.86 -1.20
N LEU C 370 -9.44 34.44 -1.56
CA LEU C 370 -8.58 33.84 -0.57
C LEU C 370 -7.97 34.91 0.37
N PRO C 371 -7.57 34.52 1.58
CA PRO C 371 -6.80 35.42 2.43
C PRO C 371 -5.52 35.85 1.74
N THR C 372 -4.86 36.82 2.36
CA THR C 372 -3.60 37.31 1.84
C THR C 372 -2.46 36.35 2.15
N SER C 373 -2.58 35.55 3.20
CA SER C 373 -1.50 34.65 3.60
C SER C 373 -2.02 33.22 3.75
N GLY C 374 -1.09 32.30 3.90
CA GLY C 374 -1.45 30.92 4.16
C GLY C 374 -1.16 30.02 2.96
N ILE C 375 -1.48 28.74 3.16
CA ILE C 375 -1.35 27.74 2.10
C ILE C 375 -2.25 28.10 0.92
N ASP C 376 -3.50 28.45 1.20
CA ASP C 376 -4.42 28.92 0.17
C ASP C 376 -4.48 30.45 0.27
N SER C 377 -3.77 31.13 -0.63
CA SER C 377 -3.69 32.57 -0.57
C SER C 377 -3.43 33.12 -1.96
N GLY C 378 -3.82 34.38 -2.13
CA GLY C 378 -3.78 35.04 -3.41
C GLY C 378 -4.81 34.44 -4.35
N SER C 379 -4.32 33.77 -5.40
CA SER C 379 -5.16 33.02 -6.32
C SER C 379 -4.71 31.56 -6.43
N LEU C 380 -3.97 31.07 -5.44
CA LEU C 380 -3.34 29.76 -5.53
C LEU C 380 -3.73 28.91 -4.34
N LEU C 381 -4.05 27.64 -4.58
CA LEU C 381 -4.21 26.67 -3.51
C LEU C 381 -2.99 25.77 -3.63
N ARG C 382 -2.08 25.86 -2.66
CA ARG C 382 -0.77 25.23 -2.80
C ARG C 382 -0.79 23.79 -2.27
N ASN C 383 -0.23 22.87 -3.05
CA ASN C 383 -0.23 21.43 -2.76
C ASN C 383 -1.59 20.99 -2.17
N PRO C 384 -2.67 21.24 -2.87
CA PRO C 384 -4.00 21.09 -2.25
C PRO C 384 -4.37 19.64 -2.00
N LYS C 385 -5.21 19.48 -0.98
CA LYS C 385 -5.86 18.21 -0.74
C LYS C 385 -6.98 17.98 -1.74
N SER C 386 -7.49 19.06 -2.34
CA SER C 386 -8.60 18.92 -3.26
C SER C 386 -8.11 18.44 -4.63
N LEU C 387 -7.39 17.34 -4.65
CA LEU C 387 -6.76 16.88 -5.90
C LEU C 387 -6.39 15.41 -5.73
N SER C 388 -6.66 14.63 -6.76
CA SER C 388 -6.11 13.28 -6.83
C SER C 388 -5.41 13.10 -8.17
N PHE C 389 -4.22 12.52 -8.15
CA PHE C 389 -3.52 12.23 -9.40
C PHE C 389 -3.01 10.80 -9.47
N ILE C 390 -2.85 10.32 -10.69
CA ILE C 390 -2.23 9.03 -10.93
C ILE C 390 -0.78 9.28 -11.28
N ALA C 391 0.13 8.58 -10.60
CA ALA C 391 1.57 8.66 -10.89
C ALA C 391 2.01 7.47 -11.75
N PHE C 392 2.65 7.76 -12.88
CA PHE C 392 3.19 6.72 -13.74
C PHE C 392 4.72 6.78 -13.68
N GLN C 393 5.35 5.64 -13.40
CA GLN C 393 6.80 5.57 -13.41
C GLN C 393 7.20 4.49 -14.41
N TRP C 394 8.34 4.71 -15.07
CA TRP C 394 8.96 3.72 -15.95
C TRP C 394 10.43 4.06 -16.08
N CYS C 395 11.16 3.18 -16.74
CA CYS C 395 12.54 3.39 -17.01
C CYS C 395 12.76 3.39 -18.49
N GLU C 396 13.69 4.19 -18.95
CA GLU C 396 14.00 4.26 -20.35
C GLU C 396 15.44 4.68 -20.59
N ASN C 397 15.86 4.60 -21.83
CA ASN C 397 17.19 5.00 -22.19
C ASN C 397 17.14 6.05 -23.27
N LYS D 7 -37.31 46.77 42.84
CA LYS D 7 -37.82 48.01 42.25
C LYS D 7 -36.71 48.62 41.39
N SER D 8 -35.48 48.58 41.93
CA SER D 8 -34.29 48.97 41.19
C SER D 8 -33.79 47.83 40.26
N SER D 9 -34.69 46.91 39.89
CA SER D 9 -34.40 45.85 38.92
C SER D 9 -35.63 45.66 38.05
N ASN D 10 -36.48 46.68 37.96
CA ASN D 10 -37.68 46.64 37.14
C ASN D 10 -37.33 46.65 35.66
N ALA D 11 -36.38 47.49 35.25
CA ALA D 11 -35.98 47.58 33.85
C ALA D 11 -35.29 46.28 33.40
N PHE D 12 -34.47 45.70 34.29
CA PHE D 12 -33.90 44.38 34.02
C PHE D 12 -35.00 43.34 33.80
N ASP D 13 -36.03 43.34 34.65
CA ASP D 13 -37.10 42.34 34.56
C ASP D 13 -37.91 42.50 33.29
N VAL D 14 -38.15 43.73 32.84
CA VAL D 14 -38.93 43.95 31.62
C VAL D 14 -38.21 43.31 30.44
N ILE D 15 -36.90 43.52 30.35
CA ILE D 15 -36.15 43.00 29.24
C ILE D 15 -35.91 41.49 29.40
N GLU D 16 -35.66 41.03 30.63
CA GLU D 16 -35.60 39.60 30.86
C GLU D 16 -36.86 38.90 30.42
N LEU D 17 -38.01 39.33 30.92
CA LEU D 17 -39.25 38.67 30.55
C LEU D 17 -39.54 38.82 29.05
N SER D 18 -39.33 40.02 28.50
CA SER D 18 -39.65 40.21 27.09
C SER D 18 -38.74 39.36 26.21
N SER D 19 -37.47 39.25 26.58
CA SER D 19 -36.56 38.47 25.79
C SER D 19 -36.90 36.98 25.87
N GLN D 20 -37.37 36.53 27.04
CA GLN D 20 -37.78 35.13 27.15
C GLN D 20 -39.05 34.87 26.35
N ILE D 21 -39.98 35.82 26.34
CA ILE D 21 -41.18 35.68 25.51
C ILE D 21 -40.79 35.66 24.04
N GLN D 22 -39.78 36.45 23.65
CA GLN D 22 -39.35 36.42 22.27
C GLN D 22 -38.71 35.08 21.91
N ARG D 23 -37.84 34.56 22.79
CA ARG D 23 -37.20 33.26 22.55
C ARG D 23 -38.25 32.17 22.40
N TYR D 24 -39.18 32.12 23.37
CA TYR D 24 -40.34 31.22 23.29
C TYR D 24 -41.03 31.34 21.94
N ALA D 25 -41.27 32.57 21.48
CA ALA D 25 -41.99 32.74 20.23
C ALA D 25 -41.18 32.26 19.03
N SER D 26 -39.86 32.12 19.18
CA SER D 26 -38.99 31.75 18.08
C SER D 26 -38.78 30.24 17.99
N LEU D 27 -39.36 29.47 18.90
CA LEU D 27 -39.17 28.03 18.93
C LEU D 27 -40.42 27.35 18.39
N SER D 28 -40.21 26.38 17.49
CA SER D 28 -41.29 25.52 17.04
C SER D 28 -41.52 24.37 18.02
N LYS D 29 -40.48 23.95 18.72
CA LYS D 29 -40.55 22.89 19.71
C LYS D 29 -39.81 23.31 20.96
N ILE D 30 -40.34 22.93 22.11
CA ILE D 30 -39.70 23.19 23.40
C ILE D 30 -39.59 21.86 24.12
N ASN D 31 -38.37 21.47 24.50
CA ASN D 31 -38.12 20.19 25.14
C ASN D 31 -38.71 19.05 24.31
N ASN D 32 -38.44 19.11 23.01
CA ASN D 32 -38.78 18.07 22.03
C ASN D 32 -40.28 17.92 21.80
N ARG D 33 -41.09 18.88 22.24
CA ARG D 33 -42.53 18.81 22.02
C ARG D 33 -42.99 20.08 21.32
N THR D 34 -44.09 19.96 20.58
CA THR D 34 -44.61 21.10 19.85
C THR D 34 -44.89 22.26 20.79
N ASN D 35 -44.50 23.47 20.36
CA ASN D 35 -44.83 24.71 21.09
C ASN D 35 -46.35 24.82 21.18
N PRO D 36 -46.89 24.73 22.39
CA PRO D 36 -48.36 24.73 22.55
C PRO D 36 -49.06 25.88 21.86
N ILE D 37 -48.42 27.04 21.76
CA ILE D 37 -49.10 28.19 21.16
C ILE D 37 -49.30 28.02 19.66
N LEU D 38 -48.57 27.11 19.01
CA LEU D 38 -48.69 26.96 17.56
C LEU D 38 -49.76 25.97 17.13
N LYS D 39 -50.40 25.26 18.07
CA LYS D 39 -51.29 24.15 17.73
C LYS D 39 -52.66 24.60 17.24
N ASP D 40 -53.00 25.87 17.36
CA ASP D 40 -54.32 26.38 17.03
C ASP D 40 -54.26 27.16 15.71
N ASN D 41 -55.41 27.73 15.29
CA ASN D 41 -55.49 28.45 14.03
C ASN D 41 -56.13 29.84 14.11
N LYS D 42 -56.34 30.40 15.30
CA LYS D 42 -56.87 31.77 15.38
C LYS D 42 -55.83 32.79 14.96
N ALA D 43 -56.31 33.91 14.40
CA ALA D 43 -55.41 34.95 13.91
C ALA D 43 -54.83 35.83 15.02
N LYS D 44 -55.43 35.85 16.20
CA LYS D 44 -54.94 36.63 17.34
C LYS D 44 -55.12 35.85 18.63
N GLU D 45 -54.17 36.00 19.54
CA GLU D 45 -54.32 35.41 20.86
C GLU D 45 -53.59 36.27 21.89
N PHE D 46 -54.19 36.40 23.06
CA PHE D 46 -53.59 37.15 24.15
C PHE D 46 -53.33 36.20 25.32
N LYS D 47 -52.11 36.21 25.84
CA LYS D 47 -51.73 35.37 26.96
C LYS D 47 -51.63 36.18 28.25
N ASP D 48 -52.18 35.63 29.33
CA ASP D 48 -52.43 36.35 30.59
C ASP D 48 -51.15 36.76 31.30
N ALA D 49 -51.30 37.74 32.21
CA ALA D 49 -50.17 38.31 32.92
C ALA D 49 -49.65 37.41 34.03
N ASP D 50 -50.41 36.38 34.43
CA ASP D 50 -49.94 35.43 35.44
C ASP D 50 -48.85 34.51 34.90
N LEU D 51 -48.65 34.46 33.59
CA LEU D 51 -47.50 33.82 32.94
C LEU D 51 -47.40 32.31 33.19
N LYS D 52 -48.52 31.65 33.51
CA LYS D 52 -48.47 30.19 33.58
C LYS D 52 -48.16 29.60 32.21
N TRP D 53 -48.76 30.15 31.16
CA TRP D 53 -48.48 29.70 29.81
C TRP D 53 -47.00 29.72 29.47
N LEU D 54 -46.16 30.31 30.33
CA LEU D 54 -44.72 30.41 30.11
C LEU D 54 -43.90 29.60 31.11
N LYS D 55 -44.54 28.96 32.07
CA LYS D 55 -43.83 28.19 33.10
C LYS D 55 -43.91 26.70 32.77
N LEU D 56 -42.95 25.96 33.30
CA LEU D 56 -42.89 24.53 33.01
C LEU D 56 -44.02 23.77 33.70
N GLU D 57 -44.46 22.69 33.03
CA GLU D 57 -45.50 21.80 33.55
C GLU D 57 -45.03 21.01 34.76
N ASN D 58 -43.71 20.81 34.93
CA ASN D 58 -43.17 20.08 36.07
C ASN D 58 -42.92 21.01 37.27
N CYS D 59 -43.61 22.13 37.35
CA CYS D 59 -43.51 23.04 38.47
C CYS D 59 -44.51 22.63 39.55
N PRO D 60 -44.28 23.04 40.83
CA PRO D 60 -45.24 22.73 41.91
C PRO D 60 -46.70 22.86 41.51
N THR D 61 -47.03 23.99 40.91
CA THR D 61 -48.28 24.16 40.17
C THR D 61 -48.01 23.92 38.69
N ALA D 62 -49.05 23.56 37.95
CA ALA D 62 -48.88 23.16 36.57
C ALA D 62 -48.45 24.36 35.72
N GLY D 63 -47.46 24.14 34.83
CA GLY D 63 -47.19 25.06 33.75
C GLY D 63 -47.76 24.55 32.42
N ASP D 64 -47.64 25.38 31.38
CA ASP D 64 -48.09 24.97 30.04
C ASP D 64 -46.93 24.63 29.10
N VAL D 65 -45.69 24.96 29.46
CA VAL D 65 -44.56 24.67 28.57
C VAL D 65 -44.13 23.24 28.81
N PRO D 66 -44.07 22.40 27.78
CA PRO D 66 -43.80 20.98 28.00
C PRO D 66 -42.35 20.70 28.37
N THR D 67 -42.17 19.64 29.15
CA THR D 67 -40.87 19.06 29.46
C THR D 67 -40.70 17.71 28.77
N THR D 68 -39.48 17.17 28.85
CA THR D 68 -39.22 15.79 28.45
C THR D 68 -39.69 14.83 29.55
N GLY D 69 -39.83 13.56 29.19
CA GLY D 69 -40.28 12.57 30.15
C GLY D 69 -39.32 12.35 31.30
N ASN D 70 -38.03 12.67 31.10
CA ASN D 70 -37.02 12.54 32.12
C ASN D 70 -36.98 13.83 32.95
N ASN D 71 -37.34 13.75 34.23
CA ASN D 71 -37.28 14.93 35.09
C ASN D 71 -35.96 15.09 35.84
N ASN D 72 -34.94 14.28 35.53
CA ASN D 72 -33.62 14.52 36.10
C ASN D 72 -32.67 15.30 35.19
N ASP D 73 -32.73 15.12 33.87
CA ASP D 73 -31.87 15.92 32.99
C ASP D 73 -32.33 17.38 32.95
N LEU D 74 -31.48 18.24 32.39
CA LEU D 74 -31.75 19.68 32.30
C LEU D 74 -32.95 19.99 31.41
N GLN D 75 -33.82 20.88 31.90
CA GLN D 75 -35.02 21.34 31.19
C GLN D 75 -34.84 22.78 30.72
N ASP D 76 -34.91 23.01 29.41
CA ASP D 76 -35.01 24.39 28.93
C ASP D 76 -36.27 25.03 29.50
N GLN D 77 -36.11 26.22 30.09
CA GLN D 77 -37.23 26.96 30.68
C GLN D 77 -37.07 28.45 30.42
N PHE D 78 -38.17 29.19 30.59
CA PHE D 78 -38.24 30.62 30.29
C PHE D 78 -38.32 31.51 31.51
N ILE D 79 -39.19 31.20 32.47
CA ILE D 79 -39.25 31.93 33.74
C ILE D 79 -39.28 30.92 34.87
N ALA D 80 -38.93 31.40 36.07
CA ALA D 80 -38.98 30.58 37.27
C ALA D 80 -40.42 30.15 37.57
N CYS D 81 -40.56 29.14 38.43
CA CYS D 81 -41.89 28.59 38.68
C CYS D 81 -42.76 29.55 39.50
N ASP D 82 -42.17 30.27 40.46
CA ASP D 82 -42.87 31.26 41.28
C ASP D 82 -42.76 32.67 40.72
N ALA D 83 -42.38 32.82 39.45
CA ALA D 83 -42.12 34.14 38.91
C ALA D 83 -43.40 34.98 38.83
N ASP D 84 -43.26 36.27 39.15
CA ASP D 84 -44.36 37.22 39.02
C ASP D 84 -43.77 38.55 38.58
N TYR D 85 -44.19 39.03 37.41
CA TYR D 85 -43.73 40.29 36.86
C TYR D 85 -44.81 41.36 36.95
N ARG D 86 -45.91 41.08 37.63
CA ARG D 86 -46.95 42.09 37.84
C ARG D 86 -46.64 42.96 39.06
N LYS D 87 -45.42 43.49 39.07
CA LYS D 87 -44.90 44.27 40.18
C LYS D 87 -44.06 45.41 39.62
N GLY D 88 -43.98 46.50 40.39
CA GLY D 88 -43.18 47.65 39.99
C GLY D 88 -43.94 48.69 39.22
N ASP D 89 -43.21 49.74 38.84
CA ASP D 89 -43.83 50.84 38.09
C ASP D 89 -44.19 50.40 36.67
N LEU D 90 -43.40 49.51 36.08
CA LEU D 90 -43.73 48.91 34.79
C LEU D 90 -44.11 47.48 35.09
N SER D 91 -45.41 47.23 35.10
CA SER D 91 -45.99 46.00 35.59
C SER D 91 -46.50 45.19 34.42
N TYR D 92 -46.03 43.95 34.31
CA TYR D 92 -46.38 43.13 33.16
C TYR D 92 -47.88 42.92 33.06
N PHE D 93 -48.41 43.17 31.89
CA PHE D 93 -49.83 43.17 31.59
C PHE D 93 -50.26 42.07 30.63
N GLY D 94 -49.32 41.36 30.01
CA GLY D 94 -49.63 40.34 29.03
C GLY D 94 -48.92 40.58 27.70
N SER D 95 -49.06 39.58 26.82
CA SER D 95 -48.46 39.60 25.48
C SER D 95 -49.48 39.19 24.44
N GLN D 96 -49.61 40.00 23.39
CA GLN D 96 -50.57 39.80 22.32
C GLN D 96 -49.82 39.27 21.11
N PHE D 97 -50.12 38.03 20.71
CA PHE D 97 -49.55 37.38 19.53
C PHE D 97 -50.44 37.55 18.31
N GLU D 98 -49.83 37.86 17.17
CA GLU D 98 -50.53 37.86 15.87
C GLU D 98 -49.94 36.75 15.02
N PHE D 99 -50.80 35.93 14.42
CA PHE D 99 -50.39 34.74 13.70
C PHE D 99 -50.84 34.74 12.24
N SER D 100 -50.20 33.86 11.46
CA SER D 100 -50.69 33.44 10.15
C SER D 100 -50.79 31.91 10.12
N THR D 101 -51.79 31.41 9.39
CA THR D 101 -51.99 29.97 9.29
C THR D 101 -50.90 29.32 8.45
N TYR D 102 -50.53 28.09 8.82
CA TYR D 102 -49.34 27.43 8.28
C TYR D 102 -49.46 25.93 8.48
N VAL D 103 -49.19 25.15 7.44
CA VAL D 103 -49.10 23.69 7.55
C VAL D 103 -47.62 23.33 7.61
N HIS D 104 -47.21 22.66 8.71
CA HIS D 104 -45.79 22.36 8.86
C HIS D 104 -45.41 21.14 8.01
N PRO D 105 -44.26 21.19 7.33
CA PRO D 105 -43.88 20.09 6.44
C PRO D 105 -43.66 18.74 7.13
N SER D 106 -43.48 18.71 8.46
CA SER D 106 -43.27 17.45 9.15
C SER D 106 -43.94 17.38 10.52
N ASN D 107 -44.68 18.39 10.94
CA ASN D 107 -45.36 18.39 12.23
C ASN D 107 -46.80 18.85 12.05
N PRO D 108 -47.73 17.91 11.86
CA PRO D 108 -49.14 18.29 11.67
C PRO D 108 -49.75 18.97 12.88
N GLU D 109 -49.10 18.90 14.05
CA GLU D 109 -49.63 19.59 15.21
C GLU D 109 -49.53 21.10 15.06
N ILE D 110 -48.61 21.59 14.24
CA ILE D 110 -48.46 23.02 14.04
C ILE D 110 -49.47 23.46 12.98
N GLN D 111 -50.40 24.34 13.34
CA GLN D 111 -51.34 24.87 12.37
C GLN D 111 -51.19 26.36 12.09
N ARG D 112 -50.42 27.09 12.89
CA ARG D 112 -50.18 28.48 12.54
C ARG D 112 -48.76 28.84 12.91
N GLN D 113 -48.31 29.99 12.41
CA GLN D 113 -46.99 30.53 12.68
C GLN D 113 -47.11 31.93 13.22
N ILE D 114 -46.11 32.34 14.00
CA ILE D 114 -46.13 33.64 14.66
C ILE D 114 -45.61 34.69 13.69
N LYS D 115 -46.36 35.78 13.54
CA LYS D 115 -45.86 36.95 12.82
C LYS D 115 -45.18 37.93 13.77
N GLN D 116 -45.82 38.18 14.90
CA GLN D 116 -45.25 39.07 15.88
C GLN D 116 -45.82 38.93 17.25
N VAL D 117 -45.00 39.27 18.23
CA VAL D 117 -45.41 39.27 19.62
C VAL D 117 -45.13 40.66 20.21
N VAL D 118 -46.12 41.20 20.92
CA VAL D 118 -46.02 42.46 21.65
C VAL D 118 -46.32 42.21 23.12
N SER D 119 -45.42 42.62 24.01
CA SER D 119 -45.60 42.47 25.45
C SER D 119 -45.88 43.83 26.08
N TYR D 120 -47.00 43.94 26.80
CA TYR D 120 -47.47 45.21 27.36
C TYR D 120 -47.13 45.29 28.84
N PHE D 121 -46.60 46.44 29.27
CA PHE D 121 -46.24 46.68 30.66
C PHE D 121 -46.97 47.94 31.10
N GLN D 122 -47.96 47.76 31.96
CA GLN D 122 -48.77 48.88 32.42
C GLN D 122 -47.95 49.79 33.34
N TYR D 123 -48.11 51.10 33.17
CA TYR D 123 -47.39 52.08 33.97
C TYR D 123 -48.21 52.43 35.20
N ARG D 124 -47.63 52.27 36.40
CA ARG D 124 -48.37 52.51 37.63
C ARG D 124 -47.81 53.65 38.45
N GLY D 125 -46.87 54.45 37.90
CA GLY D 125 -46.35 55.57 38.65
C GLY D 125 -47.41 56.66 38.80
N MET D 126 -47.23 57.50 39.82
CA MET D 126 -48.26 58.50 40.10
C MET D 126 -48.25 59.60 39.03
N GLU D 127 -47.09 59.90 38.47
CA GLU D 127 -47.02 60.94 37.44
C GLU D 127 -46.67 60.30 36.10
N ARG D 128 -47.57 60.46 35.13
CA ARG D 128 -47.47 59.77 33.85
C ARG D 128 -46.41 60.36 32.93
N ALA D 129 -46.03 61.62 33.12
CA ALA D 129 -45.05 62.22 32.24
C ALA D 129 -43.69 61.54 32.35
N PHE D 130 -43.46 60.79 33.41
CA PHE D 130 -42.19 60.12 33.58
C PHE D 130 -42.10 58.78 32.84
N ILE D 131 -43.15 58.39 32.10
CA ILE D 131 -43.11 57.17 31.29
C ILE D 131 -41.98 57.21 30.27
N GLY D 132 -41.59 58.42 29.81
CA GLY D 132 -40.47 58.51 28.89
C GLY D 132 -39.17 58.05 29.49
N ASP D 133 -38.85 58.55 30.70
CA ASP D 133 -37.64 58.09 31.37
C ASP D 133 -37.67 56.59 31.60
N ALA D 134 -38.82 56.07 32.02
CA ALA D 134 -38.94 54.64 32.27
C ALA D 134 -38.66 53.85 30.99
N ALA D 135 -39.28 54.28 29.89
CA ALA D 135 -38.99 53.66 28.60
C ALA D 135 -37.51 53.76 28.23
N GLY D 136 -36.86 54.86 28.63
CA GLY D 136 -35.43 55.02 28.31
C GLY D 136 -34.56 53.99 29.00
N TYR D 137 -34.91 53.62 30.24
CA TYR D 137 -34.11 52.60 30.91
C TYR D 137 -34.41 51.21 30.37
N VAL D 138 -35.65 50.94 29.97
CA VAL D 138 -35.97 49.64 29.38
C VAL D 138 -35.22 49.46 28.05
N ILE D 139 -35.30 50.46 27.17
CA ILE D 139 -34.62 50.37 25.89
C ILE D 139 -33.10 50.34 26.07
N SER D 140 -32.58 51.02 27.08
CA SER D 140 -31.14 50.96 27.36
C SER D 140 -30.74 49.55 27.73
N GLU D 141 -31.56 48.88 28.54
CA GLU D 141 -31.28 47.51 28.91
C GLU D 141 -31.38 46.57 27.70
N ALA D 142 -32.34 46.83 26.81
CA ALA D 142 -32.47 46.05 25.59
C ALA D 142 -31.23 46.16 24.72
N LYS D 143 -30.83 47.40 24.42
CA LYS D 143 -29.65 47.63 23.57
C LYS D 143 -28.39 47.06 24.21
N LYS D 144 -28.29 47.06 25.54
CA LYS D 144 -27.09 46.55 26.18
C LYS D 144 -26.94 45.04 25.99
N LYS D 145 -28.06 44.32 25.81
CA LYS D 145 -28.04 42.88 25.65
C LYS D 145 -28.20 42.43 24.18
N GLY D 146 -27.98 43.34 23.24
CA GLY D 146 -28.04 43.07 21.82
C GLY D 146 -29.43 43.04 21.20
N PHE D 147 -30.44 43.51 21.88
CA PHE D 147 -31.79 43.56 21.36
C PHE D 147 -32.09 44.92 20.75
N SER D 148 -32.76 44.92 19.62
CA SER D 148 -33.41 46.10 19.09
C SER D 148 -34.90 46.01 19.42
N ALA D 149 -35.53 47.16 19.66
CA ALA D 149 -36.97 47.17 19.86
C ALA D 149 -37.66 47.49 18.54
N GLN D 150 -38.84 46.92 18.34
CA GLN D 150 -39.55 47.03 17.06
C GLN D 150 -40.74 47.96 17.30
N ASP D 151 -40.70 49.15 16.69
CA ASP D 151 -41.73 50.18 16.84
C ASP D 151 -41.95 50.47 18.32
N TYR D 152 -40.84 50.73 19.01
CA TYR D 152 -40.90 51.03 20.43
C TYR D 152 -41.86 52.19 20.63
N ARG D 153 -42.89 51.99 21.45
CA ARG D 153 -43.95 52.99 21.59
C ARG D 153 -44.58 52.95 22.97
N ILE D 154 -45.20 54.07 23.31
CA ILE D 154 -46.05 54.25 24.49
C ILE D 154 -47.49 54.21 24.00
N VAL D 155 -48.38 53.50 24.72
CA VAL D 155 -49.74 53.33 24.23
C VAL D 155 -50.78 53.44 25.36
N LEU D 156 -52.00 53.76 24.94
CA LEU D 156 -53.19 53.61 25.75
C LEU D 156 -53.99 52.47 25.14
N ILE D 157 -54.36 51.48 25.95
CA ILE D 157 -55.02 50.28 25.45
C ILE D 157 -56.31 50.01 26.20
N GLU D 158 -57.30 49.47 25.50
CA GLU D 158 -58.57 49.02 26.04
C GLU D 158 -59.01 47.74 25.33
N PRO D 159 -59.84 46.91 25.98
CA PRO D 159 -60.18 45.59 25.40
C PRO D 159 -60.75 45.63 24.00
N ASP D 160 -60.45 44.57 23.23
CA ASP D 160 -60.88 44.44 21.83
C ASP D 160 -61.66 43.15 21.59
N ARG D 161 -61.62 42.65 20.35
CA ARG D 161 -62.22 41.36 20.03
C ARG D 161 -61.58 40.23 20.83
N VAL D 162 -60.27 40.04 20.67
CA VAL D 162 -59.51 39.05 21.43
C VAL D 162 -58.33 39.79 22.09
N GLY D 163 -58.57 40.35 23.27
CA GLY D 163 -57.48 40.98 23.97
C GLY D 163 -57.61 42.48 24.06
N TYR D 164 -56.67 43.20 23.44
CA TYR D 164 -56.69 44.65 23.50
C TYR D 164 -56.35 45.24 22.15
N PHE D 165 -56.60 46.55 22.02
CA PHE D 165 -56.15 47.30 20.86
C PHE D 165 -55.61 48.64 21.37
N GLU D 166 -54.72 49.23 20.58
CA GLU D 166 -54.03 50.46 20.97
C GLU D 166 -54.82 51.66 20.45
N SER D 167 -55.61 52.28 21.33
CA SER D 167 -56.42 53.45 20.98
C SER D 167 -55.56 54.68 20.66
N ASN D 168 -54.44 54.87 21.38
CA ASN D 168 -53.53 55.97 21.06
C ASN D 168 -52.10 55.51 21.27
N ALA D 169 -51.21 56.01 20.42
CA ALA D 169 -49.82 55.60 20.50
C ALA D 169 -48.92 56.75 20.10
N ILE D 170 -47.74 56.77 20.69
CA ILE D 170 -46.73 57.75 20.34
C ILE D 170 -45.41 57.00 20.37
N SER D 171 -44.59 57.19 19.34
CA SER D 171 -43.32 56.49 19.31
C SER D 171 -42.48 56.97 20.47
N TYR D 172 -41.61 56.08 20.96
CA TYR D 172 -40.71 56.52 22.02
C TYR D 172 -39.94 57.76 21.60
N GLU D 173 -39.58 57.85 20.33
CA GLU D 173 -38.82 58.98 19.88
C GLU D 173 -39.65 60.25 19.84
N GLU D 174 -40.89 60.15 19.41
CA GLU D 174 -41.76 61.33 19.42
C GLU D 174 -41.99 61.81 20.84
N PHE D 175 -42.09 60.88 21.79
CA PHE D 175 -42.24 61.25 23.19
C PHE D 175 -40.99 61.95 23.72
N ILE D 176 -39.81 61.60 23.20
CA ILE D 176 -38.58 62.16 23.75
C ILE D 176 -38.21 63.48 23.07
N GLU D 177 -38.50 63.62 21.79
CA GLU D 177 -37.98 64.74 21.03
C GLU D 177 -39.00 65.82 20.70
N ASN D 178 -40.29 65.54 20.85
CA ASN D 178 -41.38 66.41 20.41
C ASN D 178 -42.25 66.78 21.60
N PRO D 179 -41.94 67.89 22.28
CA PRO D 179 -42.72 68.25 23.49
C PRO D 179 -44.20 68.46 23.21
N SER D 180 -44.54 68.98 22.03
CA SER D 180 -45.95 69.19 21.73
C SER D 180 -46.68 67.86 21.61
N ALA D 181 -46.14 66.93 20.82
CA ALA D 181 -46.77 65.63 20.68
C ALA D 181 -46.88 64.94 22.04
N ARG D 182 -45.81 65.02 22.84
CA ARG D 182 -45.83 64.42 24.17
C ARG D 182 -47.00 64.95 24.99
N GLU D 183 -47.10 66.29 25.10
CA GLU D 183 -48.10 66.88 25.98
C GLU D 183 -49.52 66.57 25.50
N ASN D 184 -49.74 66.60 24.19
CA ASN D 184 -51.04 66.20 23.65
C ASN D 184 -51.36 64.75 24.01
N PHE D 185 -50.36 63.86 23.90
CA PHE D 185 -50.60 62.46 24.26
C PHE D 185 -50.92 62.30 25.74
N LEU D 186 -50.10 62.90 26.61
CA LEU D 186 -50.32 62.77 28.06
C LEU D 186 -51.68 63.29 28.46
N LEU D 187 -52.23 64.25 27.69
CA LEU D 187 -53.51 64.81 28.02
C LEU D 187 -54.63 63.80 27.81
N LYS D 188 -54.46 62.84 26.89
CA LYS D 188 -55.45 61.78 26.71
C LYS D 188 -55.21 60.61 27.67
N ALA D 189 -54.06 60.57 28.32
CA ALA D 189 -53.73 59.50 29.27
C ALA D 189 -54.29 59.82 30.65
N THR D 190 -55.61 59.88 30.76
CA THR D 190 -56.23 60.16 32.04
C THR D 190 -56.20 58.91 32.91
N LYS D 191 -56.56 59.09 34.19
CA LYS D 191 -56.34 58.03 35.18
C LYS D 191 -57.21 56.81 34.92
N ASP D 192 -58.36 57.01 34.31
CA ASP D 192 -59.26 55.92 33.99
C ASP D 192 -58.79 55.05 32.83
N ARG D 193 -57.81 55.49 32.04
CA ARG D 193 -57.25 54.70 30.94
C ARG D 193 -56.04 53.88 31.37
N THR D 194 -55.64 52.94 30.51
CA THR D 194 -54.49 52.09 30.79
C THR D 194 -53.31 52.55 29.94
N LEU D 195 -52.31 53.12 30.60
CA LEU D 195 -51.04 53.52 29.97
C LEU D 195 -50.05 52.37 30.03
N ALA D 196 -49.36 52.11 28.92
CA ALA D 196 -48.52 50.92 28.82
C ALA D 196 -47.34 51.16 27.89
N LEU D 197 -46.25 50.48 28.19
CA LEU D 197 -45.12 50.36 27.29
C LEU D 197 -45.31 49.11 26.42
N ALA D 198 -45.13 49.25 25.10
CA ALA D 198 -45.30 48.14 24.17
C ALA D 198 -43.93 47.66 23.71
N VAL D 199 -43.54 46.46 24.15
CA VAL D 199 -42.19 45.95 23.93
C VAL D 199 -42.23 44.77 22.96
N SER D 200 -41.62 44.95 21.78
CA SER D 200 -41.39 43.87 20.80
C SER D 200 -39.88 43.84 20.57
N LEU D 201 -39.21 42.81 21.07
CA LEU D 201 -37.76 42.69 20.95
C LEU D 201 -37.40 41.78 19.79
N ALA D 202 -36.41 42.22 19.01
CA ALA D 202 -35.79 41.43 17.96
C ALA D 202 -34.31 41.31 18.29
N GLN D 203 -33.77 40.09 18.24
CA GLN D 203 -32.36 39.90 18.59
C GLN D 203 -31.50 40.30 17.40
N THR D 204 -30.81 41.44 17.51
CA THR D 204 -29.97 41.92 16.42
C THR D 204 -28.49 41.69 16.62
N GLY D 205 -28.01 41.70 17.84
CA GLY D 205 -26.62 41.34 18.08
C GLY D 205 -26.42 39.85 18.14
N GLU D 206 -25.16 39.43 18.05
CA GLU D 206 -24.86 38.01 18.10
C GLU D 206 -24.99 37.51 19.53
N ILE D 207 -24.98 36.19 19.69
CA ILE D 207 -25.33 35.52 20.94
C ILE D 207 -24.07 34.95 21.60
N ALA D 208 -23.91 35.17 22.89
CA ALA D 208 -22.82 34.52 23.62
C ALA D 208 -23.20 33.08 23.97
N MET D 209 -22.20 32.21 24.01
CA MET D 209 -22.40 30.88 24.59
C MET D 209 -22.71 31.00 26.09
N GLN D 210 -23.71 30.28 26.57
CA GLN D 210 -24.20 30.37 27.94
C GLN D 210 -23.81 29.15 28.77
N ARG D 211 -23.72 29.36 30.09
CA ARG D 211 -23.27 28.36 31.06
C ARG D 211 -24.25 27.19 31.18
N ASP D 212 -25.49 27.35 30.75
CA ASP D 212 -26.40 26.22 30.72
C ASP D 212 -26.35 25.43 29.41
N GLY D 213 -25.50 25.82 28.47
CA GLY D 213 -25.42 25.12 27.20
C GLY D 213 -26.63 25.32 26.30
N SER D 214 -27.50 26.28 26.61
CA SER D 214 -28.70 26.47 25.81
C SER D 214 -28.43 27.08 24.45
N VAL D 215 -27.23 27.59 24.21
CA VAL D 215 -26.89 28.16 22.90
C VAL D 215 -25.90 27.24 22.22
N ALA D 216 -26.25 26.79 21.02
CA ALA D 216 -25.35 25.95 20.24
C ALA D 216 -24.45 26.81 19.38
N PHE D 217 -23.21 26.36 19.22
CA PHE D 217 -22.35 26.95 18.20
C PHE D 217 -23.09 26.93 16.88
N LEU D 218 -22.86 27.95 16.05
CA LEU D 218 -23.47 27.93 14.74
C LEU D 218 -22.83 26.84 13.87
N GLU D 219 -23.64 26.33 12.96
CA GLU D 219 -23.19 25.32 12.03
C GLU D 219 -21.93 25.78 11.31
N ASP D 220 -20.92 24.91 11.30
CA ASP D 220 -19.60 25.08 10.70
C ASP D 220 -18.66 25.99 11.50
N SER D 221 -19.01 26.34 12.74
CA SER D 221 -18.14 27.17 13.55
C SER D 221 -17.02 26.34 14.16
N GLU D 222 -15.93 27.03 14.48
CA GLU D 222 -14.74 26.43 15.04
C GLU D 222 -14.56 26.99 16.44
N LEU D 223 -14.39 26.11 17.42
CA LEU D 223 -14.00 26.51 18.76
C LEU D 223 -12.49 26.49 18.85
N CYS D 224 -11.87 27.65 19.08
CA CYS D 224 -10.43 27.80 18.92
C CYS D 224 -9.78 28.24 20.23
N TRP D 225 -8.52 27.85 20.41
CA TRP D 225 -7.66 28.29 21.49
C TRP D 225 -6.48 29.07 20.91
N ASP D 226 -6.10 30.16 21.57
CA ASP D 226 -4.83 30.81 21.27
C ASP D 226 -3.67 29.87 21.59
N THR D 227 -2.71 29.81 20.68
CA THR D 227 -1.49 29.05 20.86
C THR D 227 -0.33 29.90 20.40
N ALA D 228 0.84 29.61 20.93
CA ALA D 228 2.05 30.25 20.46
C ALA D 228 2.50 29.69 19.10
N ALA D 229 1.77 28.68 18.61
CA ALA D 229 1.98 28.05 17.32
C ALA D 229 1.28 28.81 16.19
N GLY D 230 0.52 29.84 16.54
CA GLY D 230 -0.16 30.71 15.60
C GLY D 230 -1.26 30.17 14.73
N SER D 231 -0.88 29.64 13.57
CA SER D 231 -1.83 29.11 12.58
C SER D 231 -2.76 28.00 13.04
N ALA D 232 -3.82 27.80 12.29
CA ALA D 232 -4.86 26.82 12.59
C ALA D 232 -4.43 25.42 12.98
N LYS D 233 -4.08 25.29 14.24
CA LYS D 233 -3.69 24.04 14.83
C LYS D 233 -4.36 23.86 16.18
N SER D 234 -5.27 24.75 16.55
CA SER D 234 -5.89 24.67 17.82
C SER D 234 -7.36 24.92 17.77
N CYS D 235 -7.99 24.46 16.72
CA CYS D 235 -9.44 24.61 16.64
C CYS D 235 -10.09 23.25 16.48
N LEU D 236 -11.34 23.13 16.92
CA LEU D 236 -12.13 21.94 16.67
C LEU D 236 -13.55 22.33 16.26
N SER D 237 -14.27 21.38 15.68
CA SER D 237 -15.59 21.64 15.10
C SER D 237 -16.35 20.32 14.95
N VAL D 238 -17.67 20.43 14.72
CA VAL D 238 -18.53 19.27 14.48
C VAL D 238 -19.10 19.36 13.06
N ARG D 239 -18.61 18.51 12.16
CA ARG D 239 -18.98 18.51 10.71
C ARG D 239 -19.99 17.40 10.39
N TYR D 240 -20.77 17.56 9.32
CA TYR D 240 -21.83 16.60 8.96
C TYR D 240 -21.68 16.11 7.52
N ASP D 241 -21.73 14.80 7.33
CA ASP D 241 -21.68 14.12 6.01
C ASP D 241 -23.12 13.95 5.55
N THR D 242 -23.44 14.39 4.32
CA THR D 242 -24.84 14.35 3.79
C THR D 242 -25.16 13.06 3.01
N VAL D 243 -24.17 12.28 2.58
CA VAL D 243 -24.48 11.04 1.83
C VAL D 243 -24.98 9.99 2.82
N GLY D 244 -24.30 9.86 3.95
CA GLY D 244 -24.76 8.96 5.02
C GLY D 244 -25.00 9.88 6.18
N ASN D 245 -26.18 9.90 6.80
CA ASN D 245 -26.37 10.96 7.80
C ASN D 245 -25.48 10.66 9.00
N LYS D 246 -24.29 11.26 9.02
CA LYS D 246 -23.34 11.01 10.13
C LYS D 246 -22.64 12.30 10.52
N THR D 247 -22.41 12.49 11.82
CA THR D 247 -21.69 13.67 12.32
C THR D 247 -20.30 13.24 12.76
N GLU D 248 -19.36 14.16 12.63
CA GLU D 248 -17.98 13.97 12.97
C GLU D 248 -17.52 15.08 13.92
N LEU D 249 -16.91 14.69 15.04
CA LEU D 249 -16.16 15.60 15.89
C LEU D 249 -14.74 15.65 15.32
N ASP D 250 -14.43 16.75 14.65
CA ASP D 250 -13.18 16.88 13.91
C ASP D 250 -12.12 17.51 14.80
N LEU D 251 -11.19 16.69 15.27
CA LEU D 251 -10.06 17.15 16.06
C LEU D 251 -8.76 17.16 15.24
N LYS D 252 -8.84 17.05 13.92
CA LYS D 252 -7.63 16.77 13.13
C LYS D 252 -6.67 17.94 13.07
N GLN D 253 -7.10 19.14 13.44
CA GLN D 253 -6.16 20.26 13.52
C GLN D 253 -5.22 20.12 14.72
N ILE D 254 -5.57 19.29 15.70
CA ILE D 254 -4.73 19.13 16.88
C ILE D 254 -3.78 17.99 16.62
N ASP D 255 -2.52 18.17 17.03
CA ASP D 255 -1.49 17.19 16.68
C ASP D 255 -1.70 15.89 17.45
N VAL D 256 -2.02 15.98 18.73
CA VAL D 256 -2.23 14.80 19.57
C VAL D 256 -3.47 15.03 20.42
N VAL D 257 -4.38 14.06 20.45
CA VAL D 257 -5.44 13.99 21.44
C VAL D 257 -4.93 13.12 22.59
N SER D 258 -4.88 13.68 23.80
CA SER D 258 -4.28 12.99 24.95
C SER D 258 -5.38 12.63 25.95
N ALA D 259 -5.70 11.34 26.03
CA ALA D 259 -6.72 10.84 26.93
C ALA D 259 -6.09 10.07 28.09
N LYS D 260 -6.91 9.84 29.11
CA LYS D 260 -6.57 8.87 30.13
C LYS D 260 -7.31 7.59 29.75
N GLY D 261 -8.49 7.34 30.32
CA GLY D 261 -9.32 6.25 29.84
C GLY D 261 -9.93 6.57 28.49
N LEU D 262 -10.13 5.53 27.68
CA LEU D 262 -10.65 5.72 26.33
C LEU D 262 -11.49 4.52 25.93
N SER D 263 -12.71 4.78 25.45
CA SER D 263 -13.59 3.73 24.97
C SER D 263 -14.23 4.14 23.64
N PHE D 264 -14.56 3.15 22.83
CA PHE D 264 -15.19 3.36 21.53
C PHE D 264 -16.13 2.20 21.27
N GLU D 265 -16.91 2.30 20.18
CA GLU D 265 -17.88 1.29 19.83
C GLU D 265 -17.54 0.64 18.50
N SER D 266 -17.64 -0.69 18.47
CA SER D 266 -17.43 -1.50 17.27
C SER D 266 -18.55 -2.52 17.23
N ASP D 267 -19.43 -2.37 16.22
CA ASP D 267 -20.58 -3.25 16.01
C ASP D 267 -21.51 -3.26 17.24
N GLY D 268 -21.79 -2.07 17.76
CA GLY D 268 -22.66 -1.88 18.89
C GLY D 268 -22.07 -2.20 20.26
N LYS D 269 -20.95 -2.92 20.32
CA LYS D 269 -20.34 -3.25 21.60
C LYS D 269 -19.29 -2.21 21.95
N THR D 270 -19.11 -1.98 23.26
CA THR D 270 -18.16 -0.98 23.76
C THR D 270 -16.81 -1.61 24.06
N LYS D 271 -15.74 -0.93 23.67
CA LYS D 271 -14.44 -1.48 23.97
C LYS D 271 -13.35 -0.49 24.21
N THR D 272 -12.32 -1.00 24.83
CA THR D 272 -11.08 -0.32 25.13
C THR D 272 -9.99 -0.75 24.13
N PRO D 273 -8.97 0.05 23.86
CA PRO D 273 -7.95 -0.37 22.88
C PRO D 273 -7.13 -1.55 23.36
N VAL D 274 -6.73 -2.41 22.42
CA VAL D 274 -5.87 -3.55 22.77
C VAL D 274 -4.47 -3.03 23.07
N VAL D 275 -3.88 -3.51 24.16
CA VAL D 275 -2.54 -3.10 24.56
C VAL D 275 -1.67 -4.34 24.67
N SER D 276 -0.44 -4.23 24.21
CA SER D 276 0.41 -5.39 23.95
C SER D 276 1.68 -5.34 24.76
N THR D 277 2.14 -6.53 25.16
CA THR D 277 3.43 -6.72 25.82
C THR D 277 4.13 -7.95 25.26
N TYR D 278 5.46 -7.92 25.30
CA TYR D 278 6.30 -9.04 24.90
C TYR D 278 6.60 -9.87 26.15
N GLU D 279 6.22 -11.15 26.12
CA GLU D 279 6.28 -11.99 27.31
C GLU D 279 7.03 -13.29 27.06
N THR D 280 7.80 -13.72 28.07
CA THR D 280 8.45 -15.02 28.13
C THR D 280 8.31 -15.60 29.53
N PHE D 281 8.50 -16.92 29.64
CA PHE D 281 8.49 -17.54 30.95
C PHE D 281 9.87 -17.35 31.57
N GLN D 282 9.86 -17.02 32.86
CA GLN D 282 11.04 -16.77 33.69
C GLN D 282 11.71 -18.02 34.27
N ASP D 283 11.78 -19.12 33.54
CA ASP D 283 12.50 -20.32 33.95
C ASP D 283 11.82 -21.06 35.10
N GLY D 284 11.97 -22.39 35.14
CA GLY D 284 11.45 -23.17 36.24
C GLY D 284 10.18 -23.92 35.95
N GLY D 285 9.61 -23.78 34.76
CA GLY D 285 8.38 -24.47 34.44
C GLY D 285 7.21 -23.99 35.26
N ARG D 286 7.27 -22.76 35.77
CA ARG D 286 6.22 -22.15 36.57
C ARG D 286 5.31 -21.29 35.70
N ALA D 287 4.07 -21.12 36.19
CA ALA D 287 3.07 -20.29 35.53
C ALA D 287 3.54 -18.83 35.44
N LYS D 288 2.93 -18.09 34.52
CA LYS D 288 3.21 -16.68 34.27
C LYS D 288 2.07 -15.83 34.83
N THR D 289 2.42 -14.78 35.56
CA THR D 289 1.43 -13.82 36.06
C THR D 289 1.55 -12.51 35.29
N ILE D 290 0.42 -12.03 34.78
CA ILE D 290 0.31 -10.75 34.13
C ILE D 290 -0.84 -9.99 34.80
N ASN D 291 -0.57 -8.78 35.27
CA ASN D 291 -1.63 -7.97 35.88
C ASN D 291 -2.67 -7.59 34.84
N ALA D 292 -3.93 -7.80 35.17
CA ALA D 292 -5.02 -7.38 34.29
C ALA D 292 -5.15 -5.87 34.35
N ILE D 293 -5.42 -5.26 33.19
CA ILE D 293 -5.66 -3.82 33.18
C ILE D 293 -6.94 -3.50 33.96
N GLU D 294 -6.98 -2.30 34.52
CA GLU D 294 -8.15 -1.86 35.27
C GLU D 294 -9.19 -1.41 34.26
N CYS D 295 -10.39 -1.98 34.34
CA CYS D 295 -11.34 -1.69 33.28
C CYS D 295 -12.30 -0.54 33.64
N PRO D 296 -12.78 0.19 32.64
CA PRO D 296 -13.84 1.17 32.86
C PRO D 296 -15.08 0.52 33.47
N THR D 297 -15.88 1.36 34.13
CA THR D 297 -17.12 0.90 34.75
C THR D 297 -18.01 0.21 33.71
N GLY D 298 -18.51 -0.98 34.04
CA GLY D 298 -19.38 -1.70 33.13
C GLY D 298 -18.65 -2.53 32.11
N LEU D 299 -17.31 -2.49 32.09
CA LEU D 299 -16.50 -3.32 31.23
C LEU D 299 -15.69 -4.27 32.09
N ASN D 300 -15.30 -5.39 31.49
CA ASN D 300 -14.57 -6.45 32.16
C ASN D 300 -13.39 -6.88 31.30
N ASN D 301 -12.41 -7.50 31.95
CA ASN D 301 -11.15 -7.82 31.31
C ASN D 301 -11.31 -8.96 30.32
N ARG D 302 -10.63 -8.83 29.18
CA ARG D 302 -10.47 -9.88 28.19
C ARG D 302 -8.99 -10.01 27.86
N PHE D 303 -8.61 -11.18 27.36
CA PHE D 303 -7.20 -11.50 27.16
C PHE D 303 -7.06 -12.40 25.93
N ALA D 304 -5.91 -12.26 25.26
CA ALA D 304 -5.52 -13.18 24.20
C ALA D 304 -4.01 -13.23 24.09
N ALA D 305 -3.47 -14.43 23.96
CA ALA D 305 -2.04 -14.67 23.74
C ALA D 305 -1.83 -15.27 22.35
N VAL D 306 -0.84 -14.74 21.62
CA VAL D 306 -0.55 -15.20 20.27
C VAL D 306 0.93 -15.52 20.15
N VAL D 307 1.25 -16.47 19.28
CA VAL D 307 2.61 -17.02 19.18
C VAL D 307 3.50 -16.08 18.38
N SER D 308 4.69 -15.77 18.92
CA SER D 308 5.70 -15.00 18.21
C SER D 308 6.86 -15.89 17.77
N SER D 309 7.70 -16.35 18.70
CA SER D 309 8.78 -17.28 18.41
C SER D 309 8.65 -18.52 19.29
N PHE D 310 9.12 -19.66 18.79
CA PHE D 310 9.11 -20.88 19.58
C PHE D 310 10.17 -21.84 19.07
N SER D 311 10.59 -22.73 19.97
CA SER D 311 11.35 -23.92 19.58
C SER D 311 11.03 -25.03 20.57
N THR D 312 11.58 -26.22 20.31
CA THR D 312 11.37 -27.38 21.15
C THR D 312 12.51 -27.58 22.15
N ALA D 313 13.30 -26.55 22.41
CA ALA D 313 14.44 -26.66 23.32
C ALA D 313 14.01 -26.76 24.78
N GLY D 314 12.77 -26.41 25.09
CA GLY D 314 12.24 -26.50 26.43
C GLY D 314 12.90 -25.56 27.43
N GLN D 315 13.52 -26.12 28.47
CA GLN D 315 14.18 -25.29 29.48
C GLN D 315 15.52 -24.73 29.02
N ASN D 316 16.11 -25.31 27.97
CA ASN D 316 17.45 -24.92 27.50
C ASN D 316 17.35 -23.83 26.43
N ALA D 317 16.79 -22.68 26.83
CA ALA D 317 16.48 -21.62 25.87
C ALA D 317 16.33 -20.29 26.60
N ASN D 318 16.57 -19.21 25.84
CA ASN D 318 16.38 -17.84 26.31
C ASN D 318 15.81 -17.03 25.15
N PHE D 319 14.53 -16.64 25.25
CA PHE D 319 13.84 -15.91 24.19
C PHE D 319 13.50 -14.46 24.58
N SER D 320 14.05 -13.93 25.67
CA SER D 320 13.55 -12.64 26.16
C SER D 320 14.08 -11.43 25.40
N SER D 321 15.19 -11.55 24.66
CA SER D 321 15.62 -10.43 23.84
C SER D 321 14.88 -10.44 22.51
N GLU D 322 14.36 -9.28 22.12
CA GLU D 322 13.65 -9.17 20.84
C GLU D 322 14.59 -9.25 19.65
N SER D 323 15.89 -9.06 19.87
CA SER D 323 16.82 -8.90 18.76
C SER D 323 17.59 -10.17 18.44
N ALA D 324 17.58 -11.17 19.31
CA ALA D 324 18.22 -12.46 19.06
C ALA D 324 17.55 -13.51 19.93
N LYS D 325 17.66 -14.76 19.50
CA LYS D 325 17.09 -15.88 20.22
C LYS D 325 18.18 -16.89 20.52
N ASP D 326 18.21 -17.36 21.78
CA ASP D 326 19.15 -18.37 22.22
C ASP D 326 18.38 -19.67 22.43
N SER D 327 18.75 -20.72 21.68
CA SER D 327 18.01 -21.99 21.65
C SER D 327 19.02 -23.12 21.55
N GLN D 328 19.17 -23.91 22.61
CA GLN D 328 20.28 -24.86 22.70
C GLN D 328 19.87 -26.34 22.62
N GLY D 329 18.69 -26.67 22.09
CA GLY D 329 18.33 -28.05 21.84
C GLY D 329 17.54 -28.73 22.95
N THR D 330 17.13 -29.97 22.65
CA THR D 330 16.21 -30.73 23.49
C THR D 330 16.94 -31.57 24.53
N THR D 331 16.36 -31.64 25.73
CA THR D 331 16.90 -32.50 26.78
C THR D 331 16.75 -33.96 26.37
N GLN D 332 17.87 -34.71 26.41
CA GLN D 332 17.86 -36.13 26.11
C GLN D 332 17.63 -36.94 27.38
N LYS D 333 17.49 -38.26 27.19
CA LYS D 333 17.25 -39.13 28.33
C LYS D 333 18.39 -39.06 29.33
N ASP D 334 19.60 -38.79 28.84
CA ASP D 334 20.81 -38.74 29.64
C ASP D 334 21.14 -37.36 30.23
N GLY D 335 20.21 -36.40 30.13
CA GLY D 335 20.44 -35.08 30.69
C GLY D 335 21.21 -34.12 29.82
N SER D 336 21.88 -34.59 28.77
CA SER D 336 22.65 -33.72 27.92
C SER D 336 21.72 -32.91 27.01
N LYS D 337 22.29 -31.93 26.32
CA LYS D 337 21.57 -31.14 25.34
C LYS D 337 21.78 -31.76 23.96
N GLY D 338 20.67 -32.16 23.33
CA GLY D 338 20.72 -32.80 22.02
C GLY D 338 20.18 -31.91 20.91
N PRO D 339 19.83 -32.51 19.77
CA PRO D 339 19.17 -31.75 18.70
C PRO D 339 17.78 -31.32 19.12
N HIS D 340 17.19 -30.44 18.32
CA HIS D 340 15.83 -29.98 18.58
C HIS D 340 14.83 -31.02 18.09
N ALA D 341 14.00 -31.55 18.98
CA ALA D 341 13.02 -32.54 18.54
C ALA D 341 11.99 -31.91 17.61
N LEU D 342 11.29 -32.76 16.85
CA LEU D 342 10.24 -32.26 15.98
C LEU D 342 8.94 -32.06 16.76
N LEU D 343 8.10 -31.16 16.25
CA LEU D 343 7.00 -30.57 17.00
C LEU D 343 5.63 -31.06 16.54
N SER D 344 4.70 -31.14 17.48
CA SER D 344 3.32 -31.53 17.18
C SER D 344 2.26 -30.55 17.67
N GLY D 345 2.56 -29.65 18.60
CA GLY D 345 1.55 -28.72 19.05
C GLY D 345 2.07 -27.68 20.00
N ILE D 346 1.32 -26.58 20.08
CA ILE D 346 1.53 -25.53 21.07
C ILE D 346 0.17 -25.14 21.62
N SER D 347 0.05 -25.12 22.95
CA SER D 347 -1.14 -24.61 23.63
C SER D 347 -0.73 -23.43 24.48
N LEU D 348 -1.54 -22.36 24.42
CA LEU D 348 -1.40 -21.21 25.29
C LEU D 348 -2.69 -21.06 26.10
N ASN D 349 -2.57 -21.02 27.42
CA ASN D 349 -3.72 -21.03 28.31
C ASN D 349 -3.66 -19.81 29.22
N TRP D 350 -4.82 -19.27 29.57
CA TRP D 350 -4.85 -18.10 30.42
C TRP D 350 -6.13 -18.13 31.25
N THR D 351 -6.00 -17.76 32.52
CA THR D 351 -7.13 -17.72 33.44
C THR D 351 -7.05 -16.47 34.30
N LEU D 352 -8.18 -15.78 34.43
CA LEU D 352 -8.32 -14.59 35.27
C LEU D 352 -8.98 -14.97 36.60
N THR D 353 -8.33 -14.63 37.72
CA THR D 353 -9.00 -14.87 39.01
C THR D 353 -8.92 -13.66 39.94
N ASN D 354 -7.76 -13.42 40.56
CA ASN D 354 -7.59 -12.30 41.49
C ASN D 354 -6.91 -11.12 40.80
N LYS D 355 -7.58 -10.59 39.75
CA LYS D 355 -7.10 -9.44 39.00
C LYS D 355 -5.76 -9.72 38.34
N VAL D 356 -5.40 -10.99 38.26
CA VAL D 356 -4.15 -11.44 37.66
C VAL D 356 -4.48 -12.54 36.65
N TRP D 357 -3.89 -12.42 35.46
CA TRP D 357 -3.98 -13.45 34.44
C TRP D 357 -2.86 -14.46 34.67
N ASP D 358 -3.24 -15.69 34.99
CA ASP D 358 -2.28 -16.78 35.11
C ASP D 358 -2.17 -17.46 33.76
N VAL D 359 -0.98 -17.38 33.16
CA VAL D 359 -0.73 -17.88 31.81
C VAL D 359 0.14 -19.12 31.89
N THR D 360 -0.33 -20.21 31.28
CA THR D 360 0.45 -21.44 31.15
C THR D 360 0.51 -21.85 29.69
N ALA D 361 1.53 -22.62 29.36
CA ALA D 361 1.70 -23.11 28.00
C ALA D 361 2.29 -24.52 28.02
N SER D 362 2.07 -25.23 26.92
CA SER D 362 2.68 -26.54 26.71
C SER D 362 3.03 -26.66 25.23
N ILE D 363 4.23 -27.16 24.96
CA ILE D 363 4.68 -27.43 23.60
C ILE D 363 4.71 -28.94 23.43
N GLY D 364 3.93 -29.46 22.48
CA GLY D 364 3.91 -30.89 22.22
C GLY D 364 4.95 -31.27 21.18
N ILE D 365 5.78 -32.26 21.53
CA ILE D 365 6.89 -32.69 20.70
C ILE D 365 6.87 -34.21 20.56
N GLU D 366 7.76 -34.72 19.72
CA GLU D 366 7.87 -36.17 19.55
C GLU D 366 8.29 -36.83 20.86
N SER D 367 7.74 -38.01 21.11
CA SER D 367 8.02 -38.79 22.30
C SER D 367 9.35 -39.53 22.15
N GLY D 368 9.77 -40.17 23.23
CA GLY D 368 10.97 -40.98 23.23
C GLY D 368 12.28 -40.22 23.23
N ILE D 369 12.28 -38.96 23.64
CA ILE D 369 13.52 -38.19 23.66
C ILE D 369 13.67 -37.61 25.07
N LEU D 370 12.58 -37.11 25.63
CA LEU D 370 12.65 -36.48 26.93
C LEU D 370 12.81 -37.53 28.02
N PRO D 371 13.43 -37.16 29.15
CA PRO D 371 13.42 -38.04 30.32
C PRO D 371 11.99 -38.35 30.75
N THR D 372 11.87 -39.34 31.64
CA THR D 372 10.55 -39.74 32.13
C THR D 372 10.00 -38.74 33.16
N SER D 373 10.86 -37.98 33.80
CA SER D 373 10.46 -37.04 34.83
C SER D 373 11.08 -35.67 34.57
N GLY D 374 10.55 -34.66 35.26
CA GLY D 374 11.01 -33.29 35.15
C GLY D 374 9.94 -32.38 34.59
N ILE D 375 10.32 -31.10 34.47
CA ILE D 375 9.42 -30.11 33.88
C ILE D 375 9.15 -30.44 32.43
N ASP D 376 10.21 -30.68 31.67
CA ASP D 376 10.14 -31.13 30.28
C ASP D 376 10.39 -32.63 30.30
N SER D 377 9.31 -33.40 30.14
CA SER D 377 9.35 -34.84 30.22
C SER D 377 8.17 -35.40 29.45
N GLY D 378 8.26 -36.68 29.10
CA GLY D 378 7.26 -37.33 28.30
C GLY D 378 7.21 -36.83 26.88
N SER D 379 6.12 -36.18 26.49
CA SER D 379 6.04 -35.56 25.18
C SER D 379 5.66 -34.09 25.27
N LEU D 380 5.84 -33.49 26.43
CA LEU D 380 5.40 -32.13 26.68
C LEU D 380 6.56 -31.33 27.25
N LEU D 381 6.70 -30.09 26.78
CA LEU D 381 7.55 -29.10 27.43
C LEU D 381 6.60 -28.13 28.12
N ARG D 382 6.57 -28.17 29.45
CA ARG D 382 5.59 -27.43 30.22
C ARG D 382 6.15 -26.06 30.58
N ASN D 383 5.36 -25.01 30.32
CA ASN D 383 5.75 -23.61 30.47
C ASN D 383 7.16 -23.37 29.96
N PRO D 384 7.45 -23.69 28.70
CA PRO D 384 8.84 -23.73 28.24
C PRO D 384 9.44 -22.35 28.13
N LYS D 385 10.77 -22.28 28.24
CA LYS D 385 11.48 -21.04 27.94
C LYS D 385 11.62 -20.79 26.45
N SER D 386 11.45 -21.84 25.61
CA SER D 386 11.59 -21.72 24.17
C SER D 386 10.29 -21.20 23.54
N LEU D 387 9.87 -20.02 24.01
CA LEU D 387 8.59 -19.47 23.59
C LEU D 387 8.57 -17.98 23.89
N SER D 388 8.12 -17.19 22.93
CA SER D 388 7.79 -15.79 23.18
C SER D 388 6.38 -15.58 22.67
N PHE D 389 5.54 -14.95 23.48
CA PHE D 389 4.19 -14.65 23.04
C PHE D 389 3.90 -13.19 23.30
N ILE D 390 3.00 -12.65 22.49
CA ILE D 390 2.49 -11.30 22.68
C ILE D 390 1.17 -11.42 23.43
N ALA D 391 1.05 -10.65 24.51
CA ALA D 391 -0.16 -10.60 25.30
C ALA D 391 -0.95 -9.38 24.86
N PHE D 392 -2.21 -9.61 24.48
CA PHE D 392 -3.13 -8.53 24.12
C PHE D 392 -4.18 -8.43 25.21
N GLN D 393 -4.39 -7.22 25.72
CA GLN D 393 -5.41 -6.96 26.72
C GLN D 393 -6.31 -5.81 26.29
N TRP D 394 -7.60 -5.94 26.58
CA TRP D 394 -8.59 -4.91 26.31
C TRP D 394 -9.80 -5.15 27.21
N CYS D 395 -10.77 -4.26 27.14
CA CYS D 395 -11.97 -4.40 27.92
C CYS D 395 -13.18 -4.36 27.00
N GLU D 396 -14.27 -5.00 27.40
CA GLU D 396 -15.45 -5.02 26.55
C GLU D 396 -16.69 -5.29 27.35
N ASN D 397 -17.81 -4.74 26.91
CA ASN D 397 -19.06 -4.98 27.57
C ASN D 397 -19.68 -6.11 26.81
N GLU E 3 -35.29 52.95 40.75
CA GLU E 3 -35.63 54.24 40.16
C GLU E 3 -35.59 54.24 38.65
N LEU E 4 -36.69 54.71 38.06
CA LEU E 4 -36.87 54.78 36.63
C LEU E 4 -36.87 56.21 36.11
N MET E 5 -36.25 57.13 36.84
CA MET E 5 -36.25 58.53 36.46
C MET E 5 -34.84 58.98 36.12
N ILE E 6 -34.74 59.81 35.09
CA ILE E 6 -33.44 60.34 34.68
C ILE E 6 -33.10 61.56 35.52
N LYS E 7 -31.97 61.48 36.23
CA LYS E 7 -31.45 62.59 37.01
C LYS E 7 -30.65 63.52 36.12
N SER E 8 -29.44 63.11 35.75
CA SER E 8 -28.68 63.81 34.73
C SER E 8 -28.98 63.20 33.36
N SER E 9 -29.47 64.02 32.43
CA SER E 9 -29.70 63.46 31.11
C SER E 9 -28.42 63.42 30.30
N ASN E 10 -27.45 64.27 30.65
CA ASN E 10 -26.14 64.19 30.02
C ASN E 10 -25.44 62.90 30.42
N ALA E 11 -25.54 62.52 31.69
CA ALA E 11 -24.93 61.27 32.15
C ALA E 11 -25.61 60.05 31.51
N PHE E 12 -26.93 60.13 31.34
CA PHE E 12 -27.66 59.06 30.69
C PHE E 12 -27.08 58.77 29.31
N ASP E 13 -26.86 59.82 28.50
CA ASP E 13 -26.30 59.68 27.16
C ASP E 13 -24.84 59.22 27.21
N VAL E 14 -24.06 59.71 28.17
CA VAL E 14 -22.65 59.33 28.25
C VAL E 14 -22.51 57.82 28.48
N ILE E 15 -23.40 57.25 29.28
CA ILE E 15 -23.31 55.83 29.60
C ILE E 15 -23.79 55.00 28.42
N GLU E 16 -24.84 55.45 27.74
CA GLU E 16 -25.28 54.80 26.51
C GLU E 16 -24.13 54.66 25.52
N LEU E 17 -23.48 55.78 25.19
CA LEU E 17 -22.38 55.73 24.24
C LEU E 17 -21.25 54.84 24.76
N SER E 18 -20.98 54.90 26.07
CA SER E 18 -19.85 54.15 26.62
C SER E 18 -20.09 52.64 26.54
N SER E 19 -21.32 52.17 26.80
CA SER E 19 -21.56 50.73 26.73
C SER E 19 -21.51 50.21 25.29
N GLN E 20 -21.94 51.03 24.32
CA GLN E 20 -21.86 50.61 22.93
C GLN E 20 -20.42 50.51 22.48
N ILE E 21 -19.60 51.48 22.91
CA ILE E 21 -18.18 51.39 22.61
C ILE E 21 -17.61 50.12 23.23
N GLN E 22 -18.10 49.77 24.41
CA GLN E 22 -17.66 48.54 25.06
C GLN E 22 -18.11 47.30 24.29
N ARG E 23 -19.36 47.27 23.85
CA ARG E 23 -19.86 46.13 23.12
C ARG E 23 -19.09 45.97 21.81
N TYR E 24 -18.97 47.05 21.06
CA TYR E 24 -18.15 47.09 19.86
C TYR E 24 -16.76 46.55 20.11
N ALA E 25 -16.11 47.00 21.20
CA ALA E 25 -14.75 46.55 21.47
C ALA E 25 -14.65 45.08 21.84
N SER E 26 -15.75 44.46 22.21
CA SER E 26 -15.72 43.05 22.64
C SER E 26 -15.97 42.08 21.50
N LEU E 27 -16.22 42.57 20.29
CA LEU E 27 -16.59 41.72 19.16
C LEU E 27 -15.43 41.56 18.17
N SER E 28 -15.21 40.31 17.74
CA SER E 28 -14.33 40.02 16.61
C SER E 28 -15.05 40.15 15.27
N LYS E 29 -16.37 39.99 15.26
CA LYS E 29 -17.16 40.12 14.06
C LYS E 29 -18.44 40.89 14.35
N ILE E 30 -18.86 41.68 13.39
CA ILE E 30 -20.12 42.43 13.46
C ILE E 30 -20.84 42.17 12.16
N ASN E 31 -22.05 41.63 12.24
CA ASN E 31 -22.86 41.35 11.07
C ASN E 31 -22.08 40.47 10.06
N ASN E 32 -21.46 39.41 10.57
CA ASN E 32 -20.76 38.33 9.86
C ASN E 32 -19.44 38.74 9.24
N ARG E 33 -18.92 39.91 9.59
CA ARG E 33 -17.67 40.40 9.02
C ARG E 33 -16.73 40.86 10.12
N THR E 34 -15.43 40.79 9.84
CA THR E 34 -14.41 41.17 10.82
C THR E 34 -14.64 42.60 11.27
N ASN E 35 -14.48 42.83 12.57
CA ASN E 35 -14.52 44.17 13.15
C ASN E 35 -13.41 44.98 12.50
N PRO E 36 -13.75 46.03 11.76
CA PRO E 36 -12.74 46.81 11.02
C PRO E 36 -11.55 47.24 11.86
N ILE E 37 -11.75 47.54 13.15
CA ILE E 37 -10.67 48.06 13.95
C ILE E 37 -9.60 47.02 14.18
N LEU E 38 -9.90 45.74 13.95
CA LEU E 38 -8.93 44.67 14.16
C LEU E 38 -8.09 44.39 12.90
N LYS E 39 -8.40 45.06 11.78
CA LYS E 39 -7.79 44.77 10.49
C LYS E 39 -6.41 45.37 10.26
N ASP E 40 -5.93 46.28 11.11
CA ASP E 40 -4.65 46.96 10.94
C ASP E 40 -3.64 46.41 11.94
N ASN E 41 -2.42 46.97 11.94
CA ASN E 41 -1.36 46.48 12.82
C ASN E 41 -0.66 47.56 13.65
N LYS E 42 -1.17 48.80 13.66
CA LYS E 42 -0.58 49.82 14.52
C LYS E 42 -0.95 49.55 15.98
N ALA E 43 -0.04 49.93 16.88
CA ALA E 43 -0.26 49.75 18.31
C ALA E 43 -1.27 50.76 18.89
N LYS E 44 -1.58 51.84 18.19
CA LYS E 44 -2.51 52.84 18.70
C LYS E 44 -3.35 53.40 17.55
N GLU E 45 -4.58 53.76 17.87
CA GLU E 45 -5.39 54.49 16.91
C GLU E 45 -6.39 55.33 17.68
N PHE E 46 -6.69 56.51 17.13
CA PHE E 46 -7.64 57.43 17.73
C PHE E 46 -8.88 57.52 16.85
N LYS E 47 -10.06 57.39 17.45
CA LYS E 47 -11.29 57.42 16.68
C LYS E 47 -11.99 58.74 16.92
N ASP E 48 -12.50 59.34 15.84
CA ASP E 48 -13.00 60.69 15.89
C ASP E 48 -14.25 60.80 16.76
N ALA E 49 -14.50 62.05 17.19
CA ALA E 49 -15.67 62.37 18.00
C ALA E 49 -16.95 62.45 17.17
N ASP E 50 -16.84 62.53 15.85
CA ASP E 50 -18.08 62.52 15.10
C ASP E 50 -18.72 61.14 15.08
N LEU E 51 -18.00 60.10 15.50
CA LEU E 51 -18.56 58.75 15.62
C LEU E 51 -18.94 58.13 14.26
N LYS E 52 -18.28 58.55 13.17
CA LYS E 52 -18.54 57.90 11.89
C LYS E 52 -18.09 56.44 11.91
N TRP E 53 -16.95 56.17 12.54
CA TRP E 53 -16.44 54.84 12.75
C TRP E 53 -17.39 53.92 13.52
N LEU E 54 -18.45 54.45 14.13
CA LEU E 54 -19.35 53.61 14.91
C LEU E 54 -20.72 53.49 14.26
N LYS E 55 -20.97 54.18 13.16
CA LYS E 55 -22.25 54.08 12.50
C LYS E 55 -22.15 53.07 11.36
N LEU E 56 -23.28 52.52 10.96
CA LEU E 56 -23.34 51.48 9.95
C LEU E 56 -23.02 52.05 8.56
N GLU E 57 -22.41 51.20 7.72
CA GLU E 57 -22.06 51.58 6.35
C GLU E 57 -23.30 51.80 5.47
N ASN E 58 -24.44 51.22 5.82
CA ASN E 58 -25.66 51.44 5.06
C ASN E 58 -26.46 52.67 5.57
N CYS E 59 -25.75 53.67 6.22
CA CYS E 59 -26.39 54.92 6.63
C CYS E 59 -26.33 55.93 5.49
N PRO E 60 -27.30 56.87 5.40
CA PRO E 60 -27.27 57.90 4.33
C PRO E 60 -25.88 58.46 4.05
N THR E 61 -25.15 58.88 5.08
CA THR E 61 -23.71 59.01 4.97
C THR E 61 -23.10 57.73 5.57
N ALA E 62 -22.16 57.12 4.87
CA ALA E 62 -21.71 55.79 5.24
C ALA E 62 -20.79 55.83 6.46
N GLY E 63 -21.09 54.98 7.45
CA GLY E 63 -20.18 54.75 8.55
C GLY E 63 -19.25 53.60 8.22
N ASP E 64 -18.42 53.23 9.21
CA ASP E 64 -17.45 52.16 9.03
C ASP E 64 -17.92 50.80 9.50
N VAL E 65 -19.06 50.69 10.16
CA VAL E 65 -19.42 49.39 10.71
C VAL E 65 -20.03 48.54 9.60
N PRO E 66 -19.51 47.34 9.36
CA PRO E 66 -20.03 46.54 8.25
C PRO E 66 -21.42 46.05 8.56
N THR E 67 -22.22 45.93 7.51
CA THR E 67 -23.49 45.23 7.52
C THR E 67 -23.35 43.93 6.75
N THR E 68 -24.40 43.11 6.83
CA THR E 68 -24.52 41.96 5.96
C THR E 68 -24.96 42.42 4.59
N GLY E 69 -24.73 41.58 3.58
CA GLY E 69 -25.05 41.98 2.23
C GLY E 69 -26.53 42.17 1.95
N ASN E 70 -27.40 41.46 2.66
CA ASN E 70 -28.83 41.60 2.47
C ASN E 70 -29.31 42.71 3.36
N ASN E 71 -29.81 43.79 2.76
CA ASN E 71 -30.20 44.93 3.53
C ASN E 71 -31.62 44.82 4.07
N ASN E 72 -32.26 43.68 3.88
CA ASN E 72 -33.51 43.36 4.58
C ASN E 72 -33.25 42.55 5.85
N ASP E 73 -32.04 42.01 6.03
CA ASP E 73 -31.73 41.32 7.27
C ASP E 73 -31.72 42.29 8.44
N LEU E 74 -31.76 41.72 9.65
CA LEU E 74 -31.55 42.50 10.85
C LEU E 74 -30.08 42.93 10.91
N GLN E 75 -29.82 44.20 11.15
CA GLN E 75 -28.47 44.71 11.26
C GLN E 75 -28.17 45.04 12.72
N ASP E 76 -27.15 44.40 13.27
CA ASP E 76 -26.58 44.84 14.54
C ASP E 76 -26.06 46.27 14.38
N GLN E 77 -26.45 47.16 15.31
CA GLN E 77 -25.95 48.54 15.25
C GLN E 77 -25.65 49.03 16.65
N PHE E 78 -24.83 50.08 16.71
CA PHE E 78 -24.37 50.64 17.97
C PHE E 78 -24.99 52.00 18.28
N ILE E 79 -24.99 52.93 17.32
CA ILE E 79 -25.67 54.20 17.46
C ILE E 79 -26.49 54.46 16.20
N ALA E 80 -27.53 55.25 16.33
CA ALA E 80 -28.35 55.61 15.18
C ALA E 80 -27.56 56.46 14.19
N CYS E 81 -28.08 56.57 12.96
CA CYS E 81 -27.31 57.23 11.91
C CYS E 81 -27.19 58.73 12.14
N ASP E 82 -28.20 59.34 12.76
CA ASP E 82 -28.18 60.76 13.05
C ASP E 82 -27.60 61.09 14.44
N ALA E 83 -26.93 60.13 15.08
CA ALA E 83 -26.47 60.32 16.45
C ALA E 83 -25.33 61.35 16.54
N ASP E 84 -25.38 62.19 17.58
CA ASP E 84 -24.29 63.13 17.84
C ASP E 84 -24.17 63.26 19.35
N TYR E 85 -23.01 62.89 19.90
CA TYR E 85 -22.78 62.93 21.34
C TYR E 85 -21.86 64.08 21.75
N ARG E 86 -21.57 64.98 20.83
CA ARG E 86 -20.81 66.20 21.15
C ARG E 86 -21.75 67.30 21.61
N LYS E 87 -22.50 66.99 22.67
CA LYS E 87 -23.46 67.91 23.27
C LYS E 87 -23.42 67.73 24.78
N GLY E 88 -23.85 68.77 25.51
CA GLY E 88 -23.94 68.70 26.96
C GLY E 88 -22.68 69.13 27.67
N ASP E 89 -22.73 69.07 29.00
CA ASP E 89 -21.59 69.50 29.80
C ASP E 89 -20.40 68.58 29.65
N LEU E 90 -20.65 67.29 29.40
CA LEU E 90 -19.63 66.29 29.08
C LEU E 90 -19.81 65.90 27.61
N SER E 91 -18.88 66.35 26.76
CA SER E 91 -19.00 66.25 25.31
C SER E 91 -18.01 65.22 24.79
N TYR E 92 -18.52 64.22 24.06
CA TYR E 92 -17.67 63.15 23.56
C TYR E 92 -16.57 63.75 22.71
N PHE E 93 -15.34 63.32 22.96
CA PHE E 93 -14.19 63.95 22.36
C PHE E 93 -13.37 63.00 21.49
N GLY E 94 -13.71 61.72 21.48
CA GLY E 94 -12.98 60.68 20.79
C GLY E 94 -12.57 59.56 21.73
N SER E 95 -12.06 58.48 21.13
CA SER E 95 -11.66 57.33 21.93
C SER E 95 -10.30 56.84 21.47
N GLN E 96 -9.46 56.57 22.45
CA GLN E 96 -8.08 56.13 22.24
C GLN E 96 -8.03 54.63 22.44
N PHE E 97 -7.83 53.90 21.34
CA PHE E 97 -7.66 52.45 21.38
C PHE E 97 -6.17 52.10 21.41
N GLU E 98 -5.81 51.20 22.30
CA GLU E 98 -4.47 50.61 22.32
C GLU E 98 -4.57 49.12 22.01
N PHE E 99 -3.70 48.66 21.10
CA PHE E 99 -3.74 47.29 20.61
C PHE E 99 -2.42 46.59 20.87
N SER E 100 -2.46 45.26 20.85
CA SER E 100 -1.26 44.46 20.74
C SER E 100 -1.42 43.52 19.55
N THR E 101 -0.32 43.19 18.89
CA THR E 101 -0.43 42.38 17.70
C THR E 101 -0.91 40.97 18.07
N TYR E 102 -1.64 40.36 17.14
CA TYR E 102 -2.33 39.12 17.41
C TYR E 102 -2.59 38.37 16.10
N VAL E 103 -2.25 37.08 16.08
CA VAL E 103 -2.62 36.19 15.00
C VAL E 103 -3.84 35.42 15.48
N HIS E 104 -4.93 35.59 14.80
CA HIS E 104 -6.14 34.89 15.21
C HIS E 104 -6.06 33.43 14.78
N PRO E 105 -6.49 32.49 15.63
CA PRO E 105 -6.33 31.07 15.27
C PRO E 105 -7.13 30.65 14.04
N SER E 106 -8.12 31.43 13.60
CA SER E 106 -8.90 31.02 12.44
C SER E 106 -9.32 32.16 11.53
N ASN E 107 -8.91 33.41 11.81
CA ASN E 107 -9.33 34.55 10.99
C ASN E 107 -8.15 35.41 10.55
N PRO E 108 -7.62 35.16 9.34
CA PRO E 108 -6.46 35.95 8.87
C PRO E 108 -6.75 37.43 8.70
N GLU E 109 -8.02 37.84 8.66
CA GLU E 109 -8.33 39.25 8.55
C GLU E 109 -8.00 40.02 9.83
N ILE E 110 -7.96 39.33 10.97
CA ILE E 110 -7.64 39.98 12.24
C ILE E 110 -6.12 39.97 12.40
N GLN E 111 -5.51 41.17 12.51
CA GLN E 111 -4.06 41.26 12.71
C GLN E 111 -3.64 41.74 14.09
N ARG E 112 -4.55 42.36 14.87
CA ARG E 112 -4.28 42.83 16.23
C ARG E 112 -5.52 42.63 17.09
N GLN E 113 -5.33 42.78 18.41
CA GLN E 113 -6.41 42.72 19.40
C GLN E 113 -6.38 43.96 20.29
N ILE E 114 -7.54 44.28 20.86
CA ILE E 114 -7.71 45.49 21.67
C ILE E 114 -7.19 45.22 23.08
N LYS E 115 -6.30 46.09 23.57
CA LYS E 115 -5.86 46.03 24.98
C LYS E 115 -6.70 46.91 25.90
N GLN E 116 -6.95 48.16 25.50
CA GLN E 116 -7.71 49.08 26.32
C GLN E 116 -8.29 50.17 25.43
N VAL E 117 -9.43 50.67 25.86
CA VAL E 117 -10.08 51.83 25.25
C VAL E 117 -10.22 52.92 26.31
N VAL E 118 -9.78 54.13 25.99
CA VAL E 118 -9.98 55.31 26.83
C VAL E 118 -10.80 56.28 26.01
N SER E 119 -12.00 56.60 26.49
CA SER E 119 -12.89 57.51 25.81
C SER E 119 -12.96 58.84 26.57
N TYR E 120 -12.76 59.94 25.86
CA TYR E 120 -12.67 61.26 26.45
C TYR E 120 -13.97 62.03 26.24
N PHE E 121 -14.41 62.70 27.31
CA PHE E 121 -15.55 63.58 27.28
C PHE E 121 -15.03 64.91 27.81
N GLN E 122 -14.89 65.89 26.91
CA GLN E 122 -14.42 67.21 27.32
C GLN E 122 -15.50 67.92 28.12
N TYR E 123 -15.09 68.65 29.17
CA TYR E 123 -16.03 69.36 30.06
C TYR E 123 -16.35 70.78 29.59
N ARG E 124 -17.64 71.07 29.44
CA ARG E 124 -18.11 72.38 28.99
C ARG E 124 -18.95 73.14 30.02
N GLY E 125 -18.94 72.72 31.28
CA GLY E 125 -19.62 73.49 32.30
C GLY E 125 -18.95 74.82 32.59
N MET E 126 -19.69 75.71 33.23
CA MET E 126 -19.19 77.07 33.42
C MET E 126 -18.01 77.14 34.38
N GLU E 127 -17.96 76.28 35.39
CA GLU E 127 -16.89 76.29 36.38
C GLU E 127 -16.16 74.96 36.34
N ARG E 128 -14.83 74.98 36.28
CA ARG E 128 -14.10 73.74 36.00
C ARG E 128 -14.21 72.75 37.15
N ALA E 129 -14.36 73.23 38.38
CA ALA E 129 -14.46 72.30 39.48
C ALA E 129 -15.73 71.47 39.43
N PHE E 130 -16.69 71.86 38.58
CA PHE E 130 -17.92 71.09 38.54
C PHE E 130 -17.78 69.81 37.70
N ILE E 131 -16.63 69.57 37.07
CA ILE E 131 -16.41 68.28 36.41
C ILE E 131 -16.42 67.18 37.46
N GLY E 132 -16.11 67.52 38.71
CA GLY E 132 -16.19 66.53 39.78
C GLY E 132 -17.61 66.03 39.96
N ASP E 133 -18.57 66.94 39.96
CA ASP E 133 -19.98 66.56 40.08
C ASP E 133 -20.48 65.83 38.84
N ALA E 134 -20.14 66.35 37.64
CA ALA E 134 -20.64 65.75 36.42
C ALA E 134 -20.17 64.30 36.31
N ALA E 135 -18.87 64.09 36.58
CA ALA E 135 -18.30 62.76 36.64
C ALA E 135 -19.01 61.91 37.68
N GLY E 136 -19.39 62.50 38.81
CA GLY E 136 -20.11 61.72 39.81
C GLY E 136 -21.46 61.26 39.31
N TYR E 137 -22.10 62.06 38.47
CA TYR E 137 -23.38 61.66 37.91
C TYR E 137 -23.19 60.56 36.87
N VAL E 138 -22.10 60.62 36.11
CA VAL E 138 -21.81 59.56 35.13
C VAL E 138 -21.56 58.24 35.85
N ILE E 139 -20.72 58.26 36.89
CA ILE E 139 -20.41 57.02 37.61
C ILE E 139 -21.66 56.44 38.26
N SER E 140 -22.53 57.30 38.79
CA SER E 140 -23.76 56.82 39.39
C SER E 140 -24.69 56.24 38.35
N GLU E 141 -24.75 56.90 37.19
CA GLU E 141 -25.59 56.42 36.09
C GLU E 141 -25.03 55.13 35.50
N ALA E 142 -23.71 54.97 35.51
CA ALA E 142 -23.12 53.69 35.07
C ALA E 142 -23.60 52.55 35.95
N LYS E 143 -23.50 52.72 37.27
CA LYS E 143 -23.94 51.69 38.19
C LYS E 143 -25.44 51.45 38.08
N LYS E 144 -26.21 52.51 37.80
CA LYS E 144 -27.64 52.35 37.63
C LYS E 144 -28.01 51.53 36.40
N LYS E 145 -27.18 51.55 35.34
CA LYS E 145 -27.45 50.84 34.10
C LYS E 145 -26.65 49.56 33.91
N GLY E 146 -25.89 49.14 34.91
CA GLY E 146 -25.14 47.90 34.79
C GLY E 146 -23.88 47.97 33.94
N PHE E 147 -23.40 49.17 33.63
CA PHE E 147 -22.21 49.32 32.81
C PHE E 147 -21.00 49.37 33.73
N SER E 148 -20.09 48.44 33.51
CA SER E 148 -18.84 48.27 34.25
C SER E 148 -17.66 48.84 33.47
N ALA E 149 -17.18 50.01 33.87
CA ALA E 149 -15.94 50.51 33.32
C ALA E 149 -14.80 50.13 34.25
N GLN E 150 -13.56 50.22 33.78
CA GLN E 150 -12.45 49.79 34.62
C GLN E 150 -11.72 50.94 35.29
N ASP E 151 -11.87 52.16 34.82
CA ASP E 151 -11.31 53.29 35.54
C ASP E 151 -11.95 54.60 35.08
N TYR E 152 -12.16 55.48 36.02
CA TYR E 152 -12.68 56.80 35.75
C TYR E 152 -11.64 57.78 36.26
N ARG E 153 -11.24 58.70 35.40
CA ARG E 153 -10.18 59.64 35.75
C ARG E 153 -10.52 61.00 35.18
N ILE E 154 -10.00 62.02 35.85
CA ILE E 154 -10.02 63.38 35.36
C ILE E 154 -8.67 63.63 34.73
N VAL E 155 -8.67 64.20 33.52
CA VAL E 155 -7.44 64.34 32.76
C VAL E 155 -7.43 65.71 32.11
N LEU E 156 -6.22 66.18 31.83
CA LEU E 156 -5.97 67.26 30.90
C LEU E 156 -5.21 66.62 29.75
N ILE E 157 -5.73 66.76 28.52
CA ILE E 157 -5.12 66.09 27.37
C ILE E 157 -4.83 67.14 26.30
N GLU E 158 -3.80 66.88 25.52
CA GLU E 158 -3.39 67.82 24.50
C GLU E 158 -3.16 67.12 23.18
N PRO E 159 -3.52 67.79 22.12
CA PRO E 159 -3.35 67.22 20.79
C PRO E 159 -2.00 66.63 20.66
N ASP E 160 -1.91 65.83 19.63
CA ASP E 160 -0.74 65.08 19.23
C ASP E 160 -1.03 64.57 17.81
N ARG E 161 -0.01 64.36 16.98
CA ARG E 161 -0.25 63.82 15.64
C ARG E 161 -0.77 62.41 15.82
N VAL E 162 -0.12 61.68 16.71
CA VAL E 162 -0.48 60.34 17.07
C VAL E 162 -1.96 60.27 17.36
N GLY E 163 -2.40 61.02 18.35
CA GLY E 163 -3.79 61.09 18.73
C GLY E 163 -3.93 62.15 19.79
N TYR E 164 -3.83 61.71 21.03
CA TYR E 164 -3.93 62.61 22.16
C TYR E 164 -3.09 62.05 23.26
N PHE E 165 -2.55 62.93 24.07
CA PHE E 165 -1.75 62.50 25.19
C PHE E 165 -2.27 63.12 26.48
N GLU E 166 -2.07 62.41 27.58
CA GLU E 166 -2.50 62.84 28.90
C GLU E 166 -1.36 63.57 29.59
N SER E 167 -1.40 64.90 29.54
CA SER E 167 -0.40 65.70 30.24
C SER E 167 -0.51 65.54 31.74
N ASN E 168 -1.73 65.48 32.29
CA ASN E 168 -1.90 65.28 33.72
C ASN E 168 -3.14 64.43 33.98
N ALA E 169 -3.08 63.61 35.04
CA ALA E 169 -4.24 62.81 35.39
C ALA E 169 -4.40 62.71 36.90
N ILE E 170 -5.65 62.70 37.35
CA ILE E 170 -6.01 62.51 38.75
C ILE E 170 -7.25 61.62 38.82
N SER E 171 -7.26 60.67 39.76
CA SER E 171 -8.42 59.79 39.90
C SER E 171 -9.65 60.60 40.28
N TYR E 172 -10.83 60.12 39.85
CA TYR E 172 -12.07 60.78 40.23
C TYR E 172 -12.17 60.95 41.75
N GLU E 173 -11.79 59.93 42.47
CA GLU E 173 -11.89 59.98 43.90
C GLU E 173 -11.01 61.04 44.54
N GLU E 174 -9.80 61.18 44.06
CA GLU E 174 -8.90 62.14 44.63
C GLU E 174 -9.29 63.56 44.28
N PHE E 175 -9.89 63.73 43.12
CA PHE E 175 -10.31 65.04 42.71
C PHE E 175 -11.40 65.62 43.60
N ILE E 176 -12.27 64.78 44.12
CA ILE E 176 -13.39 65.25 44.92
C ILE E 176 -13.09 65.24 46.41
N GLU E 177 -12.15 64.42 46.87
CA GLU E 177 -11.91 64.23 48.30
C GLU E 177 -10.75 65.06 48.82
N ASN E 178 -9.89 65.55 47.92
CA ASN E 178 -8.64 66.25 48.26
C ASN E 178 -8.65 67.65 47.66
N PRO E 179 -9.09 68.67 48.40
CA PRO E 179 -9.16 70.02 47.83
C PRO E 179 -7.83 70.54 47.33
N SER E 180 -6.73 70.17 47.99
CA SER E 180 -5.42 70.62 47.55
C SER E 180 -5.05 70.04 46.17
N ALA E 181 -5.11 68.71 46.02
CA ALA E 181 -4.77 68.07 44.74
C ALA E 181 -5.67 68.55 43.61
N ARG E 182 -6.98 68.69 43.88
CA ARG E 182 -7.91 69.24 42.90
C ARG E 182 -7.45 70.60 42.40
N GLU E 183 -7.19 71.53 43.33
CA GLU E 183 -6.82 72.90 42.96
C GLU E 183 -5.49 72.92 42.23
N ASN E 184 -4.51 72.15 42.68
CA ASN E 184 -3.25 72.04 41.94
C ASN E 184 -3.50 71.55 40.52
N PHE E 185 -4.38 70.56 40.37
CA PHE E 185 -4.67 70.01 39.04
C PHE E 185 -5.32 71.05 38.14
N LEU E 186 -6.43 71.64 38.59
CA LEU E 186 -7.14 72.63 37.79
C LEU E 186 -6.24 73.80 37.39
N LEU E 187 -5.18 74.06 38.16
CA LEU E 187 -4.27 75.16 37.84
C LEU E 187 -3.46 74.88 36.59
N LYS E 188 -3.31 73.59 36.22
CA LYS E 188 -2.64 73.17 34.99
C LYS E 188 -3.57 73.23 33.77
N ALA E 189 -4.84 73.62 33.95
CA ALA E 189 -5.81 73.68 32.87
C ALA E 189 -5.54 74.92 32.02
N THR E 190 -4.40 74.88 31.33
CA THR E 190 -3.99 75.97 30.45
C THR E 190 -4.84 75.97 29.17
N LYS E 191 -4.70 77.05 28.40
CA LYS E 191 -5.60 77.28 27.26
C LYS E 191 -5.46 76.21 26.19
N ASP E 192 -4.26 75.62 26.07
CA ASP E 192 -3.98 74.61 25.05
C ASP E 192 -4.49 73.20 25.42
N ARG E 193 -4.69 72.90 26.70
CA ARG E 193 -5.16 71.57 27.04
C ARG E 193 -6.69 71.51 27.07
N THR E 194 -7.18 70.27 27.04
CA THR E 194 -8.61 69.96 27.12
C THR E 194 -8.88 69.29 28.46
N LEU E 195 -9.81 69.86 29.24
CA LEU E 195 -10.27 69.25 30.48
C LEU E 195 -11.32 68.20 30.17
N ALA E 196 -11.19 67.02 30.77
CA ALA E 196 -12.01 65.91 30.32
C ALA E 196 -12.19 64.84 31.38
N LEU E 197 -13.33 64.14 31.27
CA LEU E 197 -13.55 62.84 31.92
C LEU E 197 -13.03 61.69 31.04
N ALA E 198 -12.26 60.78 31.66
CA ALA E 198 -11.67 59.62 31.00
C ALA E 198 -12.37 58.34 31.45
N VAL E 199 -13.00 57.65 30.49
CA VAL E 199 -13.69 56.37 30.74
C VAL E 199 -12.81 55.28 30.13
N SER E 200 -12.34 54.37 30.98
CA SER E 200 -11.32 53.38 30.65
C SER E 200 -11.86 51.95 30.68
N LEU E 201 -11.82 51.29 29.52
CA LEU E 201 -12.17 49.87 29.35
C LEU E 201 -10.89 49.06 29.30
N ALA E 202 -10.84 47.94 29.99
CA ALA E 202 -9.71 47.03 29.82
C ALA E 202 -10.21 45.69 29.28
N GLN E 203 -9.60 45.21 28.19
CA GLN E 203 -10.02 43.93 27.62
C GLN E 203 -9.39 42.82 28.42
N THR E 204 -10.21 42.02 29.06
CA THR E 204 -9.68 40.97 29.92
C THR E 204 -10.16 39.61 29.46
N GLY E 205 -10.07 38.62 30.35
CA GLY E 205 -10.65 37.33 30.05
C GLY E 205 -12.16 37.31 30.11
N GLU E 206 -12.81 38.40 30.55
CA GLU E 206 -14.26 38.40 30.68
C GLU E 206 -14.98 38.47 29.35
N ILE E 207 -14.29 38.72 28.24
CA ILE E 207 -14.95 38.87 26.95
C ILE E 207 -15.74 37.60 26.68
N ALA E 208 -16.97 37.74 26.19
CA ALA E 208 -17.85 36.59 26.02
C ALA E 208 -17.45 35.70 24.82
N MET E 209 -17.50 34.40 25.04
CA MET E 209 -17.35 33.45 23.93
C MET E 209 -18.59 33.48 23.05
N GLN E 210 -18.38 33.63 21.76
CA GLN E 210 -19.47 33.85 20.83
C GLN E 210 -19.87 32.55 20.13
N ARG E 211 -21.18 32.43 19.86
CA ARG E 211 -21.67 31.21 19.24
C ARG E 211 -21.17 31.07 17.80
N ASP E 212 -20.66 32.16 17.19
CA ASP E 212 -20.09 32.06 15.85
C ASP E 212 -18.61 31.63 15.88
N GLY E 213 -18.04 31.38 17.07
CA GLY E 213 -16.66 30.95 17.19
C GLY E 213 -15.62 32.00 16.90
N SER E 214 -16.03 33.27 16.81
CA SER E 214 -15.10 34.33 16.44
C SER E 214 -14.11 34.67 17.54
N VAL E 215 -14.37 34.31 18.80
CA VAL E 215 -13.49 34.65 19.91
C VAL E 215 -12.83 33.39 20.39
N ALA E 216 -11.50 33.40 20.48
CA ALA E 216 -10.72 32.27 20.94
C ALA E 216 -10.52 32.28 22.45
N PHE E 217 -10.50 31.09 23.02
CA PHE E 217 -10.02 30.92 24.38
C PHE E 217 -8.60 31.45 24.50
N LEU E 218 -8.29 32.01 25.66
CA LEU E 218 -6.94 32.43 25.95
C LEU E 218 -6.04 31.21 26.04
N GLU E 219 -4.74 31.43 25.82
CA GLU E 219 -3.77 30.35 25.90
C GLU E 219 -3.87 29.63 27.24
N ASP E 220 -3.92 28.29 27.18
CA ASP E 220 -3.91 27.37 28.32
C ASP E 220 -5.16 27.47 29.18
N SER E 221 -6.22 28.11 28.70
CA SER E 221 -7.37 28.17 29.58
C SER E 221 -8.17 26.88 29.46
N GLU E 222 -8.98 26.62 30.47
CA GLU E 222 -9.64 25.33 30.58
C GLU E 222 -11.14 25.49 30.42
N LEU E 223 -11.73 24.67 29.55
CA LEU E 223 -13.17 24.56 29.41
C LEU E 223 -13.62 23.51 30.40
N CYS E 224 -14.48 23.89 31.33
CA CYS E 224 -14.77 23.09 32.51
C CYS E 224 -16.26 22.80 32.62
N TRP E 225 -16.56 21.69 33.29
CA TRP E 225 -17.91 21.33 33.70
C TRP E 225 -17.90 21.23 35.23
N ASP E 226 -18.96 21.74 35.87
CA ASP E 226 -19.18 21.34 37.25
C ASP E 226 -19.48 19.84 37.26
N THR E 227 -18.94 19.10 38.23
CA THR E 227 -19.21 17.66 38.28
C THR E 227 -19.72 17.26 39.65
N ALA E 228 -20.50 16.18 39.66
CA ALA E 228 -21.18 15.68 40.85
C ALA E 228 -20.22 15.20 41.93
N ALA E 229 -18.91 15.16 41.67
CA ALA E 229 -17.92 15.00 42.73
C ALA E 229 -17.95 16.25 43.62
N GLY E 230 -19.03 17.03 43.51
CA GLY E 230 -19.41 18.13 44.37
C GLY E 230 -19.26 19.48 43.68
N SER E 231 -18.20 20.19 44.03
CA SER E 231 -17.83 21.45 43.39
C SER E 231 -16.63 21.28 42.48
N ALA E 232 -15.79 20.28 42.77
CA ALA E 232 -14.69 19.88 41.90
C ALA E 232 -15.09 20.00 40.43
N LYS E 233 -14.13 20.44 39.62
CA LYS E 233 -14.34 20.57 38.19
C LYS E 233 -13.37 19.70 37.40
N SER E 234 -13.86 19.24 36.25
CA SER E 234 -13.16 18.38 35.33
C SER E 234 -13.10 19.15 34.02
N CYS E 235 -11.90 19.44 33.56
CA CYS E 235 -11.67 20.40 32.50
C CYS E 235 -10.89 19.78 31.34
N LEU E 236 -10.96 20.43 30.18
CA LEU E 236 -10.11 20.11 29.05
C LEU E 236 -9.59 21.42 28.46
N SER E 237 -8.53 21.32 27.66
CA SER E 237 -7.89 22.50 27.06
C SER E 237 -7.06 22.08 25.85
N VAL E 238 -6.65 23.07 25.08
CA VAL E 238 -5.74 22.87 23.96
C VAL E 238 -4.45 23.60 24.31
N ARG E 239 -3.40 22.84 24.59
CA ARG E 239 -2.09 23.35 24.97
C ARG E 239 -1.11 23.26 23.81
N TYR E 240 -0.10 24.13 23.83
CA TYR E 240 0.98 24.11 22.85
C TYR E 240 2.29 23.84 23.58
N ASP E 241 3.07 22.90 23.06
CA ASP E 241 4.38 22.53 23.59
C ASP E 241 5.46 23.07 22.67
N THR E 242 6.27 24.02 23.19
CA THR E 242 7.28 24.66 22.36
C THR E 242 8.50 23.76 22.14
N VAL E 243 8.80 22.85 23.08
CA VAL E 243 9.90 21.89 22.94
C VAL E 243 9.44 20.65 22.14
N GLY E 244 8.96 20.87 20.92
CA GLY E 244 8.57 19.81 20.03
C GLY E 244 7.51 20.29 19.05
N ASN E 245 7.14 21.57 19.18
CA ASN E 245 6.29 22.27 18.22
C ASN E 245 5.01 21.49 17.87
N LYS E 246 4.27 21.05 18.90
CA LYS E 246 3.06 20.28 18.69
C LYS E 246 1.94 20.82 19.59
N THR E 247 0.70 20.76 19.11
CA THR E 247 -0.44 21.12 19.96
C THR E 247 -1.09 19.85 20.47
N GLU E 248 -1.64 19.93 21.68
CA GLU E 248 -2.23 18.76 22.34
C GLU E 248 -3.62 19.13 22.81
N LEU E 249 -4.61 18.31 22.47
CA LEU E 249 -5.92 18.39 23.10
C LEU E 249 -5.83 17.57 24.38
N ASP E 250 -5.76 18.26 25.51
CA ASP E 250 -5.50 17.61 26.80
C ASP E 250 -6.82 17.25 27.45
N LEU E 251 -7.17 15.97 27.42
CA LEU E 251 -8.36 15.45 28.08
C LEU E 251 -8.02 14.64 29.32
N LYS E 252 -6.79 14.74 29.82
CA LYS E 252 -6.36 13.83 30.89
C LYS E 252 -7.02 14.12 32.24
N GLN E 253 -7.69 15.28 32.41
CA GLN E 253 -8.45 15.52 33.66
C GLN E 253 -9.72 14.70 33.76
N ILE E 254 -10.21 14.13 32.66
CA ILE E 254 -11.40 13.29 32.64
C ILE E 254 -10.96 11.85 32.79
N ASP E 255 -11.77 11.02 33.47
CA ASP E 255 -11.32 9.65 33.74
C ASP E 255 -11.34 8.80 32.47
N VAL E 256 -12.42 8.86 31.69
CA VAL E 256 -12.57 8.08 30.47
C VAL E 256 -13.17 8.96 29.37
N VAL E 257 -12.57 8.93 28.17
CA VAL E 257 -13.19 9.48 26.98
C VAL E 257 -13.99 8.37 26.30
N SER E 258 -15.27 8.61 26.09
CA SER E 258 -16.21 7.60 25.59
C SER E 258 -16.70 8.01 24.20
N ALA E 259 -16.27 7.28 23.18
CA ALA E 259 -16.70 7.59 21.81
C ALA E 259 -17.67 6.55 21.27
N LYS E 260 -18.33 6.92 20.18
CA LYS E 260 -19.02 5.93 19.37
C LYS E 260 -18.00 5.42 18.35
N GLY E 261 -18.04 5.95 17.12
CA GLY E 261 -16.94 5.72 16.19
C GLY E 261 -15.72 6.57 16.52
N LEU E 262 -14.55 6.01 16.22
CA LEU E 262 -13.27 6.62 16.55
C LEU E 262 -12.27 6.32 15.43
N SER E 263 -11.62 7.36 14.91
CA SER E 263 -10.58 7.25 13.91
C SER E 263 -9.40 8.11 14.32
N PHE E 264 -8.21 7.72 13.90
CA PHE E 264 -7.00 8.44 14.21
C PHE E 264 -6.06 8.31 13.01
N GLU E 265 -4.91 8.97 13.08
CA GLU E 265 -3.98 8.95 11.97
C GLU E 265 -2.67 8.30 12.40
N SER E 266 -2.13 7.49 11.49
CA SER E 266 -0.80 6.88 11.64
C SER E 266 -0.12 7.02 10.29
N ASP E 267 0.95 7.79 10.22
CA ASP E 267 1.72 7.99 8.98
C ASP E 267 0.84 8.55 7.87
N GLY E 268 0.02 9.56 8.22
CA GLY E 268 -0.85 10.22 7.26
C GLY E 268 -2.09 9.45 6.86
N LYS E 269 -2.16 8.15 7.14
CA LYS E 269 -3.29 7.31 6.78
C LYS E 269 -4.29 7.25 7.94
N THR E 270 -5.57 7.11 7.60
CA THR E 270 -6.62 7.05 8.60
C THR E 270 -6.89 5.61 9.04
N LYS E 271 -7.02 5.42 10.35
CA LYS E 271 -7.15 4.10 10.95
C LYS E 271 -8.27 4.10 11.99
N THR E 272 -8.90 2.95 12.18
CA THR E 272 -9.71 2.70 13.36
C THR E 272 -8.98 1.69 14.24
N PRO E 273 -9.31 1.64 15.54
CA PRO E 273 -8.58 0.73 16.43
C PRO E 273 -8.83 -0.72 16.05
N VAL E 274 -7.82 -1.57 16.25
CA VAL E 274 -8.02 -2.99 15.95
C VAL E 274 -8.89 -3.62 17.03
N VAL E 275 -9.82 -4.45 16.60
CA VAL E 275 -10.73 -5.15 17.50
C VAL E 275 -10.56 -6.65 17.30
N SER E 276 -10.63 -7.39 18.40
CA SER E 276 -10.18 -8.77 18.43
C SER E 276 -11.27 -9.70 18.91
N THR E 277 -11.28 -10.90 18.34
CA THR E 277 -12.15 -11.97 18.77
C THR E 277 -11.37 -13.28 18.80
N TYR E 278 -11.79 -14.17 19.70
CA TYR E 278 -11.20 -15.51 19.86
C TYR E 278 -11.99 -16.48 18.97
N GLU E 279 -11.30 -17.19 18.08
CA GLU E 279 -12.03 -17.95 17.07
C GLU E 279 -11.56 -19.40 17.02
N THR E 280 -12.49 -20.24 16.62
CA THR E 280 -12.28 -21.67 16.38
C THR E 280 -13.26 -22.14 15.31
N PHE E 281 -12.96 -23.25 14.66
CA PHE E 281 -13.83 -23.73 13.59
C PHE E 281 -15.00 -24.56 14.12
N GLN E 282 -16.12 -24.51 13.40
CA GLN E 282 -17.39 -25.17 13.73
C GLN E 282 -17.35 -26.53 14.39
N ASP E 283 -17.22 -27.57 13.56
CA ASP E 283 -17.07 -29.00 13.94
C ASP E 283 -16.91 -29.91 12.76
N GLY E 284 -17.68 -29.70 11.71
CA GLY E 284 -17.60 -30.55 10.55
C GLY E 284 -16.57 -30.21 9.48
N GLY E 285 -15.50 -29.52 9.87
CA GLY E 285 -14.45 -29.13 8.97
C GLY E 285 -14.93 -28.19 7.88
N ARG E 286 -15.83 -27.30 8.25
CA ARG E 286 -16.40 -26.39 7.30
C ARG E 286 -15.75 -25.02 7.44
N ALA E 287 -15.82 -24.22 6.39
CA ALA E 287 -15.25 -22.89 6.44
C ALA E 287 -15.93 -22.04 7.52
N LYS E 288 -15.19 -21.04 8.01
CA LYS E 288 -15.69 -20.16 9.05
C LYS E 288 -16.03 -18.76 8.55
N THR E 289 -17.20 -18.28 8.95
CA THR E 289 -17.68 -16.95 8.58
C THR E 289 -17.53 -16.01 9.76
N ILE E 290 -16.95 -14.84 9.53
CA ILE E 290 -16.91 -13.76 10.50
C ILE E 290 -17.47 -12.52 9.84
N ASN E 291 -18.46 -11.90 10.49
CA ASN E 291 -19.06 -10.69 9.94
C ASN E 291 -18.04 -9.56 9.93
N ALA E 292 -17.94 -8.86 8.81
CA ALA E 292 -17.04 -7.73 8.73
C ALA E 292 -17.59 -6.54 9.50
N ILE E 293 -16.72 -5.87 10.24
CA ILE E 293 -17.17 -4.71 10.98
C ILE E 293 -17.62 -3.66 9.98
N GLU E 294 -18.56 -2.82 10.40
CA GLU E 294 -19.00 -1.70 9.56
C GLU E 294 -18.02 -0.55 9.71
N CYS E 295 -17.46 -0.05 8.52
CA CYS E 295 -16.45 0.99 8.48
C CYS E 295 -17.05 2.37 8.28
N PRO E 296 -16.43 3.41 8.80
CA PRO E 296 -16.82 4.76 8.39
C PRO E 296 -16.69 4.89 6.89
N THR E 297 -17.55 5.73 6.30
CA THR E 297 -17.52 5.93 4.86
C THR E 297 -16.14 6.43 4.46
N GLY E 298 -15.61 5.90 3.35
CA GLY E 298 -14.30 6.29 2.87
C GLY E 298 -13.16 5.47 3.44
N LEU E 299 -13.43 4.50 4.30
CA LEU E 299 -12.45 3.53 4.76
C LEU E 299 -12.87 2.15 4.29
N ASN E 300 -11.93 1.21 4.30
CA ASN E 300 -12.19 -0.15 3.84
C ASN E 300 -11.76 -1.16 4.90
N ASN E 301 -12.35 -2.35 4.83
CA ASN E 301 -12.13 -3.39 5.84
C ASN E 301 -10.76 -4.04 5.71
N ARG E 302 -10.15 -4.34 6.85
CA ARG E 302 -8.97 -5.17 6.93
C ARG E 302 -9.19 -6.27 7.97
N PHE E 303 -8.41 -7.34 7.82
CA PHE E 303 -8.54 -8.57 8.60
C PHE E 303 -7.15 -9.17 8.71
N ALA E 304 -6.86 -9.79 9.86
CA ALA E 304 -5.65 -10.58 10.02
C ALA E 304 -5.88 -11.65 11.08
N ALA E 305 -5.49 -12.88 10.78
CA ALA E 305 -5.58 -13.99 11.72
C ALA E 305 -4.18 -14.45 12.11
N VAL E 306 -3.98 -14.68 13.40
CA VAL E 306 -2.69 -15.11 13.94
C VAL E 306 -2.89 -16.32 14.84
N VAL E 307 -1.86 -17.16 14.91
CA VAL E 307 -1.98 -18.45 15.58
C VAL E 307 -1.87 -18.27 17.08
N SER E 308 -2.81 -18.87 17.82
CA SER E 308 -2.81 -18.87 19.27
C SER E 308 -2.39 -20.24 19.83
N SER E 309 -3.24 -21.26 19.68
CA SER E 309 -2.90 -22.63 20.05
C SER E 309 -3.18 -23.52 18.84
N PHE E 310 -2.43 -24.61 18.74
CA PHE E 310 -2.66 -25.58 17.66
C PHE E 310 -2.13 -26.94 18.08
N SER E 311 -2.72 -27.96 17.50
CA SER E 311 -2.15 -29.29 17.55
C SER E 311 -2.50 -30.00 16.26
N THR E 312 -1.96 -31.20 16.11
CA THR E 312 -2.18 -31.98 14.91
C THR E 312 -3.33 -32.96 15.07
N ALA E 313 -4.21 -32.72 16.06
CA ALA E 313 -5.34 -33.60 16.31
C ALA E 313 -6.45 -33.48 15.29
N GLY E 314 -6.47 -32.42 14.48
CA GLY E 314 -7.47 -32.31 13.43
C GLY E 314 -8.88 -32.18 13.98
N GLN E 315 -9.74 -33.15 13.64
CA GLN E 315 -11.12 -33.16 14.10
C GLN E 315 -11.28 -33.60 15.56
N ASN E 316 -10.26 -34.24 16.14
CA ASN E 316 -10.35 -34.80 17.48
C ASN E 316 -9.87 -33.81 18.54
N ALA E 317 -10.57 -32.68 18.61
CA ALA E 317 -10.13 -31.62 19.47
C ALA E 317 -11.28 -30.66 19.73
N ASN E 318 -11.16 -29.94 20.84
CA ASN E 318 -12.04 -28.81 21.14
C ASN E 318 -11.15 -27.76 21.77
N PHE E 319 -10.96 -26.64 21.08
CA PHE E 319 -10.10 -25.55 21.55
C PHE E 319 -10.90 -24.35 22.03
N SER E 320 -12.20 -24.52 22.33
CA SER E 320 -13.08 -23.38 22.59
C SER E 320 -12.88 -22.75 23.95
N SER E 321 -12.32 -23.46 24.91
CA SER E 321 -12.05 -22.86 26.21
C SER E 321 -10.71 -22.15 26.15
N GLU E 322 -10.71 -20.89 26.60
CA GLU E 322 -9.47 -20.13 26.63
C GLU E 322 -8.55 -20.58 27.75
N SER E 323 -9.06 -21.36 28.70
CA SER E 323 -8.27 -21.75 29.86
C SER E 323 -7.73 -23.17 29.76
N ALA E 324 -8.25 -23.99 28.84
CA ALA E 324 -7.69 -25.31 28.60
C ALA E 324 -8.10 -25.79 27.21
N LYS E 325 -7.28 -26.67 26.63
CA LYS E 325 -7.50 -27.22 25.30
C LYS E 325 -7.56 -28.74 25.33
N ASP E 326 -8.49 -29.28 24.56
CA ASP E 326 -8.72 -30.71 24.43
C ASP E 326 -8.13 -31.22 23.12
N SER E 327 -7.23 -32.20 23.21
CA SER E 327 -6.45 -32.67 22.06
C SER E 327 -6.32 -34.20 22.13
N GLN E 328 -7.02 -34.91 21.25
CA GLN E 328 -7.19 -36.35 21.36
C GLN E 328 -6.37 -37.13 20.34
N GLY E 329 -5.40 -36.49 19.69
CA GLY E 329 -4.52 -37.18 18.77
C GLY E 329 -5.02 -37.19 17.34
N THR E 330 -4.17 -37.72 16.45
CA THR E 330 -4.39 -37.68 15.01
C THR E 330 -5.12 -38.93 14.53
N THR E 331 -6.05 -38.75 13.60
CA THR E 331 -6.80 -39.87 13.03
C THR E 331 -5.89 -40.81 12.24
N GLN E 332 -5.96 -42.10 12.56
CA GLN E 332 -5.17 -43.14 11.92
C GLN E 332 -5.90 -43.73 10.71
N LYS E 333 -5.16 -44.62 10.01
CA LYS E 333 -5.66 -45.23 8.79
C LYS E 333 -6.91 -46.08 9.01
N ASP E 334 -7.06 -46.67 10.19
CA ASP E 334 -8.19 -47.53 10.55
C ASP E 334 -9.35 -46.77 11.18
N GLY E 335 -9.33 -45.44 11.15
CA GLY E 335 -10.36 -44.63 11.77
C GLY E 335 -10.13 -44.32 13.24
N SER E 336 -9.22 -45.02 13.90
CA SER E 336 -8.97 -44.84 15.32
C SER E 336 -8.23 -43.52 15.57
N LYS E 337 -8.16 -43.12 16.84
CA LYS E 337 -7.38 -41.96 17.26
C LYS E 337 -6.02 -42.43 17.77
N GLY E 338 -4.96 -41.93 17.15
CA GLY E 338 -3.62 -42.31 17.54
C GLY E 338 -2.89 -41.20 18.26
N PRO E 339 -1.56 -41.29 18.30
CA PRO E 339 -0.76 -40.21 18.87
C PRO E 339 -0.84 -38.95 18.02
N HIS E 340 -0.27 -37.87 18.52
CA HIS E 340 -0.25 -36.62 17.77
C HIS E 340 0.86 -36.68 16.72
N ALA E 341 0.49 -36.52 15.45
CA ALA E 341 1.47 -36.49 14.38
C ALA E 341 2.34 -35.24 14.44
N LEU E 342 3.49 -35.30 13.78
CA LEU E 342 4.40 -34.17 13.74
C LEU E 342 3.97 -33.18 12.65
N LEU E 343 4.44 -31.94 12.78
CA LEU E 343 3.89 -30.82 12.03
C LEU E 343 4.87 -30.29 10.98
N SER E 344 4.32 -29.86 9.85
CA SER E 344 5.12 -29.22 8.81
C SER E 344 4.63 -27.83 8.41
N GLY E 345 3.37 -27.48 8.68
CA GLY E 345 2.90 -26.15 8.31
C GLY E 345 1.50 -25.86 8.80
N ILE E 346 1.19 -24.57 8.87
CA ILE E 346 -0.15 -24.08 9.13
C ILE E 346 -0.45 -22.91 8.18
N SER E 347 -1.57 -22.97 7.48
CA SER E 347 -2.04 -21.86 6.69
C SER E 347 -3.33 -21.26 7.27
N LEU E 348 -3.38 -19.94 7.34
CA LEU E 348 -4.59 -19.22 7.67
C LEU E 348 -4.88 -18.33 6.49
N ASN E 349 -6.08 -18.48 5.91
CA ASN E 349 -6.50 -17.77 4.72
C ASN E 349 -7.83 -17.06 4.97
N TRP E 350 -8.01 -15.95 4.26
CA TRP E 350 -9.24 -15.18 4.41
C TRP E 350 -9.55 -14.37 3.16
N THR E 351 -10.84 -14.31 2.83
CA THR E 351 -11.36 -13.57 1.70
C THR E 351 -12.58 -12.78 2.16
N LEU E 352 -12.71 -11.54 1.71
CA LEU E 352 -13.88 -10.76 2.05
C LEU E 352 -14.83 -10.81 0.91
N THR E 353 -16.01 -11.31 1.16
CA THR E 353 -17.00 -11.42 0.13
C THR E 353 -18.26 -10.86 0.77
N ASN E 354 -18.90 -9.94 0.08
CA ASN E 354 -20.07 -9.20 0.56
C ASN E 354 -19.70 -8.54 1.85
N LYS E 355 -20.25 -9.00 2.96
CA LYS E 355 -19.86 -8.39 4.23
C LYS E 355 -19.31 -9.39 5.19
N VAL E 356 -18.87 -10.52 4.67
CA VAL E 356 -18.35 -11.55 5.53
C VAL E 356 -16.95 -11.97 5.15
N TRP E 357 -16.15 -12.23 6.16
CA TRP E 357 -14.82 -12.70 5.94
C TRP E 357 -14.90 -14.20 6.07
N ASP E 358 -14.62 -14.88 4.98
CA ASP E 358 -14.60 -16.34 4.90
C ASP E 358 -13.22 -16.84 5.31
N VAL E 359 -13.13 -17.54 6.43
CA VAL E 359 -11.84 -17.99 6.96
C VAL E 359 -11.70 -19.50 6.79
N THR E 360 -10.57 -19.92 6.19
CA THR E 360 -10.21 -21.33 6.09
C THR E 360 -8.81 -21.52 6.65
N ALA E 361 -8.53 -22.76 7.06
CA ALA E 361 -7.21 -23.09 7.57
C ALA E 361 -6.87 -24.52 7.17
N SER E 362 -5.58 -24.84 7.19
CA SER E 362 -5.09 -26.19 6.94
C SER E 362 -3.86 -26.43 7.80
N ILE E 363 -3.81 -27.60 8.45
CA ILE E 363 -2.64 -28.00 9.22
C ILE E 363 -1.93 -29.14 8.49
N GLY E 364 -0.67 -28.91 8.14
CA GLY E 364 0.14 -29.92 7.47
C GLY E 364 0.93 -30.76 8.45
N ILE E 365 0.78 -32.06 8.32
CA ILE E 365 1.35 -33.02 9.25
C ILE E 365 2.15 -34.04 8.46
N GLU E 366 2.87 -34.90 9.17
CA GLU E 366 3.62 -35.95 8.51
C GLU E 366 2.66 -36.85 7.72
N SER E 367 3.10 -37.26 6.54
CA SER E 367 2.26 -38.06 5.68
C SER E 367 2.30 -39.53 6.10
N GLY E 368 1.43 -40.32 5.49
CA GLY E 368 1.40 -41.74 5.79
C GLY E 368 0.74 -42.11 7.10
N ILE E 369 -0.15 -41.29 7.61
CA ILE E 369 -0.82 -41.56 8.88
C ILE E 369 -2.34 -41.50 8.69
N LEU E 370 -2.80 -40.49 7.97
CA LEU E 370 -4.22 -40.20 7.79
C LEU E 370 -4.86 -41.16 6.79
N PRO E 371 -6.19 -41.33 6.85
CA PRO E 371 -6.91 -42.02 5.78
C PRO E 371 -6.69 -41.34 4.45
N THR E 372 -7.10 -42.05 3.38
CA THR E 372 -6.95 -41.50 2.04
C THR E 372 -7.97 -40.43 1.73
N SER E 373 -9.14 -40.47 2.39
CA SER E 373 -10.20 -39.48 2.22
C SER E 373 -10.74 -39.06 3.57
N GLY E 374 -11.56 -38.01 3.55
CA GLY E 374 -12.19 -37.45 4.73
C GLY E 374 -11.77 -36.02 4.97
N ILE E 375 -12.30 -35.45 6.05
CA ILE E 375 -11.94 -34.09 6.42
C ILE E 375 -10.45 -33.99 6.67
N ASP E 376 -9.91 -34.92 7.47
CA ASP E 376 -8.47 -35.03 7.70
C ASP E 376 -7.97 -36.19 6.83
N SER E 377 -7.29 -35.87 5.73
CA SER E 377 -6.81 -36.88 4.78
C SER E 377 -5.58 -36.37 4.07
N GLY E 378 -4.85 -37.29 3.47
CA GLY E 378 -3.59 -36.98 2.82
C GLY E 378 -2.54 -36.58 3.84
N SER E 379 -2.10 -35.33 3.80
CA SER E 379 -1.18 -34.87 4.83
C SER E 379 -1.67 -33.57 5.48
N LEU E 380 -2.96 -33.24 5.32
CA LEU E 380 -3.56 -31.99 5.77
C LEU E 380 -4.78 -32.25 6.63
N LEU E 381 -4.89 -31.47 7.72
CA LEU E 381 -6.09 -31.43 8.53
C LEU E 381 -6.82 -30.16 8.14
N ARG E 382 -7.97 -30.32 7.47
CA ARG E 382 -8.69 -29.18 6.88
C ARG E 382 -9.65 -28.56 7.87
N ASN E 383 -9.59 -27.23 7.96
CA ASN E 383 -10.35 -26.40 8.88
C ASN E 383 -10.39 -27.06 10.26
N PRO E 384 -9.24 -27.36 10.85
CA PRO E 384 -9.20 -28.27 12.00
C PRO E 384 -9.77 -27.63 13.25
N LYS E 385 -10.30 -28.48 14.13
CA LYS E 385 -10.67 -28.03 15.45
C LYS E 385 -9.47 -27.87 16.36
N SER E 386 -8.35 -28.50 16.03
CA SER E 386 -7.15 -28.40 16.86
C SER E 386 -6.44 -27.09 16.57
N LEU E 387 -7.18 -25.98 16.66
CA LEU E 387 -6.66 -24.69 16.25
C LEU E 387 -7.52 -23.59 16.87
N SER E 388 -6.86 -22.63 17.49
CA SER E 388 -7.48 -21.38 17.92
C SER E 388 -6.64 -20.23 17.38
N PHE E 389 -7.31 -19.27 16.74
CA PHE E 389 -6.65 -18.08 16.22
C PHE E 389 -7.37 -16.82 16.67
N ILE E 390 -6.63 -15.73 16.82
CA ILE E 390 -7.21 -14.44 17.16
C ILE E 390 -7.43 -13.65 15.88
N ALA E 391 -8.65 -13.18 15.68
CA ALA E 391 -9.01 -12.39 14.50
C ALA E 391 -8.98 -10.91 14.86
N PHE E 392 -8.24 -10.14 14.06
CA PHE E 392 -8.15 -8.70 14.20
C PHE E 392 -8.87 -8.03 13.04
N GLN E 393 -9.72 -7.04 13.35
CA GLN E 393 -10.32 -6.23 12.31
C GLN E 393 -10.05 -4.76 12.58
N TRP E 394 -9.94 -3.99 11.51
CA TRP E 394 -9.79 -2.56 11.58
C TRP E 394 -10.20 -2.00 10.22
N CYS E 395 -10.26 -0.69 10.15
CA CYS E 395 -10.64 0.00 8.94
C CYS E 395 -9.52 1.00 8.65
N GLU E 396 -9.19 1.16 7.39
CA GLU E 396 -8.13 2.07 6.98
C GLU E 396 -8.37 2.63 5.62
N ASN E 397 -7.74 3.74 5.30
CA ASN E 397 -7.86 4.32 3.99
C ASN E 397 -6.60 4.07 3.18
N GLU F 3 -31.10 58.82 48.89
CA GLU F 3 -30.52 57.78 49.73
C GLU F 3 -30.58 56.41 49.08
N LEU F 4 -31.59 56.17 48.23
CA LEU F 4 -31.66 54.92 47.48
C LEU F 4 -30.46 54.76 46.55
N MET F 5 -30.06 55.84 45.87
CA MET F 5 -28.95 55.75 44.93
C MET F 5 -27.66 55.35 45.67
N ILE F 6 -27.47 55.84 46.90
CA ILE F 6 -26.31 55.44 47.70
C ILE F 6 -26.34 53.94 47.97
N LYS F 7 -27.54 53.40 48.23
CA LYS F 7 -27.68 52.03 48.72
C LYS F 7 -27.41 51.01 47.62
N SER F 8 -27.99 51.24 46.43
CA SER F 8 -27.80 50.33 45.30
C SER F 8 -26.41 50.48 44.66
N SER F 9 -25.91 51.72 44.53
CA SER F 9 -24.56 51.89 44.00
C SER F 9 -23.52 51.18 44.86
N ASN F 10 -23.75 51.13 46.17
CA ASN F 10 -22.87 50.42 47.09
C ASN F 10 -22.96 48.92 46.88
N ALA F 11 -24.17 48.41 46.69
CA ALA F 11 -24.36 46.99 46.45
C ALA F 11 -23.76 46.60 45.10
N PHE F 12 -23.88 47.49 44.12
CA PHE F 12 -23.29 47.27 42.81
C PHE F 12 -21.79 47.01 42.94
N ASP F 13 -21.09 47.84 43.72
CA ASP F 13 -19.66 47.61 43.89
C ASP F 13 -19.41 46.27 44.58
N VAL F 14 -20.30 45.90 45.51
CA VAL F 14 -20.14 44.63 46.21
C VAL F 14 -20.16 43.45 45.24
N ILE F 15 -21.08 43.47 44.27
CA ILE F 15 -21.22 42.40 43.30
C ILE F 15 -20.09 42.45 42.27
N GLU F 16 -19.75 43.66 41.79
CA GLU F 16 -18.64 43.80 40.85
C GLU F 16 -17.38 43.15 41.42
N LEU F 17 -17.00 43.51 42.64
CA LEU F 17 -15.79 42.94 43.25
C LEU F 17 -15.93 41.45 43.48
N SER F 18 -17.12 41.01 43.88
CA SER F 18 -17.29 39.59 44.15
C SER F 18 -17.13 38.78 42.88
N SER F 19 -17.62 39.31 41.74
CA SER F 19 -17.51 38.55 40.49
C SER F 19 -16.07 38.42 40.07
N GLN F 20 -15.27 39.45 40.31
CA GLN F 20 -13.86 39.41 39.98
C GLN F 20 -13.11 38.43 40.88
N ILE F 21 -13.47 38.37 42.16
CA ILE F 21 -12.88 37.37 43.04
C ILE F 21 -13.32 35.96 42.64
N GLN F 22 -14.58 35.80 42.20
CA GLN F 22 -15.05 34.52 41.67
C GLN F 22 -14.30 34.12 40.40
N ARG F 23 -14.08 35.09 39.52
CA ARG F 23 -13.34 34.83 38.29
C ARG F 23 -11.92 34.38 38.62
N TYR F 24 -11.24 35.13 39.47
CA TYR F 24 -9.91 34.73 39.95
C TYR F 24 -9.91 33.31 40.51
N ALA F 25 -10.92 32.96 41.31
CA ALA F 25 -10.97 31.67 41.95
C ALA F 25 -11.18 30.53 40.97
N SER F 26 -11.60 30.81 39.75
CA SER F 26 -11.90 29.77 38.77
C SER F 26 -10.75 29.46 37.82
N LEU F 27 -9.63 30.18 37.91
CA LEU F 27 -8.55 30.04 36.95
C LEU F 27 -7.38 29.24 37.54
N SER F 28 -6.86 28.27 36.76
CA SER F 28 -5.61 27.59 37.13
C SER F 28 -4.39 28.39 36.72
N LYS F 29 -4.50 29.18 35.65
CA LYS F 29 -3.41 30.00 35.16
C LYS F 29 -3.95 31.38 34.85
N ILE F 30 -3.12 32.39 35.10
CA ILE F 30 -3.42 33.77 34.73
C ILE F 30 -2.20 34.35 34.04
N ASN F 31 -2.37 34.79 32.80
CA ASN F 31 -1.27 35.34 32.01
C ASN F 31 -0.11 34.36 31.94
N ASN F 32 -0.44 33.10 31.62
CA ASN F 32 0.47 31.99 31.33
C ASN F 32 1.26 31.50 32.53
N ARG F 33 0.85 31.87 33.74
CA ARG F 33 1.51 31.42 34.95
C ARG F 33 0.47 30.85 35.89
N THR F 34 0.89 29.90 36.73
CA THR F 34 -0.03 29.30 37.68
C THR F 34 -0.60 30.36 38.62
N ASN F 35 -1.88 30.25 38.91
CA ASN F 35 -2.54 31.13 39.87
C ASN F 35 -1.86 31.02 41.23
N PRO F 36 -1.27 32.11 41.74
CA PRO F 36 -0.49 32.01 43.00
C PRO F 36 -1.20 31.30 44.15
N ILE F 37 -2.53 31.45 44.26
CA ILE F 37 -3.25 30.85 45.38
C ILE F 37 -3.29 29.33 45.31
N LEU F 38 -2.97 28.73 44.16
CA LEU F 38 -3.05 27.27 44.05
C LEU F 38 -1.75 26.54 44.41
N LYS F 39 -0.65 27.26 44.63
CA LYS F 39 0.67 26.66 44.81
C LYS F 39 0.94 26.15 46.22
N ASP F 40 0.05 26.41 47.20
CA ASP F 40 0.30 26.08 48.59
C ASP F 40 -0.50 24.84 49.02
N ASN F 41 -0.39 24.49 50.31
CA ASN F 41 -0.98 23.25 50.81
C ASN F 41 -1.91 23.40 51.99
N LYS F 42 -2.18 24.62 52.43
CA LYS F 42 -3.11 24.83 53.52
C LYS F 42 -4.56 24.70 53.04
N ALA F 43 -5.42 24.20 53.94
CA ALA F 43 -6.83 24.01 53.63
C ALA F 43 -7.63 25.30 53.69
N LYS F 44 -7.07 26.36 54.29
CA LYS F 44 -7.74 27.66 54.38
C LYS F 44 -6.71 28.77 54.24
N GLU F 45 -7.11 29.86 53.59
CA GLU F 45 -6.29 31.07 53.51
C GLU F 45 -7.19 32.28 53.42
N PHE F 46 -6.77 33.36 54.08
CA PHE F 46 -7.50 34.62 54.07
C PHE F 46 -6.67 35.66 53.35
N LYS F 47 -7.28 36.38 52.41
CA LYS F 47 -6.60 37.38 51.60
C LYS F 47 -7.01 38.77 52.07
N ASP F 48 -6.05 39.68 52.14
CA ASP F 48 -6.24 40.96 52.81
C ASP F 48 -7.29 41.80 52.12
N ALA F 49 -7.83 42.79 52.86
CA ALA F 49 -8.87 43.64 52.33
C ALA F 49 -8.35 44.72 51.40
N ASP F 50 -7.04 44.99 51.41
CA ASP F 50 -6.45 45.98 50.52
C ASP F 50 -6.38 45.54 49.05
N LEU F 51 -6.59 44.26 48.76
CA LEU F 51 -6.74 43.74 47.40
C LEU F 51 -5.45 43.84 46.58
N LYS F 52 -4.30 43.87 47.25
CA LYS F 52 -3.03 43.77 46.53
C LYS F 52 -2.85 42.39 45.89
N TRP F 53 -3.29 41.34 46.58
CA TRP F 53 -3.25 39.99 46.03
C TRP F 53 -4.04 39.83 44.74
N LEU F 54 -4.89 40.79 44.39
CA LEU F 54 -5.75 40.70 43.22
C LEU F 54 -5.37 41.68 42.11
N LYS F 55 -4.33 42.47 42.30
CA LYS F 55 -3.89 43.42 41.30
C LYS F 55 -2.70 42.85 40.54
N LEU F 56 -2.46 43.40 39.35
CA LEU F 56 -1.36 42.91 38.54
C LEU F 56 -0.03 43.31 39.17
N GLU F 57 0.98 42.45 38.97
CA GLU F 57 2.31 42.76 39.48
C GLU F 57 2.95 43.93 38.74
N ASN F 58 2.51 44.23 37.53
CA ASN F 58 3.07 45.33 36.75
C ASN F 58 2.41 46.67 37.05
N CYS F 59 1.79 46.81 38.23
CA CYS F 59 1.19 48.05 38.69
C CYS F 59 2.24 48.91 39.38
N PRO F 60 2.03 50.23 39.46
CA PRO F 60 2.99 51.09 40.19
C PRO F 60 3.48 50.49 41.49
N THR F 61 2.55 50.02 42.33
CA THR F 61 2.89 49.10 43.42
C THR F 61 2.58 47.69 42.94
N ALA F 62 3.52 46.77 43.12
CA ALA F 62 3.38 45.47 42.49
C ALA F 62 2.37 44.60 43.21
N GLY F 63 1.41 44.06 42.45
CA GLY F 63 0.45 43.12 42.98
C GLY F 63 0.96 41.70 42.91
N ASP F 64 0.10 40.77 43.29
CA ASP F 64 0.46 39.35 43.31
C ASP F 64 0.06 38.61 42.04
N VAL F 65 -0.71 39.23 41.16
CA VAL F 65 -1.19 38.55 39.95
C VAL F 65 -0.07 38.57 38.92
N PRO F 66 0.32 37.41 38.39
CA PRO F 66 1.44 37.37 37.44
C PRO F 66 1.06 37.91 36.09
N THR F 67 2.03 38.54 35.44
CA THR F 67 1.98 38.84 34.01
C THR F 67 3.00 37.98 33.28
N THR F 68 2.95 38.05 31.95
CA THR F 68 4.03 37.52 31.13
C THR F 68 5.19 38.50 31.22
N GLY F 69 6.39 38.03 30.87
CA GLY F 69 7.55 38.90 31.02
C GLY F 69 7.50 40.11 30.11
N ASN F 70 6.84 39.99 28.96
CA ASN F 70 6.68 41.08 28.01
C ASN F 70 5.37 41.81 28.29
N ASN F 71 5.47 43.07 28.69
CA ASN F 71 4.31 43.87 29.07
C ASN F 71 3.68 44.62 27.89
N ASN F 72 4.08 44.31 26.66
CA ASN F 72 3.37 44.82 25.50
C ASN F 72 2.18 43.95 25.18
N ASP F 73 2.21 42.70 25.63
CA ASP F 73 1.10 41.79 25.44
C ASP F 73 -0.12 42.29 26.21
N LEU F 74 -1.27 41.77 25.85
CA LEU F 74 -2.48 42.00 26.62
C LEU F 74 -2.36 41.26 27.95
N GLN F 75 -2.61 41.96 29.05
CA GLN F 75 -2.57 41.34 30.37
C GLN F 75 -3.99 41.21 30.91
N ASP F 76 -4.43 39.97 31.11
CA ASP F 76 -5.66 39.73 31.84
C ASP F 76 -5.52 40.29 33.25
N GLN F 77 -6.52 41.06 33.67
CA GLN F 77 -6.53 41.70 35.00
C GLN F 77 -7.93 41.61 35.57
N PHE F 78 -8.03 41.87 36.87
CA PHE F 78 -9.29 41.77 37.60
C PHE F 78 -9.83 43.12 38.08
N ILE F 79 -8.98 43.95 38.74
CA ILE F 79 -9.33 45.29 39.21
C ILE F 79 -8.24 46.27 38.82
N ALA F 80 -8.60 47.55 38.74
CA ALA F 80 -7.62 48.59 38.42
C ALA F 80 -6.56 48.70 39.52
N CYS F 81 -5.46 49.38 39.19
CA CYS F 81 -4.35 49.47 40.12
C CYS F 81 -4.71 50.36 41.32
N ASP F 82 -5.61 51.33 41.11
CA ASP F 82 -6.10 52.19 42.18
C ASP F 82 -7.32 51.61 42.89
N ALA F 83 -7.60 50.33 42.72
CA ALA F 83 -8.85 49.79 43.26
C ALA F 83 -8.82 49.79 44.78
N ASP F 84 -9.92 50.25 45.37
CA ASP F 84 -10.12 50.22 46.82
C ASP F 84 -11.61 50.03 47.04
N TYR F 85 -12.00 48.93 47.67
CA TYR F 85 -13.41 48.64 47.93
C TYR F 85 -13.78 48.82 49.40
N ARG F 86 -12.88 49.40 50.20
CA ARG F 86 -13.14 49.74 51.59
C ARG F 86 -13.82 51.11 51.70
N LYS F 87 -14.96 51.20 51.04
CA LYS F 87 -15.74 52.43 50.99
C LYS F 87 -17.22 52.05 51.07
N GLY F 88 -18.03 52.95 51.58
CA GLY F 88 -19.45 52.72 51.63
C GLY F 88 -19.91 51.98 52.88
N ASP F 89 -21.23 51.77 52.95
CA ASP F 89 -21.79 51.07 54.10
C ASP F 89 -21.40 49.60 54.14
N LEU F 90 -21.23 48.97 52.98
CA LEU F 90 -20.73 47.60 52.92
C LEU F 90 -19.30 47.66 52.41
N SER F 91 -18.35 47.48 53.32
CA SER F 91 -16.94 47.74 53.10
C SER F 91 -16.19 46.42 53.06
N TYR F 92 -15.45 46.21 51.98
CA TYR F 92 -14.78 44.92 51.78
C TYR F 92 -13.77 44.65 52.88
N PHE F 93 -13.89 43.46 53.48
CA PHE F 93 -13.10 43.11 54.64
C PHE F 93 -12.13 41.97 54.36
N GLY F 94 -12.21 41.35 53.19
CA GLY F 94 -11.36 40.21 52.85
C GLY F 94 -12.18 39.01 52.41
N SER F 95 -11.47 38.00 51.96
CA SER F 95 -12.14 36.80 51.52
C SER F 95 -11.46 35.57 52.09
N GLN F 96 -12.27 34.58 52.45
CA GLN F 96 -11.76 33.34 53.02
C GLN F 96 -11.90 32.19 52.04
N PHE F 97 -10.77 31.70 51.56
CA PHE F 97 -10.75 30.61 50.63
C PHE F 97 -10.57 29.28 51.33
N GLU F 98 -11.24 28.25 50.84
CA GLU F 98 -11.13 26.91 51.39
C GLU F 98 -10.60 26.01 50.28
N PHE F 99 -9.62 25.18 50.60
CA PHE F 99 -9.00 24.36 49.56
C PHE F 99 -9.05 22.87 49.90
N SER F 100 -8.89 22.06 48.84
CA SER F 100 -8.61 20.63 48.94
C SER F 100 -7.38 20.32 48.07
N THR F 101 -6.65 19.29 48.45
CA THR F 101 -5.45 18.89 47.71
C THR F 101 -5.80 18.37 46.31
N TYR F 102 -4.90 18.61 45.36
CA TYR F 102 -5.19 18.31 43.97
C TYR F 102 -3.91 18.17 43.15
N VAL F 103 -3.84 17.10 42.36
CA VAL F 103 -2.77 16.91 41.39
C VAL F 103 -3.29 17.29 40.01
N HIS F 104 -2.69 18.32 39.42
CA HIS F 104 -3.14 18.70 38.09
C HIS F 104 -2.41 17.86 37.05
N PRO F 105 -3.11 17.29 36.05
CA PRO F 105 -2.45 16.41 35.08
C PRO F 105 -1.42 17.12 34.21
N SER F 106 -1.37 18.45 34.24
CA SER F 106 -0.48 19.17 33.35
C SER F 106 0.17 20.39 33.99
N ASN F 107 -0.04 20.62 35.29
CA ASN F 107 0.54 21.77 35.98
C ASN F 107 1.13 21.32 37.31
N PRO F 108 2.42 20.97 37.33
CA PRO F 108 3.04 20.54 38.59
C PRO F 108 3.12 21.63 39.64
N GLU F 109 2.97 22.90 39.27
CA GLU F 109 2.98 23.98 40.25
C GLU F 109 1.73 24.01 41.11
N ILE F 110 0.65 23.41 40.61
CA ILE F 110 -0.63 23.38 41.31
C ILE F 110 -0.60 22.25 42.36
N GLN F 111 -0.85 22.64 43.61
CA GLN F 111 -0.92 21.72 44.75
C GLN F 111 -2.29 21.59 45.39
N ARG F 112 -3.21 22.53 45.13
CA ARG F 112 -4.57 22.50 45.68
C ARG F 112 -5.56 23.07 44.68
N GLN F 113 -6.84 22.86 44.97
CA GLN F 113 -7.97 23.44 44.23
C GLN F 113 -8.88 24.16 45.21
N ILE F 114 -9.61 25.15 44.71
CA ILE F 114 -10.51 25.93 45.55
C ILE F 114 -11.84 25.21 45.68
N LYS F 115 -12.32 25.03 46.91
CA LYS F 115 -13.67 24.46 47.11
C LYS F 115 -14.74 25.54 47.22
N GLN F 116 -14.48 26.59 48.01
CA GLN F 116 -15.46 27.66 48.11
C GLN F 116 -14.74 28.92 48.56
N VAL F 117 -15.21 30.05 48.05
CA VAL F 117 -14.68 31.36 48.44
C VAL F 117 -15.83 32.17 49.02
N VAL F 118 -15.59 32.78 50.18
CA VAL F 118 -16.51 33.69 50.82
C VAL F 118 -15.84 35.04 50.94
N SER F 119 -16.48 36.08 50.41
CA SER F 119 -15.98 37.45 50.54
C SER F 119 -16.86 38.22 51.51
N TYR F 120 -16.24 38.84 52.50
CA TYR F 120 -16.94 39.50 53.59
C TYR F 120 -16.97 41.00 53.36
N PHE F 121 -18.13 41.61 53.61
CA PHE F 121 -18.26 43.06 53.55
C PHE F 121 -18.80 43.51 54.90
N GLN F 122 -17.93 44.13 55.69
CA GLN F 122 -18.34 44.57 57.01
C GLN F 122 -19.30 45.75 56.92
N TYR F 123 -20.31 45.74 57.77
CA TYR F 123 -21.27 46.84 57.75
C TYR F 123 -20.71 47.96 58.62
N ARG F 124 -20.64 49.16 58.04
CA ARG F 124 -20.23 50.38 58.72
C ARG F 124 -21.36 51.39 58.72
N GLY F 125 -22.59 50.94 58.50
CA GLY F 125 -23.74 51.81 58.49
C GLY F 125 -24.04 52.44 59.85
N MET F 126 -24.92 53.46 59.80
CA MET F 126 -25.19 54.24 61.00
C MET F 126 -25.97 53.44 62.04
N GLU F 127 -26.96 52.66 61.63
CA GLU F 127 -27.74 51.83 62.54
C GLU F 127 -27.59 50.38 62.09
N ARG F 128 -27.18 49.50 63.00
CA ARG F 128 -26.80 48.15 62.62
C ARG F 128 -27.98 47.31 62.15
N ALA F 129 -29.21 47.62 62.55
CA ALA F 129 -30.34 46.82 62.10
C ALA F 129 -30.63 46.98 60.61
N PHE F 130 -30.07 48.00 59.96
CA PHE F 130 -30.34 48.22 58.55
C PHE F 130 -29.50 47.36 57.60
N ILE F 131 -28.58 46.54 58.11
CA ILE F 131 -27.83 45.65 57.22
C ILE F 131 -28.75 44.75 56.42
N GLY F 132 -29.95 44.48 56.95
CA GLY F 132 -30.91 43.72 56.18
C GLY F 132 -31.33 44.45 54.92
N ASP F 133 -31.61 45.74 55.04
CA ASP F 133 -31.97 46.52 53.86
C ASP F 133 -30.81 46.55 52.87
N ALA F 134 -29.59 46.79 53.35
CA ALA F 134 -28.44 46.83 52.45
C ALA F 134 -28.24 45.48 51.77
N ALA F 135 -28.36 44.39 52.53
CA ALA F 135 -28.24 43.06 51.94
C ALA F 135 -29.24 42.86 50.82
N GLY F 136 -30.44 43.41 50.95
CA GLY F 136 -31.43 43.22 49.92
C GLY F 136 -31.02 43.80 48.59
N TYR F 137 -30.27 44.91 48.62
CA TYR F 137 -29.84 45.52 47.36
C TYR F 137 -28.73 44.70 46.71
N VAL F 138 -27.86 44.08 47.52
CA VAL F 138 -26.83 43.22 46.96
C VAL F 138 -27.47 42.08 46.17
N ILE F 139 -28.50 41.46 46.73
CA ILE F 139 -29.19 40.40 46.01
C ILE F 139 -29.82 40.96 44.74
N SER F 140 -30.33 42.19 44.78
CA SER F 140 -30.92 42.77 43.57
C SER F 140 -29.85 43.02 42.51
N GLU F 141 -28.68 43.55 42.91
CA GLU F 141 -27.60 43.76 41.94
C GLU F 141 -27.03 42.43 41.46
N ALA F 142 -26.98 41.42 42.33
CA ALA F 142 -26.56 40.10 41.89
C ALA F 142 -27.48 39.58 40.79
N LYS F 143 -28.79 39.68 41.00
CA LYS F 143 -29.71 39.15 40.00
C LYS F 143 -29.53 39.84 38.65
N LYS F 144 -29.20 41.14 38.66
CA LYS F 144 -29.00 41.91 37.43
C LYS F 144 -27.75 41.46 36.67
N LYS F 145 -26.76 40.88 37.36
CA LYS F 145 -25.53 40.40 36.74
C LYS F 145 -25.52 38.90 36.52
N GLY F 146 -26.68 38.25 36.65
CA GLY F 146 -26.78 36.82 36.44
C GLY F 146 -26.32 35.96 37.60
N PHE F 147 -26.11 36.53 38.78
CA PHE F 147 -25.75 35.80 39.98
C PHE F 147 -26.97 35.58 40.87
N SER F 148 -27.10 34.38 41.42
CA SER F 148 -28.08 34.11 42.48
C SER F 148 -27.43 34.20 43.87
N ALA F 149 -26.29 33.53 44.06
CA ALA F 149 -25.44 33.57 45.25
C ALA F 149 -26.06 33.02 46.54
N GLN F 150 -27.30 32.52 46.47
CA GLN F 150 -28.16 32.23 47.62
C GLN F 150 -27.58 31.55 48.87
N ASP F 151 -26.33 31.09 48.90
CA ASP F 151 -25.77 30.82 50.24
C ASP F 151 -25.42 32.20 50.78
N TYR F 152 -26.46 32.87 51.26
CA TYR F 152 -26.43 34.28 51.61
C TYR F 152 -26.73 34.47 53.08
N ARG F 153 -25.83 35.14 53.81
CA ARG F 153 -26.00 35.24 55.25
C ARG F 153 -25.34 36.49 55.81
N ILE F 154 -25.86 36.96 56.95
CA ILE F 154 -25.22 38.00 57.75
C ILE F 154 -24.50 37.33 58.91
N VAL F 155 -23.25 37.71 59.16
CA VAL F 155 -22.39 36.98 60.07
C VAL F 155 -21.65 37.93 61.01
N LEU F 156 -21.15 37.35 62.10
CA LEU F 156 -20.19 38.00 62.97
C LEU F 156 -18.89 37.22 62.89
N ILE F 157 -17.78 37.93 62.61
CA ILE F 157 -16.49 37.30 62.39
C ILE F 157 -15.49 37.90 63.37
N GLU F 158 -14.53 37.07 63.77
CA GLU F 158 -13.47 37.49 64.69
C GLU F 158 -12.17 36.83 64.27
N PRO F 159 -11.02 37.48 64.54
CA PRO F 159 -9.73 36.93 64.09
C PRO F 159 -9.48 35.53 64.66
N ASP F 160 -8.81 34.71 63.85
CA ASP F 160 -8.38 33.36 64.17
C ASP F 160 -6.88 33.30 63.96
N ARG F 161 -6.28 32.13 64.19
CA ARG F 161 -4.89 31.93 63.80
C ARG F 161 -4.73 32.10 62.30
N VAL F 162 -5.63 31.52 61.52
CA VAL F 162 -5.68 31.71 60.08
C VAL F 162 -6.95 32.49 59.76
N GLY F 163 -6.76 33.76 59.44
CA GLY F 163 -7.86 34.61 59.01
C GLY F 163 -8.93 34.92 60.06
N TYR F 164 -10.14 34.50 59.75
CA TYR F 164 -11.28 34.72 60.63
C TYR F 164 -12.16 33.50 60.67
N PHE F 165 -13.26 33.62 61.39
CA PHE F 165 -14.18 32.52 61.52
C PHE F 165 -15.51 33.09 61.91
N GLU F 166 -16.55 32.53 61.34
CA GLU F 166 -17.88 33.01 61.58
C GLU F 166 -18.44 32.46 62.85
N SER F 167 -18.28 33.22 63.92
CA SER F 167 -18.79 32.80 65.20
C SER F 167 -20.27 32.61 65.10
N ASN F 168 -20.98 33.61 64.63
CA ASN F 168 -22.43 33.52 64.49
C ASN F 168 -22.92 33.86 63.09
N ALA F 169 -24.00 33.21 62.65
CA ALA F 169 -24.50 33.52 61.33
C ALA F 169 -26.01 33.43 61.39
N ILE F 170 -26.65 34.25 60.58
CA ILE F 170 -28.09 34.18 60.40
C ILE F 170 -28.35 34.42 58.92
N SER F 171 -29.17 33.56 58.31
CA SER F 171 -29.45 33.70 56.90
C SER F 171 -30.16 35.02 56.63
N TYR F 172 -29.93 35.58 55.45
CA TYR F 172 -30.61 36.81 55.07
C TYR F 172 -32.13 36.68 55.23
N GLU F 173 -32.66 35.49 54.93
CA GLU F 173 -34.10 35.29 55.01
C GLU F 173 -34.57 35.27 56.46
N GLU F 174 -33.77 34.67 57.34
CA GLU F 174 -34.13 34.62 58.75
C GLU F 174 -34.07 36.01 59.36
N PHE F 175 -33.09 36.82 58.93
CA PHE F 175 -32.96 38.19 59.42
C PHE F 175 -34.13 39.05 59.00
N ILE F 176 -34.70 38.80 57.83
CA ILE F 176 -35.72 39.72 57.36
C ILE F 176 -37.14 39.31 57.74
N GLU F 177 -37.44 38.01 57.86
CA GLU F 177 -38.81 37.58 58.14
C GLU F 177 -39.06 37.14 59.57
N ASN F 178 -38.02 36.91 60.37
CA ASN F 178 -38.19 36.42 61.75
C ASN F 178 -37.66 37.52 62.66
N PRO F 179 -38.52 38.46 63.08
CA PRO F 179 -38.05 39.58 63.90
C PRO F 179 -37.42 39.13 65.21
N SER F 180 -37.89 38.05 65.81
CA SER F 180 -37.28 37.56 67.04
C SER F 180 -35.87 37.06 66.78
N ALA F 181 -35.70 36.17 65.79
CA ALA F 181 -34.39 35.62 65.48
C ALA F 181 -33.39 36.71 65.11
N ARG F 182 -33.84 37.73 64.39
CA ARG F 182 -32.98 38.88 64.09
C ARG F 182 -32.43 39.48 65.37
N GLU F 183 -33.31 39.71 66.36
CA GLU F 183 -32.92 40.42 67.57
C GLU F 183 -31.84 39.66 68.33
N ASN F 184 -31.96 38.33 68.41
CA ASN F 184 -30.96 37.52 69.07
C ASN F 184 -29.58 37.75 68.46
N PHE F 185 -29.54 37.83 67.13
CA PHE F 185 -28.27 38.04 66.43
C PHE F 185 -27.72 39.44 66.70
N LEU F 186 -28.52 40.47 66.42
CA LEU F 186 -28.09 41.85 66.59
C LEU F 186 -27.67 42.15 68.04
N LEU F 187 -28.20 41.40 69.01
CA LEU F 187 -27.79 41.58 70.40
C LEU F 187 -26.33 41.19 70.63
N LYS F 188 -25.79 40.28 69.81
CA LYS F 188 -24.39 39.87 69.89
C LYS F 188 -23.45 40.80 69.16
N ALA F 189 -23.98 41.80 68.44
CA ALA F 189 -23.17 42.68 67.58
C ALA F 189 -22.46 43.79 68.36
N THR F 190 -21.53 43.38 69.23
CA THR F 190 -20.67 44.30 69.95
C THR F 190 -19.53 44.77 69.06
N LYS F 191 -18.81 45.79 69.52
CA LYS F 191 -17.77 46.40 68.68
C LYS F 191 -16.58 45.48 68.44
N ASP F 192 -16.27 44.55 69.36
CA ASP F 192 -15.08 43.74 69.15
C ASP F 192 -15.24 42.66 68.10
N ARG F 193 -16.46 42.18 67.84
CA ARG F 193 -16.67 41.33 66.67
C ARG F 193 -17.09 42.23 65.51
N THR F 194 -16.91 41.72 64.28
CA THR F 194 -17.19 42.52 63.08
C THR F 194 -18.47 42.06 62.41
N LEU F 195 -19.40 42.98 62.22
CA LEU F 195 -20.62 42.67 61.50
C LEU F 195 -20.36 42.77 59.99
N ALA F 196 -20.77 41.74 59.26
CA ALA F 196 -20.39 41.62 57.85
C ALA F 196 -21.41 40.80 57.09
N LEU F 197 -21.56 41.13 55.81
CA LEU F 197 -22.31 40.32 54.87
C LEU F 197 -21.39 39.30 54.23
N ALA F 198 -21.83 38.03 54.19
CA ALA F 198 -21.04 36.93 53.65
C ALA F 198 -21.55 36.63 52.25
N VAL F 199 -20.70 36.89 51.25
CA VAL F 199 -21.08 36.79 49.85
C VAL F 199 -20.35 35.62 49.22
N SER F 200 -21.13 34.62 48.81
CA SER F 200 -20.64 33.51 47.99
C SER F 200 -21.52 33.48 46.75
N LEU F 201 -20.97 33.86 45.60
CA LEU F 201 -21.76 33.99 44.38
C LEU F 201 -21.79 32.71 43.59
N ALA F 202 -22.98 32.39 43.10
CA ALA F 202 -23.23 31.29 42.19
C ALA F 202 -23.79 31.87 40.90
N GLN F 203 -23.20 31.47 39.76
CA GLN F 203 -23.70 31.96 38.48
C GLN F 203 -24.95 31.19 38.09
N THR F 204 -25.80 31.81 37.30
CA THR F 204 -27.00 31.14 36.83
C THR F 204 -26.69 30.51 35.48
N GLY F 205 -27.72 29.98 34.80
CA GLY F 205 -27.47 29.45 33.47
C GLY F 205 -27.27 30.51 32.42
N GLU F 206 -27.74 31.72 32.68
CA GLU F 206 -27.68 32.83 31.73
C GLU F 206 -26.29 33.43 31.62
N ILE F 207 -25.37 33.09 32.51
CA ILE F 207 -24.06 33.71 32.50
C ILE F 207 -23.32 33.29 31.23
N ALA F 208 -22.74 34.26 30.56
CA ALA F 208 -22.01 33.98 29.33
C ALA F 208 -20.68 33.33 29.67
N MET F 209 -20.30 32.37 28.83
CA MET F 209 -18.98 31.74 28.90
C MET F 209 -17.90 32.75 28.58
N GLN F 210 -16.80 32.72 29.33
CA GLN F 210 -15.75 33.71 29.18
C GLN F 210 -14.52 33.10 28.54
N ARG F 211 -13.80 33.93 27.75
CA ARG F 211 -12.66 33.44 26.96
C ARG F 211 -11.48 32.97 27.81
N ASP F 212 -11.41 33.32 29.08
CA ASP F 212 -10.37 32.73 29.93
C ASP F 212 -10.81 31.42 30.58
N GLY F 213 -12.04 30.96 30.29
CA GLY F 213 -12.59 29.75 30.85
C GLY F 213 -13.06 29.80 32.29
N SER F 214 -13.22 31.01 32.88
CA SER F 214 -13.54 31.08 34.30
C SER F 214 -14.96 30.61 34.60
N VAL F 215 -15.82 30.51 33.60
CA VAL F 215 -17.17 30.04 33.80
C VAL F 215 -17.22 28.59 33.33
N ALA F 216 -17.59 27.70 34.25
CA ALA F 216 -17.78 26.30 33.93
C ALA F 216 -19.22 26.09 33.52
N PHE F 217 -19.42 25.13 32.63
CA PHE F 217 -20.77 24.66 32.33
C PHE F 217 -21.45 24.11 33.58
N LEU F 218 -22.78 24.22 33.61
CA LEU F 218 -23.56 23.58 34.66
C LEU F 218 -23.48 22.07 34.56
N GLU F 219 -23.63 21.40 35.70
CA GLU F 219 -23.70 19.94 35.73
C GLU F 219 -24.79 19.45 34.80
N ASP F 220 -24.46 18.46 33.98
CA ASP F 220 -25.38 17.83 33.06
C ASP F 220 -25.74 18.73 31.88
N SER F 221 -24.98 19.81 31.66
CA SER F 221 -25.21 20.59 30.46
C SER F 221 -24.32 20.08 29.31
N GLU F 222 -24.75 20.37 28.09
CA GLU F 222 -24.13 19.85 26.87
C GLU F 222 -23.57 20.98 26.02
N LEU F 223 -22.33 20.84 25.56
CA LEU F 223 -21.76 21.73 24.56
C LEU F 223 -22.16 21.23 23.18
N CYS F 224 -22.92 22.05 22.44
CA CYS F 224 -23.61 21.62 21.24
C CYS F 224 -23.25 22.45 20.02
N TRP F 225 -23.38 21.82 18.85
CA TRP F 225 -23.28 22.47 17.54
C TRP F 225 -24.58 22.28 16.76
N ASP F 226 -24.97 23.30 16.02
CA ASP F 226 -25.95 23.14 14.97
C ASP F 226 -25.32 22.34 13.81
N THR F 227 -26.07 21.40 13.23
CA THR F 227 -25.55 20.68 12.07
C THR F 227 -26.55 20.71 10.94
N ALA F 228 -26.02 20.52 9.73
CA ALA F 228 -26.77 20.47 8.49
C ALA F 228 -27.71 19.27 8.44
N ALA F 229 -27.67 18.42 9.47
CA ALA F 229 -28.66 17.36 9.62
C ALA F 229 -30.08 17.91 9.77
N GLY F 230 -30.23 19.23 9.83
CA GLY F 230 -31.50 19.92 9.81
C GLY F 230 -31.70 20.61 11.13
N SER F 231 -32.50 20.02 12.01
CA SER F 231 -32.69 20.59 13.33
C SER F 231 -31.86 19.88 14.39
N ALA F 232 -31.41 18.66 14.06
CA ALA F 232 -30.41 17.93 14.83
C ALA F 232 -29.29 18.85 15.32
N LYS F 233 -28.93 18.67 16.58
CA LYS F 233 -27.77 19.28 17.19
C LYS F 233 -26.91 18.12 17.68
N SER F 234 -25.60 18.32 17.66
CA SER F 234 -24.66 17.25 17.98
C SER F 234 -23.83 17.72 19.16
N CYS F 235 -23.97 17.02 20.28
CA CYS F 235 -23.51 17.52 21.55
C CYS F 235 -22.57 16.54 22.23
N LEU F 236 -21.75 17.10 23.11
CA LEU F 236 -20.90 16.36 24.02
C LEU F 236 -21.07 16.97 25.41
N SER F 237 -20.67 16.23 26.42
CA SER F 237 -20.85 16.64 27.80
C SER F 237 -19.89 15.87 28.67
N VAL F 238 -19.84 16.29 29.92
CA VAL F 238 -19.07 15.64 30.97
C VAL F 238 -20.07 15.16 32.00
N ARG F 239 -20.18 13.85 32.13
CA ARG F 239 -21.05 13.16 33.07
C ARG F 239 -20.21 12.69 34.25
N TYR F 240 -20.86 12.49 35.39
CA TYR F 240 -20.24 11.89 36.56
C TYR F 240 -21.02 10.64 36.91
N ASP F 241 -20.32 9.54 37.13
CA ASP F 241 -20.96 8.30 37.54
C ASP F 241 -20.63 8.07 39.01
N THR F 242 -21.65 8.20 39.87
CA THR F 242 -21.50 8.11 41.32
C THR F 242 -21.37 6.67 41.80
N VAL F 243 -21.89 5.70 41.05
CA VAL F 243 -21.75 4.32 41.50
C VAL F 243 -20.33 3.83 41.24
N GLY F 244 -19.72 4.26 40.14
CA GLY F 244 -18.34 3.88 39.90
C GLY F 244 -17.32 4.97 40.16
N ASN F 245 -17.76 6.14 40.62
CA ASN F 245 -16.89 7.26 41.02
C ASN F 245 -15.88 7.66 39.92
N LYS F 246 -16.38 7.84 38.70
CA LYS F 246 -15.56 8.24 37.56
C LYS F 246 -16.28 9.31 36.75
N THR F 247 -15.50 10.20 36.14
CA THR F 247 -16.04 11.16 35.19
C THR F 247 -15.82 10.68 33.75
N GLU F 248 -16.76 11.02 32.88
CA GLU F 248 -16.74 10.58 31.50
C GLU F 248 -16.97 11.75 30.56
N LEU F 249 -16.06 11.94 29.61
CA LEU F 249 -16.30 12.85 28.49
C LEU F 249 -17.07 12.07 27.44
N ASP F 250 -18.38 12.34 27.36
CA ASP F 250 -19.30 11.54 26.56
C ASP F 250 -19.39 12.13 25.15
N LEU F 251 -18.84 11.42 24.16
CA LEU F 251 -18.93 11.89 22.78
C LEU F 251 -19.93 11.08 21.96
N LYS F 252 -20.71 10.19 22.59
CA LYS F 252 -21.53 9.22 21.87
C LYS F 252 -22.73 9.82 21.15
N GLN F 253 -23.09 11.07 21.43
CA GLN F 253 -24.12 11.68 20.61
C GLN F 253 -23.59 12.04 19.23
N ILE F 254 -22.25 12.05 19.06
CA ILE F 254 -21.59 12.26 17.77
C ILE F 254 -21.17 10.92 17.17
N ASP F 255 -21.31 10.80 15.85
CA ASP F 255 -21.12 9.51 15.18
C ASP F 255 -19.66 9.07 15.19
N VAL F 256 -18.72 9.96 14.86
CA VAL F 256 -17.32 9.57 14.87
C VAL F 256 -16.47 10.69 15.46
N VAL F 257 -15.57 10.31 16.35
CA VAL F 257 -14.49 11.18 16.79
C VAL F 257 -13.30 10.95 15.86
N SER F 258 -12.88 12.00 15.17
CA SER F 258 -11.81 11.90 14.20
C SER F 258 -10.61 12.70 14.70
N ALA F 259 -9.56 12.00 15.11
CA ALA F 259 -8.33 12.62 15.59
C ALA F 259 -7.22 12.45 14.55
N LYS F 260 -6.14 13.20 14.79
CA LYS F 260 -4.88 12.96 14.10
C LYS F 260 -4.06 11.99 14.94
N GLY F 261 -3.12 12.52 15.72
CA GLY F 261 -2.46 11.72 16.72
C GLY F 261 -3.38 11.45 17.89
N LEU F 262 -3.24 10.27 18.49
CA LEU F 262 -4.13 9.83 19.55
C LEU F 262 -3.30 9.10 20.59
N SER F 263 -3.43 9.52 21.85
CA SER F 263 -2.75 8.89 22.96
C SER F 263 -3.74 8.63 24.08
N PHE F 264 -3.47 7.59 24.85
CA PHE F 264 -4.31 7.19 25.96
C PHE F 264 -3.37 6.60 27.02
N GLU F 265 -3.93 6.25 28.17
CA GLU F 265 -3.16 5.71 29.29
C GLU F 265 -3.67 4.32 29.61
N SER F 266 -2.76 3.41 29.88
CA SER F 266 -3.09 2.06 30.34
C SER F 266 -2.13 1.74 31.47
N ASP F 267 -2.66 1.59 32.68
CA ASP F 267 -1.87 1.28 33.87
C ASP F 267 -0.77 2.32 34.08
N GLY F 268 -1.15 3.60 34.00
CA GLY F 268 -0.22 4.69 34.23
C GLY F 268 0.76 4.97 33.12
N LYS F 269 0.96 4.05 32.18
CA LYS F 269 1.86 4.27 31.05
C LYS F 269 1.06 4.83 29.88
N THR F 270 1.69 5.71 29.11
CA THR F 270 1.04 6.33 27.97
C THR F 270 1.37 5.56 26.69
N LYS F 271 0.35 5.29 25.88
CA LYS F 271 0.44 4.46 24.69
C LYS F 271 -0.37 5.10 23.56
N THR F 272 0.02 4.76 22.29
CA THR F 272 -0.72 5.01 21.06
C THR F 272 -1.34 3.71 20.56
N PRO F 273 -2.40 3.78 19.76
CA PRO F 273 -3.06 2.54 19.34
C PRO F 273 -2.16 1.70 18.43
N VAL F 274 -2.32 0.38 18.57
CA VAL F 274 -1.52 -0.55 17.77
C VAL F 274 -1.99 -0.51 16.33
N VAL F 275 -1.04 -0.50 15.40
CA VAL F 275 -1.32 -0.52 13.98
C VAL F 275 -0.70 -1.77 13.39
N SER F 276 -1.42 -2.42 12.48
CA SER F 276 -1.06 -3.75 12.03
C SER F 276 -0.83 -3.79 10.52
N THR F 277 0.14 -4.60 10.09
CA THR F 277 0.38 -4.82 8.67
C THR F 277 0.61 -6.32 8.45
N TYR F 278 0.25 -6.78 7.25
CA TYR F 278 0.49 -8.15 6.82
C TYR F 278 1.84 -8.19 6.09
N GLU F 279 2.78 -8.98 6.58
CA GLU F 279 4.15 -8.94 6.08
C GLU F 279 4.62 -10.33 5.67
N THR F 280 5.39 -10.37 4.57
CA THR F 280 6.11 -11.56 4.16
C THR F 280 7.49 -11.14 3.70
N PHE F 281 8.38 -12.10 3.64
CA PHE F 281 9.71 -11.88 3.11
C PHE F 281 9.73 -11.92 1.59
N GLN F 282 10.57 -11.09 1.01
CA GLN F 282 10.81 -11.13 -0.42
C GLN F 282 11.73 -12.29 -0.77
N ASP F 283 11.74 -12.63 -2.06
CA ASP F 283 12.65 -13.60 -2.62
C ASP F 283 14.09 -13.27 -2.22
N GLY F 284 14.92 -14.29 -2.00
CA GLY F 284 16.32 -14.02 -1.78
C GLY F 284 16.86 -14.14 -0.36
N GLY F 285 16.05 -14.48 0.62
CA GLY F 285 16.61 -14.67 1.95
C GLY F 285 17.19 -13.41 2.60
N ARG F 286 16.71 -12.25 2.21
CA ARG F 286 17.22 -11.02 2.80
C ARG F 286 16.35 -10.52 3.94
N ALA F 287 16.93 -9.72 4.81
CA ALA F 287 16.20 -9.17 5.95
C ALA F 287 15.04 -8.30 5.47
N LYS F 288 14.03 -8.17 6.32
CA LYS F 288 12.85 -7.39 5.98
C LYS F 288 13.00 -6.04 6.67
N THR F 289 12.78 -4.94 5.92
CA THR F 289 12.79 -3.59 6.48
C THR F 289 11.37 -3.05 6.50
N ILE F 290 10.96 -2.55 7.67
CA ILE F 290 9.67 -1.90 7.88
C ILE F 290 9.92 -0.54 8.52
N ASN F 291 9.39 0.51 7.90
CA ASN F 291 9.52 1.86 8.45
C ASN F 291 8.75 1.97 9.75
N ALA F 292 9.41 2.51 10.78
CA ALA F 292 8.81 2.77 12.08
C ALA F 292 7.95 4.02 12.06
N ILE F 293 6.83 3.96 12.78
CA ILE F 293 5.96 5.14 12.94
C ILE F 293 6.68 6.24 13.70
N GLU F 294 6.25 7.49 13.46
CA GLU F 294 6.76 8.64 14.20
C GLU F 294 6.07 8.72 15.57
N CYS F 295 6.92 8.79 16.71
CA CYS F 295 6.17 8.80 17.96
C CYS F 295 5.91 10.22 18.46
N PRO F 296 4.76 10.43 19.10
CA PRO F 296 4.49 11.73 19.75
C PRO F 296 5.56 12.06 20.76
N THR F 297 5.67 13.36 21.07
CA THR F 297 6.69 13.83 21.99
C THR F 297 6.63 12.99 23.28
N GLY F 298 7.81 12.55 23.72
CA GLY F 298 7.89 11.79 24.96
C GLY F 298 7.65 10.30 24.88
N LEU F 299 7.36 9.75 23.70
CA LEU F 299 7.20 8.31 23.55
C LEU F 299 8.22 7.74 22.56
N ASN F 300 8.44 6.43 22.68
CA ASN F 300 9.41 5.73 21.84
C ASN F 300 8.80 4.46 21.24
N ASN F 301 9.45 3.98 20.18
CA ASN F 301 8.88 2.97 19.30
C ASN F 301 8.85 1.57 19.92
N ARG F 302 7.77 0.84 19.66
CA ARG F 302 7.61 -0.57 20.00
C ARG F 302 7.16 -1.37 18.78
N PHE F 303 7.47 -2.65 18.78
CA PHE F 303 7.19 -3.54 17.64
C PHE F 303 7.00 -4.95 18.16
N ALA F 304 6.13 -5.70 17.49
CA ALA F 304 6.01 -7.13 17.71
C ALA F 304 5.52 -7.82 16.45
N ALA F 305 6.15 -8.95 16.12
CA ALA F 305 5.74 -9.77 14.99
C ALA F 305 5.14 -11.06 15.51
N VAL F 306 4.01 -11.46 14.95
CA VAL F 306 3.32 -12.67 15.38
C VAL F 306 3.05 -13.52 14.15
N VAL F 307 2.99 -14.83 14.37
CA VAL F 307 2.92 -15.82 13.30
C VAL F 307 1.50 -15.91 12.78
N SER F 308 1.34 -15.79 11.47
CA SER F 308 0.07 -15.98 10.80
C SER F 308 0.04 -17.31 10.06
N SER F 309 0.81 -17.46 8.98
CA SER F 309 0.96 -18.72 8.28
C SER F 309 2.43 -19.07 8.15
N PHE F 310 2.69 -20.38 8.05
CA PHE F 310 4.05 -20.85 7.82
C PHE F 310 4.00 -22.24 7.22
N SER F 311 5.08 -22.60 6.56
CA SER F 311 5.38 -23.98 6.19
C SER F 311 6.90 -24.10 6.13
N THR F 312 7.38 -25.32 5.89
CA THR F 312 8.80 -25.60 5.80
C THR F 312 9.32 -25.57 4.35
N ALA F 313 8.57 -24.96 3.42
CA ALA F 313 8.98 -24.88 2.02
C ALA F 313 10.13 -23.91 1.79
N GLY F 314 10.44 -23.05 2.76
CA GLY F 314 11.58 -22.14 2.64
C GLY F 314 11.41 -21.12 1.53
N GLN F 315 12.32 -21.16 0.56
CA GLN F 315 12.29 -20.29 -0.61
C GLN F 315 11.24 -20.72 -1.62
N ASN F 316 10.75 -21.95 -1.54
CA ASN F 316 9.84 -22.50 -2.55
C ASN F 316 8.38 -22.19 -2.18
N ALA F 317 8.06 -20.88 -2.09
CA ALA F 317 6.75 -20.51 -1.57
C ALA F 317 6.40 -19.06 -1.92
N ASN F 318 5.09 -18.80 -1.96
CA ASN F 318 4.57 -17.45 -2.11
C ASN F 318 3.42 -17.29 -1.12
N PHE F 319 3.64 -16.51 -0.08
CA PHE F 319 2.62 -16.32 0.95
C PHE F 319 2.05 -14.90 0.92
N SER F 320 2.25 -14.15 -0.17
CA SER F 320 1.91 -12.72 -0.15
C SER F 320 0.43 -12.48 -0.34
N SER F 321 -0.33 -13.47 -0.80
CA SER F 321 -1.78 -13.33 -0.86
C SER F 321 -2.39 -13.74 0.47
N GLU F 322 -3.34 -12.93 0.95
CA GLU F 322 -4.03 -13.21 2.21
C GLU F 322 -5.03 -14.35 2.08
N SER F 323 -5.43 -14.70 0.86
CA SER F 323 -6.51 -15.66 0.66
C SER F 323 -6.04 -17.05 0.24
N ALA F 324 -4.79 -17.22 -0.19
CA ALA F 324 -4.29 -18.53 -0.57
C ALA F 324 -2.77 -18.55 -0.46
N LYS F 325 -2.20 -19.73 -0.22
CA LYS F 325 -0.77 -19.89 -0.01
C LYS F 325 -0.21 -20.89 -1.02
N ASP F 326 0.90 -20.52 -1.66
CA ASP F 326 1.60 -21.40 -2.59
C ASP F 326 2.82 -21.92 -1.85
N SER F 327 2.91 -23.24 -1.73
CA SER F 327 3.93 -23.87 -0.89
C SER F 327 4.40 -25.13 -1.61
N GLN F 328 5.63 -25.14 -2.13
CA GLN F 328 6.04 -26.17 -3.09
C GLN F 328 7.01 -27.19 -2.50
N GLY F 329 7.12 -27.27 -1.17
CA GLY F 329 7.93 -28.28 -0.52
C GLY F 329 9.35 -27.84 -0.24
N THR F 330 10.09 -28.72 0.46
CA THR F 330 11.43 -28.40 0.94
C THR F 330 12.48 -28.82 -0.09
N THR F 331 13.51 -27.99 -0.21
CA THR F 331 14.63 -28.29 -1.07
C THR F 331 15.37 -29.52 -0.59
N GLN F 332 15.58 -30.45 -1.52
CA GLN F 332 16.32 -31.68 -1.27
C GLN F 332 17.81 -31.45 -1.51
N LYS F 333 18.63 -32.43 -1.12
CA LYS F 333 20.06 -32.25 -1.27
C LYS F 333 20.45 -32.10 -2.73
N ASP F 334 19.68 -32.68 -3.65
CA ASP F 334 19.98 -32.57 -5.07
C ASP F 334 19.38 -31.33 -5.72
N GLY F 335 18.88 -30.36 -4.92
CA GLY F 335 18.33 -29.14 -5.45
C GLY F 335 16.85 -29.19 -5.82
N SER F 336 16.24 -30.37 -5.88
CA SER F 336 14.85 -30.46 -6.26
C SER F 336 13.93 -29.99 -5.12
N LYS F 337 12.65 -29.87 -5.43
CA LYS F 337 11.64 -29.59 -4.42
C LYS F 337 10.98 -30.91 -4.04
N GLY F 338 11.12 -31.28 -2.76
CA GLY F 338 10.55 -32.51 -2.28
C GLY F 338 9.39 -32.25 -1.36
N PRO F 339 9.03 -33.25 -0.57
CA PRO F 339 7.96 -33.06 0.40
C PRO F 339 8.37 -32.05 1.46
N HIS F 340 7.40 -31.64 2.26
CA HIS F 340 7.65 -30.64 3.29
C HIS F 340 8.34 -31.30 4.47
N ALA F 341 9.52 -30.79 4.83
CA ALA F 341 10.19 -31.31 6.00
C ALA F 341 9.36 -30.99 7.26
N LEU F 342 9.63 -31.72 8.34
CA LEU F 342 8.93 -31.45 9.59
C LEU F 342 9.61 -30.34 10.37
N LEU F 343 8.84 -29.71 11.25
CA LEU F 343 9.22 -28.44 11.84
C LEU F 343 9.63 -28.62 13.29
N SER F 344 10.59 -27.78 13.72
CA SER F 344 11.04 -27.74 15.09
C SER F 344 11.03 -26.35 15.71
N GLY F 345 10.97 -25.29 14.93
CA GLY F 345 10.97 -23.96 15.51
C GLY F 345 10.75 -22.88 14.49
N ILE F 346 10.31 -21.73 15.00
CA ILE F 346 10.18 -20.48 14.25
C ILE F 346 10.70 -19.36 15.14
N SER F 347 11.66 -18.59 14.64
CA SER F 347 12.13 -17.41 15.35
C SER F 347 11.80 -16.17 14.52
N LEU F 348 11.26 -15.15 15.18
CA LEU F 348 11.07 -13.84 14.57
C LEU F 348 11.87 -12.86 15.40
N ASN F 349 12.75 -12.11 14.74
CA ASN F 349 13.63 -11.18 15.44
C ASN F 349 13.50 -9.80 14.82
N TRP F 350 13.65 -8.77 15.65
CA TRP F 350 13.55 -7.41 15.16
C TRP F 350 14.42 -6.46 15.98
N THR F 351 15.06 -5.54 15.29
CA THR F 351 15.94 -4.57 15.90
C THR F 351 15.74 -3.22 15.24
N LEU F 352 15.60 -2.16 16.02
CA LEU F 352 15.41 -0.85 15.44
C LEU F 352 16.69 -0.12 15.29
N THR F 353 16.91 0.37 14.08
CA THR F 353 18.08 1.14 13.76
C THR F 353 17.62 2.31 12.92
N ASN F 354 18.19 3.47 13.16
CA ASN F 354 17.81 4.71 12.51
C ASN F 354 16.33 4.84 12.73
N LYS F 355 15.53 4.72 11.69
CA LYS F 355 14.10 4.78 11.88
C LYS F 355 13.43 3.66 11.12
N VAL F 356 14.10 2.52 11.10
CA VAL F 356 13.66 1.36 10.37
C VAL F 356 13.77 0.10 11.20
N TRP F 357 12.77 -0.75 11.19
CA TRP F 357 12.84 -1.99 11.93
C TRP F 357 13.35 -3.07 11.02
N ASP F 358 14.48 -3.65 11.37
CA ASP F 358 15.04 -4.79 10.67
C ASP F 358 14.47 -6.06 11.28
N VAL F 359 13.72 -6.82 10.48
CA VAL F 359 13.11 -8.06 10.92
C VAL F 359 13.83 -9.19 10.21
N THR F 360 14.28 -10.19 10.97
CA THR F 360 14.86 -11.41 10.43
C THR F 360 14.06 -12.58 10.99
N ALA F 361 14.03 -13.70 10.26
CA ALA F 361 13.27 -14.85 10.71
C ALA F 361 14.04 -16.12 10.38
N SER F 362 13.70 -17.18 11.10
CA SER F 362 14.25 -18.50 10.85
C SER F 362 13.20 -19.56 11.11
N ILE F 363 13.12 -20.54 10.23
CA ILE F 363 12.33 -21.73 10.47
C ILE F 363 13.32 -22.87 10.65
N GLY F 364 13.25 -23.54 11.79
CA GLY F 364 14.07 -24.71 12.04
C GLY F 364 13.30 -25.95 11.63
N ILE F 365 13.95 -26.80 10.84
CA ILE F 365 13.34 -28.01 10.30
C ILE F 365 14.28 -29.17 10.57
N GLU F 366 13.82 -30.37 10.28
CA GLU F 366 14.64 -31.55 10.50
C GLU F 366 15.93 -31.50 9.67
N SER F 367 17.03 -32.00 10.24
CA SER F 367 18.30 -32.02 9.53
C SER F 367 18.34 -33.18 8.53
N GLY F 368 19.42 -33.22 7.76
CA GLY F 368 19.61 -34.28 6.78
C GLY F 368 18.75 -34.17 5.54
N ILE F 369 18.26 -32.97 5.24
CA ILE F 369 17.39 -32.76 4.07
C ILE F 369 17.95 -31.65 3.20
N LEU F 370 18.33 -30.53 3.83
CA LEU F 370 18.77 -29.35 3.08
C LEU F 370 20.21 -29.48 2.57
N PRO F 371 20.56 -28.72 1.54
CA PRO F 371 21.97 -28.61 1.15
C PRO F 371 22.83 -28.13 2.31
N THR F 372 24.14 -28.21 2.10
CA THR F 372 25.06 -27.78 3.16
C THR F 372 25.17 -26.26 3.25
N SER F 373 24.99 -25.55 2.16
CA SER F 373 25.06 -24.09 2.17
C SER F 373 23.90 -23.52 1.36
N GLY F 374 23.71 -22.22 1.48
CA GLY F 374 22.65 -21.52 0.79
C GLY F 374 21.65 -20.93 1.76
N ILE F 375 20.62 -20.29 1.19
CA ILE F 375 19.58 -19.70 2.01
C ILE F 375 18.86 -20.76 2.82
N ASP F 376 18.49 -21.87 2.19
CA ASP F 376 17.96 -23.03 2.90
C ASP F 376 19.11 -24.02 3.03
N SER F 377 19.68 -24.11 4.23
CA SER F 377 20.84 -24.97 4.45
C SER F 377 20.87 -25.43 5.91
N GLY F 378 21.59 -26.54 6.11
CA GLY F 378 21.67 -27.19 7.40
C GLY F 378 20.32 -27.74 7.80
N SER F 379 19.75 -27.17 8.86
CA SER F 379 18.38 -27.46 9.28
C SER F 379 17.58 -26.17 9.45
N LEU F 380 17.99 -25.08 8.80
CA LEU F 380 17.39 -23.76 8.97
C LEU F 380 16.93 -23.21 7.63
N LEU F 381 15.73 -22.62 7.63
CA LEU F 381 15.24 -21.83 6.51
C LEU F 381 15.37 -20.36 6.89
N ARG F 382 16.30 -19.67 6.25
CA ARG F 382 16.66 -18.31 6.66
C ARG F 382 15.79 -17.30 5.92
N ASN F 383 15.17 -16.39 6.69
CA ASN F 383 14.21 -15.40 6.24
C ASN F 383 13.25 -15.95 5.17
N PRO F 384 12.48 -17.00 5.53
CA PRO F 384 11.76 -17.78 4.51
C PRO F 384 10.61 -17.03 3.89
N LYS F 385 10.33 -17.39 2.65
CA LYS F 385 9.09 -16.95 2.01
C LYS F 385 7.88 -17.71 2.51
N SER F 386 8.08 -18.92 3.04
CA SER F 386 6.97 -19.77 3.50
C SER F 386 6.56 -19.35 4.91
N LEU F 387 6.23 -18.06 5.02
CA LEU F 387 5.95 -17.44 6.29
C LEU F 387 5.21 -16.14 6.03
N SER F 388 4.12 -15.91 6.75
CA SER F 388 3.46 -14.62 6.77
C SER F 388 3.30 -14.22 8.22
N PHE F 389 3.71 -13.00 8.54
CA PHE F 389 3.54 -12.54 9.90
C PHE F 389 2.82 -11.20 9.93
N ILE F 390 2.16 -10.94 11.05
CA ILE F 390 1.53 -9.66 11.29
C ILE F 390 2.48 -8.82 12.13
N ALA F 391 2.71 -7.58 11.71
CA ALA F 391 3.55 -6.62 12.42
C ALA F 391 2.67 -5.63 13.18
N PHE F 392 2.92 -5.47 14.48
CA PHE F 392 2.23 -4.49 15.31
C PHE F 392 3.23 -3.41 15.73
N GLN F 393 2.83 -2.17 15.57
CA GLN F 393 3.59 -1.04 16.07
C GLN F 393 2.69 -0.19 16.95
N TRP F 394 3.29 0.43 17.96
CA TRP F 394 2.65 1.40 18.84
C TRP F 394 3.77 2.17 19.53
N CYS F 395 3.40 3.22 20.27
CA CYS F 395 4.38 4.01 21.02
C CYS F 395 4.03 3.99 22.50
N GLU F 396 5.07 4.06 23.33
CA GLU F 396 4.89 4.05 24.78
C GLU F 396 6.06 4.78 25.44
N ASN F 397 5.86 5.12 26.71
CA ASN F 397 6.92 5.75 27.52
C ASN F 397 7.43 4.82 28.60
N PHE G 1 2.94 26.68 -10.55
CA PHE G 1 2.74 28.13 -10.70
C PHE G 1 3.48 28.85 -9.57
N ASN G 2 4.16 29.93 -9.94
CA ASN G 2 4.82 30.79 -8.97
C ASN G 2 3.80 31.73 -8.31
N ASP G 3 4.24 32.45 -7.27
CA ASP G 3 3.26 33.21 -6.50
C ASP G 3 2.75 34.48 -7.20
N ASN G 4 3.27 34.80 -8.39
CA ASN G 4 2.76 35.87 -9.23
C ASN G 4 1.49 35.51 -9.98
N TYR G 5 1.08 34.24 -9.94
CA TYR G 5 -0.12 33.82 -10.62
C TYR G 5 -1.35 34.50 -10.01
N SER G 6 -2.22 35.03 -10.87
CA SER G 6 -3.46 35.66 -10.43
C SER G 6 -4.51 35.44 -11.51
N SER G 7 -5.77 35.58 -11.12
CA SER G 7 -6.87 35.34 -12.05
C SER G 7 -7.90 36.45 -11.92
N THR G 8 -8.82 36.49 -12.88
CA THR G 8 -10.01 37.32 -12.79
C THR G 8 -10.92 36.82 -11.67
N SER G 9 -12.00 37.56 -11.41
CA SER G 9 -12.81 37.25 -10.24
C SER G 9 -14.28 37.59 -10.50
N THR G 10 -15.15 37.06 -9.63
CA THR G 10 -16.58 37.36 -9.68
C THR G 10 -17.01 38.40 -8.65
N VAL G 11 -16.07 38.96 -7.89
CA VAL G 11 -16.44 39.92 -6.85
C VAL G 11 -16.15 41.33 -7.33
N PHE H 1 -12.60 21.71 -29.49
CA PHE H 1 -13.92 22.35 -29.66
C PHE H 1 -13.94 23.16 -30.93
N ASN H 2 -15.05 23.13 -31.66
CA ASN H 2 -15.15 24.00 -32.83
C ASN H 2 -15.41 25.44 -32.39
N ASP H 3 -15.38 26.36 -33.35
CA ASP H 3 -15.42 27.79 -33.06
C ASP H 3 -16.79 28.34 -32.66
N ASN H 4 -17.84 27.52 -32.56
CA ASN H 4 -19.10 27.97 -31.98
C ASN H 4 -19.06 27.99 -30.45
N TYR H 5 -18.02 27.39 -29.85
CA TYR H 5 -17.92 27.29 -28.40
C TYR H 5 -17.86 28.68 -27.78
N SER H 6 -18.67 28.91 -26.73
CA SER H 6 -18.66 30.17 -26.00
C SER H 6 -18.99 29.94 -24.53
N SER H 7 -18.60 30.91 -23.69
CA SER H 7 -18.79 30.78 -22.25
C SER H 7 -19.46 32.02 -21.68
N THR H 8 -19.85 31.90 -20.41
CA THR H 8 -20.25 32.98 -19.55
C THR H 8 -19.04 33.87 -19.25
N SER H 9 -19.28 35.00 -18.56
CA SER H 9 -18.18 35.94 -18.37
C SER H 9 -18.27 36.70 -17.05
N THR H 10 -17.12 37.23 -16.63
CA THR H 10 -17.07 38.13 -15.48
C THR H 10 -16.93 39.58 -15.94
N VAL H 11 -17.39 39.90 -17.14
CA VAL H 11 -17.30 41.27 -17.66
C VAL H 11 -18.67 41.92 -17.59
N PHE I 1 -18.93 14.28 -6.32
CA PHE I 1 -19.34 15.31 -5.36
C PHE I 1 -20.76 15.05 -4.85
N ASN I 2 -21.01 15.26 -3.56
CA ASN I 2 -22.39 15.16 -3.09
C ASN I 2 -23.19 16.40 -3.47
N ASP I 3 -24.51 16.33 -3.23
CA ASP I 3 -25.43 17.38 -3.66
C ASP I 3 -25.34 18.64 -2.80
N ASN I 4 -24.52 18.68 -1.77
CA ASN I 4 -24.26 19.93 -1.06
C ASN I 4 -23.30 20.84 -1.80
N TYR I 5 -22.62 20.35 -2.85
CA TYR I 5 -21.60 21.11 -3.55
C TYR I 5 -22.18 22.33 -4.26
N SER I 6 -21.55 23.48 -4.06
CA SER I 6 -21.98 24.70 -4.74
C SER I 6 -20.76 25.58 -4.99
N SER I 7 -20.89 26.50 -5.95
CA SER I 7 -19.79 27.36 -6.36
C SER I 7 -20.21 28.84 -6.39
N THR I 8 -19.23 29.74 -6.57
CA THR I 8 -19.49 31.15 -6.84
C THR I 8 -20.14 31.29 -8.21
N SER I 9 -20.49 32.51 -8.61
CA SER I 9 -21.26 32.69 -9.84
C SER I 9 -20.91 34.03 -10.50
N THR I 10 -21.23 34.13 -11.79
CA THR I 10 -21.09 35.38 -12.54
C THR I 10 -22.42 36.11 -12.73
N VAL I 11 -23.42 35.79 -11.91
CA VAL I 11 -24.75 36.37 -12.09
C VAL I 11 -25.04 37.48 -11.10
N PHE J 1 17.41 -17.74 14.96
CA PHE J 1 18.30 -18.84 15.31
C PHE J 1 19.67 -18.66 14.67
N ASN J 2 20.72 -19.00 15.42
CA ASN J 2 22.07 -18.97 14.87
C ASN J 2 22.30 -20.19 13.99
N ASP J 3 23.42 -20.19 13.26
CA ASP J 3 23.67 -21.28 12.33
C ASP J 3 24.10 -22.57 13.02
N ASN J 4 24.26 -22.55 14.35
CA ASN J 4 24.46 -23.78 15.13
C ASN J 4 23.15 -24.54 15.36
N TYR J 5 22.02 -23.97 14.97
CA TYR J 5 20.74 -24.62 15.19
C TYR J 5 20.67 -25.94 14.43
N SER J 6 20.24 -27.00 15.11
CA SER J 6 20.08 -28.33 14.53
C SER J 6 18.89 -29.06 15.15
N SER J 7 18.37 -30.04 14.41
CA SER J 7 17.20 -30.80 14.83
C SER J 7 17.42 -32.30 14.61
N THR J 8 16.54 -33.10 15.20
CA THR J 8 16.50 -34.53 14.87
C THR J 8 15.98 -34.70 13.44
N SER J 9 16.02 -35.94 12.95
CA SER J 9 15.76 -36.20 11.55
C SER J 9 15.06 -37.53 11.31
N THR J 10 14.49 -37.66 10.12
CA THR J 10 13.90 -38.90 9.62
C THR J 10 14.87 -39.54 8.62
N VAL J 11 15.87 -40.26 9.16
CA VAL J 11 16.88 -40.94 8.34
C VAL J 11 16.54 -42.43 8.26
N PHE K 1 -1.65 -28.10 27.39
CA PHE K 1 -1.87 -29.54 27.24
C PHE K 1 -1.75 -30.30 28.55
N ASN K 2 -2.67 -31.24 28.74
CA ASN K 2 -2.63 -32.11 29.90
C ASN K 2 -1.59 -33.21 29.71
N ASP K 3 -1.30 -33.92 30.79
CA ASP K 3 -0.21 -34.90 30.81
C ASP K 3 -0.55 -36.18 30.09
N ASN K 4 -1.76 -36.29 29.53
CA ASN K 4 -2.13 -37.39 28.65
C ASN K 4 -1.57 -37.23 27.23
N TYR K 5 -1.02 -36.05 26.91
CA TYR K 5 -0.55 -35.77 25.55
C TYR K 5 0.70 -36.57 25.18
N SER K 6 0.67 -37.21 24.01
CA SER K 6 1.85 -37.91 23.51
C SER K 6 1.83 -37.87 21.97
N SER K 7 3.03 -38.01 21.38
CA SER K 7 3.21 -37.86 19.93
C SER K 7 3.97 -39.05 19.36
N THR K 8 3.98 -39.14 18.03
CA THR K 8 4.84 -40.05 17.30
C THR K 8 6.30 -39.61 17.45
N SER K 9 7.22 -40.44 16.94
CA SER K 9 8.65 -40.26 17.16
C SER K 9 9.42 -40.68 15.93
N THR K 10 10.71 -40.32 15.92
CA THR K 10 11.66 -40.73 14.89
C THR K 10 12.59 -41.86 15.34
N VAL K 11 12.09 -42.77 16.19
CA VAL K 11 12.92 -43.87 16.68
C VAL K 11 12.58 -45.16 15.93
N PHE L 1 -3.73 -24.77 2.35
CA PHE L 1 -2.90 -25.54 1.43
C PHE L 1 -3.74 -26.33 0.44
N ASN L 2 -3.26 -26.43 -0.79
CA ASN L 2 -3.94 -27.26 -1.77
C ASN L 2 -3.74 -28.74 -1.46
N ASP L 3 -4.50 -29.59 -2.15
CA ASP L 3 -4.46 -31.02 -1.87
C ASP L 3 -3.23 -31.72 -2.44
N ASN L 4 -2.34 -31.00 -3.13
CA ASN L 4 -1.05 -31.58 -3.50
C ASN L 4 -0.07 -31.61 -2.34
N TYR L 5 -0.42 -30.95 -1.23
CA TYR L 5 0.49 -30.81 -0.10
C TYR L 5 0.84 -32.17 0.50
N SER L 6 2.12 -32.37 0.78
CA SER L 6 2.57 -33.58 1.47
C SER L 6 3.80 -33.27 2.30
N SER L 7 4.11 -34.17 3.22
CA SER L 7 5.26 -34.00 4.10
C SER L 7 6.06 -35.30 4.16
N THR L 8 7.25 -35.21 4.75
CA THR L 8 8.01 -36.38 5.13
C THR L 8 7.26 -37.16 6.22
N SER L 9 7.78 -38.33 6.58
CA SER L 9 7.05 -39.21 7.49
C SER L 9 8.05 -39.94 8.37
N THR L 10 7.52 -40.58 9.42
CA THR L 10 8.29 -41.42 10.34
C THR L 10 8.10 -42.92 10.06
N VAL L 11 7.92 -43.29 8.79
CA VAL L 11 7.70 -44.67 8.38
C VAL L 11 8.98 -45.29 7.80
CA CA M . -1.12 -2.92 -38.59
CL CL N . -13.66 19.32 -31.50
CA CA O . 15.44 -44.04 -15.76
CA CA P . 63.40 -52.81 -30.43
CA CA Q . -14.69 -5.93 -22.46
OH2 1PE R . 65.78 -51.18 -19.85
C12 1PE R . 64.56 -51.91 -19.96
C22 1PE R . 64.47 -52.78 -21.23
OH3 1PE R . 64.70 -52.00 -22.37
C13 1PE R . 64.63 -51.46 -24.64
C23 1PE R . 64.18 -52.47 -23.57
OH4 1PE R . 65.68 -51.97 -25.43
C14 1PE R . 68.06 -51.96 -25.64
C24 1PE R . 66.86 -52.27 -24.75
OH5 1PE R . 68.48 -53.16 -26.26
C15 1PE R . 69.61 -55.07 -25.35
C25 1PE R . 69.73 -53.64 -25.87
OH6 1PE R . 70.52 -55.91 -26.00
C16 1PE R . 70.48 -56.12 -28.38
C26 1PE R . 69.90 -56.59 -27.05
OH7 1PE R . 70.15 -57.08 -29.36
CA CA S . 45.95 -37.73 -31.66
CA CA T . 16.64 10.87 -25.23
CA CA U . -31.37 29.46 29.02
CL CL V . 18.91 -15.61 16.58
CA CA W . -26.63 38.78 12.59
CA CA X . -10.72 76.83 42.70
CA CA Y . -34.09 61.28 15.29
CL CL Z . -5.15 -27.88 27.85
CA CA AA . -10.85 53.90 39.73
CL CL BA . 5.43 26.37 -11.30
CL CL CA . -18.25 12.34 -4.44
CL CL DA . -3.81 -22.47 0.48
#